data_7SHZ
#
_entry.id   7SHZ
#
_cell.length_a   93.340
_cell.length_b   187.340
_cell.length_c   148.834
_cell.angle_alpha   90.000
_cell.angle_beta   103.131
_cell.angle_gamma   90.000
#
_symmetry.space_group_name_H-M   'I 1 2 1'
#
loop_
_entity.id
_entity.type
_entity.pdbx_description
1 polymer 'IgE Fc'
2 polymer 'HAE Variable fragment Heavy chain'
3 polymer 'HAE Variable fragment Light chain'
4 branched alpha-D-mannopyranose-(1-2)-[alpha-D-mannopyranose-(1-6)]alpha-D-mannopyranose-(1-3)-[alpha-D-mannopyranose-(1-6)]beta-D-mannopyranose-(1-4)-2-acetamido-2-deoxy-beta-D-glucopyranose-(1-4)-2-acetamido-2-deoxy-beta-D-glucopyranose
5 branched alpha-D-mannopyranose-(1-6)-beta-D-mannopyranose-(1-4)-2-acetamido-2-deoxy-beta-D-glucopyranose-(1-4)-2-acetamido-2-deoxy-beta-D-glucopyranose
6 branched alpha-D-mannopyranose-(1-3)-alpha-D-mannopyranose-(1-6)-[alpha-D-mannopyranose-(1-3)]beta-D-mannopyranose-(1-4)-2-acetamido-2-deoxy-beta-D-glucopyranose-(1-4)-2-acetamido-2-deoxy-beta-D-glucopyranose
7 non-polymer 2-acetamido-2-deoxy-beta-D-glucopyranose
8 non-polymer 'PHOSPHATE ION'
9 non-polymer 'ACETATE ION'
10 non-polymer 1,2-ETHANEDIOL
11 non-polymer alpha-D-mannopyranose
12 non-polymer GLYCEROL
13 water water
#
loop_
_entity_poly.entity_id
_entity_poly.type
_entity_poly.pdbx_seq_one_letter_code
_entity_poly.pdbx_strand_id
1 'polypeptide(L)'
;APMAEGGGQNHHHHHHHHGGENLYFQGGSCADSNPRGVSAYLSRPSPFDLFIRKSPTITCLVVDLAPSKGTVNLTWSRAS
GKPVNHSTRKEEKQRNGTLTVTSTLPVGTRDWIEGETYQCRVTHPHLPRALMRSTTKTSGPRAAPEVYAFATPEWPGSRD
KRTLACLIQNFMPEDISVQWLHNEVQLPDARHSTTQPRKTKGSGFFVFSRLEVTRAEWEQKDEFICRAVHEAASPSQTVQ
RAVSVNP
;
B,A,H,G
2 'polypeptide(L)'
;SEVQLVESGGGLVQPGGSLRLSCAVSGYSITSGYSWNWIRQAPGKGLEWVASIKYSGETKYNPSVKGRITISRDDSKNTF
YLQMNSLRAEDTAVYYCARGSHYFGHWHFAVWGQGTLVTVSSG
;
K,C,I,E
3 'polypeptide(L)'
;GGSDIQLTQSPSSLSASVGDRVTITCRASKPVDGEGDSYLNWYQQKPGKAPKLLIYAASYLESGVPSRFSGSGSGTDFTL
TISSLQPEDFATYYCQQSHEDPYTFGQGTKVEIKGGSENLYFQGGSGHHHHHHHH
;
L,D,J,F
#
# COMPACT_ATOMS: atom_id res chain seq x y z
N VAL A 38 14.81 -1.75 5.36
CA VAL A 38 14.13 -2.80 4.58
C VAL A 38 14.08 -4.15 5.31
N SER A 39 12.91 -4.78 5.29
CA SER A 39 12.68 -6.04 5.98
C SER A 39 12.07 -7.03 5.02
N ALA A 40 12.42 -8.31 5.17
CA ALA A 40 11.94 -9.36 4.29
C ALA A 40 11.49 -10.55 5.10
N TYR A 41 10.31 -11.08 4.78
CA TYR A 41 9.74 -12.22 5.49
C TYR A 41 9.34 -13.28 4.50
N LEU A 42 9.67 -14.54 4.81
CA LEU A 42 9.31 -15.69 4.00
C LEU A 42 8.50 -16.63 4.86
N SER A 43 7.25 -16.88 4.45
CA SER A 43 6.29 -17.64 5.22
C SER A 43 6.24 -19.08 4.73
N ARG A 44 5.82 -19.97 5.62
CA ARG A 44 5.59 -21.36 5.29
C ARG A 44 4.18 -21.51 4.69
N PRO A 45 3.91 -22.65 4.06
CA PRO A 45 2.56 -22.89 3.54
C PRO A 45 1.52 -22.90 4.66
N SER A 46 0.35 -22.35 4.37
CA SER A 46 -0.73 -22.44 5.35
C SER A 46 -1.15 -23.89 5.49
N PRO A 47 -1.47 -24.34 6.71
CA PRO A 47 -1.92 -25.73 6.87
C PRO A 47 -3.12 -26.05 6.01
N PHE A 48 -3.98 -25.07 5.74
CA PHE A 48 -5.14 -25.31 4.89
C PHE A 48 -4.72 -25.65 3.47
N ASP A 49 -3.89 -24.79 2.84
CA ASP A 49 -3.44 -25.03 1.47
C ASP A 49 -2.67 -26.35 1.35
N LEU A 50 -1.99 -26.74 2.41
CA LEU A 50 -1.12 -27.92 2.41
C LEU A 50 -1.90 -29.21 2.54
N PHE A 51 -2.89 -29.25 3.44
CA PHE A 51 -3.58 -30.48 3.78
C PHE A 51 -4.98 -30.60 3.18
N ILE A 52 -5.68 -29.50 2.99
CA ILE A 52 -7.03 -29.51 2.41
C ILE A 52 -6.98 -29.29 0.90
N ARG A 53 -6.55 -28.10 0.48
CA ARG A 53 -6.42 -27.81 -0.95
C ARG A 53 -5.29 -28.59 -1.61
N LYS A 54 -4.22 -28.89 -0.89
CA LYS A 54 -3.10 -29.62 -1.47
C LYS A 54 -2.49 -28.84 -2.63
N SER A 55 -2.46 -27.52 -2.49
CA SER A 55 -1.79 -26.60 -3.42
C SER A 55 -1.02 -25.59 -2.57
N PRO A 56 0.04 -26.04 -1.91
CA PRO A 56 0.78 -25.13 -1.03
C PRO A 56 1.56 -24.08 -1.79
N THR A 57 1.64 -22.91 -1.19
CA THR A 57 2.42 -21.81 -1.71
C THR A 57 3.12 -21.16 -0.53
N ILE A 58 4.27 -20.56 -0.80
CA ILE A 58 4.99 -19.78 0.21
C ILE A 58 5.17 -18.37 -0.34
N THR A 59 5.16 -17.39 0.55
CA THR A 59 5.18 -15.99 0.16
C THR A 59 6.38 -15.29 0.77
N CYS A 60 7.10 -14.55 -0.08
CA CYS A 60 8.25 -13.76 0.31
C CYS A 60 7.86 -12.29 0.27
N LEU A 61 7.81 -11.66 1.44
CA LEU A 61 7.26 -10.31 1.62
C LEU A 61 8.36 -9.29 1.94
N VAL A 62 8.39 -8.18 1.19
CA VAL A 62 9.35 -7.09 1.38
C VAL A 62 8.59 -5.81 1.67
N VAL A 63 9.01 -5.08 2.70
CA VAL A 63 8.31 -3.90 3.18
C VAL A 63 9.28 -2.76 3.44
N ASP A 64 8.70 -1.57 3.58
CA ASP A 64 9.37 -0.33 3.99
C ASP A 64 10.36 0.15 2.95
N LEU A 65 10.20 -0.28 1.71
CA LEU A 65 11.08 0.15 0.64
C LEU A 65 10.53 1.43 0.05
N ALA A 66 11.43 2.38 -0.18
CA ALA A 66 10.99 3.70 -0.58
C ALA A 66 10.29 3.65 -1.92
N PRO A 67 9.17 4.36 -2.08
CA PRO A 67 8.49 4.40 -3.38
C PRO A 67 9.37 4.92 -4.49
N SER A 68 10.24 5.90 -4.20
CA SER A 68 11.15 6.41 -5.21
C SER A 68 12.06 5.31 -5.75
N LYS A 69 12.38 4.32 -4.92
CA LYS A 69 13.29 3.26 -5.33
C LYS A 69 12.79 2.51 -6.57
N GLY A 70 13.72 2.12 -7.42
CA GLY A 70 13.40 1.27 -8.54
C GLY A 70 12.89 -0.08 -8.06
N THR A 71 12.19 -0.81 -8.93
CA THR A 71 11.63 -2.08 -8.51
C THR A 71 12.74 -3.01 -8.03
N VAL A 72 12.43 -3.78 -6.99
CA VAL A 72 13.37 -4.75 -6.44
C VAL A 72 13.23 -6.04 -7.22
N ASN A 73 14.36 -6.64 -7.57
CA ASN A 73 14.32 -7.92 -8.26
C ASN A 73 14.29 -9.01 -7.20
N LEU A 74 13.32 -9.90 -7.33
CA LEU A 74 13.08 -10.95 -6.34
C LEU A 74 13.13 -12.31 -7.02
N THR A 75 14.00 -13.20 -6.55
CA THR A 75 14.21 -14.49 -7.20
C THR A 75 14.19 -15.62 -6.19
N TRP A 76 13.97 -16.84 -6.69
CA TRP A 76 13.83 -18.03 -5.88
C TRP A 76 14.90 -19.06 -6.22
N SER A 77 15.16 -19.96 -5.28
CA SER A 77 16.12 -21.04 -5.46
C SER A 77 15.72 -22.22 -4.56
N ARG A 78 15.93 -23.44 -5.05
CA ARG A 78 15.67 -24.63 -4.27
C ARG A 78 17.00 -25.32 -3.97
N ALA A 79 17.14 -25.84 -2.76
CA ALA A 79 18.37 -26.51 -2.42
C ALA A 79 18.61 -27.72 -3.32
N SER A 80 17.53 -28.36 -3.77
CA SER A 80 17.62 -29.56 -4.59
C SER A 80 18.08 -29.25 -6.01
N GLY A 81 17.93 -28.01 -6.45
CA GLY A 81 18.22 -27.65 -7.82
C GLY A 81 17.02 -27.79 -8.73
N LYS A 82 15.93 -28.37 -8.24
CA LYS A 82 14.73 -28.53 -9.04
C LYS A 82 14.16 -27.15 -9.40
N PRO A 83 13.47 -27.03 -10.52
CA PRO A 83 13.00 -25.70 -10.94
C PRO A 83 11.98 -25.13 -9.99
N VAL A 84 11.91 -23.81 -9.99
CA VAL A 84 10.86 -23.05 -9.34
C VAL A 84 10.17 -22.27 -10.44
N ASN A 85 8.85 -22.27 -10.46
CA ASN A 85 8.20 -21.50 -11.52
C ASN A 85 6.78 -21.18 -11.09
N HIS A 86 6.18 -20.22 -11.78
CA HIS A 86 4.84 -19.75 -11.54
C HIS A 86 4.78 -18.82 -10.34
N SER A 87 5.93 -18.38 -9.82
CA SER A 87 5.90 -17.36 -8.78
C SER A 87 5.16 -16.13 -9.30
N THR A 88 4.29 -15.58 -8.47
CA THR A 88 3.53 -14.40 -8.81
C THR A 88 4.05 -13.21 -8.01
N ARG A 89 4.20 -12.08 -8.67
CA ARG A 89 4.68 -10.87 -8.03
C ARG A 89 3.59 -9.81 -7.97
N LYS A 90 3.37 -9.27 -6.76
CA LYS A 90 2.34 -8.29 -6.48
C LYS A 90 2.99 -7.07 -5.82
N GLU A 91 2.86 -5.91 -6.46
CA GLU A 91 3.23 -4.64 -5.86
C GLU A 91 2.00 -3.91 -5.34
N GLU A 92 2.16 -3.20 -4.23
CA GLU A 92 1.07 -2.42 -3.66
C GLU A 92 1.61 -1.22 -2.90
N LYS A 93 1.12 -0.03 -3.25
CA LYS A 93 1.38 1.17 -2.48
C LYS A 93 0.75 1.03 -1.09
N GLN A 94 1.22 1.86 -0.15
CA GLN A 94 0.73 1.81 1.21
C GLN A 94 0.41 3.21 1.70
N ARG A 95 -0.52 3.29 2.67
CA ARG A 95 -0.85 4.59 3.28
C ARG A 95 0.33 5.13 4.06
N ASN A 96 1.07 4.24 4.73
CA ASN A 96 2.22 4.68 5.52
C ASN A 96 3.21 5.44 4.65
N GLY A 97 3.23 5.16 3.35
CA GLY A 97 4.21 5.71 2.45
C GLY A 97 5.26 4.74 1.95
N THR A 98 5.16 3.46 2.32
CA THR A 98 6.15 2.46 1.94
C THR A 98 5.54 1.50 0.93
N LEU A 99 6.29 1.21 -0.13
CA LEU A 99 5.85 0.26 -1.15
C LEU A 99 6.10 -1.17 -0.67
N THR A 100 5.13 -2.05 -0.91
CA THR A 100 5.21 -3.45 -0.51
C THR A 100 5.21 -4.37 -1.72
N VAL A 101 6.20 -5.25 -1.78
CA VAL A 101 6.37 -6.21 -2.86
C VAL A 101 6.31 -7.61 -2.28
N THR A 102 5.47 -8.47 -2.88
CA THR A 102 5.33 -9.84 -2.43
C THR A 102 5.45 -10.77 -3.64
N SER A 103 6.01 -11.96 -3.38
CA SER A 103 6.14 -12.97 -4.42
C SER A 103 5.69 -14.31 -3.84
N THR A 104 4.68 -14.94 -4.45
CA THR A 104 4.20 -16.24 -4.01
C THR A 104 4.62 -17.33 -5.00
N LEU A 105 5.18 -18.41 -4.47
CA LEU A 105 5.69 -19.53 -5.25
C LEU A 105 4.98 -20.81 -4.83
N PRO A 106 4.23 -21.47 -5.71
CA PRO A 106 3.65 -22.76 -5.33
C PRO A 106 4.75 -23.79 -5.17
N VAL A 107 4.54 -24.67 -4.22
CA VAL A 107 5.49 -25.71 -3.85
C VAL A 107 4.73 -27.03 -3.83
N GLY A 108 5.44 -28.12 -4.09
CA GLY A 108 4.80 -29.42 -4.01
C GLY A 108 4.51 -29.76 -2.56
N THR A 109 3.34 -30.35 -2.30
CA THR A 109 3.09 -30.79 -0.93
C THR A 109 4.10 -31.86 -0.53
N ARG A 110 4.32 -32.85 -1.41
CA ARG A 110 5.30 -33.87 -1.03
C ARG A 110 6.70 -33.28 -0.96
N ASP A 111 7.07 -32.41 -1.90
CA ASP A 111 8.38 -31.78 -1.81
C ASP A 111 8.54 -31.05 -0.48
N TRP A 112 7.51 -30.29 -0.10
CA TRP A 112 7.61 -29.55 1.16
C TRP A 112 7.76 -30.48 2.35
N ILE A 113 6.85 -31.45 2.47
CA ILE A 113 6.89 -32.40 3.58
C ILE A 113 8.18 -33.21 3.54
N GLU A 114 8.75 -33.40 2.36
CA GLU A 114 9.95 -34.20 2.24
C GLU A 114 11.17 -33.49 2.79
N GLY A 115 11.11 -32.19 2.98
CA GLY A 115 12.21 -31.44 3.53
C GLY A 115 12.91 -30.50 2.61
N GLU A 116 12.28 -30.08 1.52
CA GLU A 116 12.95 -29.20 0.59
C GLU A 116 13.22 -27.88 1.29
N THR A 117 14.29 -27.22 0.89
CA THR A 117 14.63 -25.90 1.38
C THR A 117 14.42 -24.91 0.24
N TYR A 118 13.51 -23.98 0.44
CA TYR A 118 13.27 -22.91 -0.52
C TYR A 118 13.95 -21.65 -0.02
N GLN A 119 14.42 -20.83 -0.95
CA GLN A 119 15.14 -19.63 -0.58
C GLN A 119 14.69 -18.48 -1.46
N CYS A 120 14.52 -17.34 -0.82
CA CYS A 120 14.05 -16.12 -1.45
C CYS A 120 15.19 -15.12 -1.41
N ARG A 121 15.46 -14.46 -2.53
CA ARG A 121 16.53 -13.48 -2.56
C ARG A 121 16.02 -12.15 -3.11
N VAL A 122 16.29 -11.08 -2.37
CA VAL A 122 15.87 -9.73 -2.69
C VAL A 122 17.09 -8.88 -3.03
N THR A 123 17.10 -8.28 -4.23
CA THR A 123 18.19 -7.41 -4.65
C THR A 123 17.64 -6.04 -4.98
N HIS A 124 18.33 -5.00 -4.54
CA HIS A 124 17.94 -3.63 -4.80
C HIS A 124 19.12 -2.84 -5.34
N PRO A 125 18.88 -1.93 -6.30
CA PRO A 125 20.00 -1.09 -6.76
C PRO A 125 20.62 -0.27 -5.65
N HIS A 126 19.82 0.22 -4.71
CA HIS A 126 20.37 1.02 -3.61
C HIS A 126 21.11 0.17 -2.58
N LEU A 127 20.75 -1.11 -2.44
CA LEU A 127 21.38 -2.01 -1.46
C LEU A 127 22.65 -2.61 -2.04
N PRO A 128 23.78 -2.53 -1.33
CA PRO A 128 25.04 -3.06 -1.90
C PRO A 128 24.97 -4.55 -2.13
N ARG A 129 24.29 -5.26 -1.25
CA ARG A 129 24.19 -6.71 -1.35
C ARG A 129 22.75 -7.12 -1.12
N ALA A 130 22.41 -8.29 -1.64
CA ALA A 130 21.04 -8.77 -1.57
C ALA A 130 20.78 -9.45 -0.23
N LEU A 131 19.51 -9.40 0.18
CA LEU A 131 19.01 -10.12 1.34
C LEU A 131 18.56 -11.52 0.90
N MET A 132 18.73 -12.50 1.79
CA MET A 132 18.40 -13.87 1.47
C MET A 132 17.65 -14.49 2.64
N ARG A 133 16.50 -15.09 2.34
CA ARG A 133 15.68 -15.77 3.32
C ARG A 133 15.42 -17.20 2.86
N SER A 134 15.53 -18.16 3.77
CA SER A 134 15.19 -19.54 3.45
C SER A 134 14.12 -20.04 4.41
N THR A 135 13.32 -21.00 3.93
CA THR A 135 12.25 -21.62 4.68
C THR A 135 12.23 -23.12 4.42
N THR A 136 11.86 -23.90 5.44
CA THR A 136 11.84 -25.36 5.40
C THR A 136 10.85 -25.85 6.45
N LYS A 137 10.34 -27.06 6.28
CA LYS A 137 9.38 -27.62 7.24
C LYS A 137 10.00 -27.72 8.63
N THR A 138 9.33 -27.13 9.64
CA THR A 138 9.87 -27.09 11.00
C THR A 138 9.88 -28.46 11.66
N SER A 139 10.99 -28.79 12.31
CA SER A 139 11.12 -30.03 13.06
C SER A 139 11.01 -29.71 14.55
N GLY A 140 10.34 -30.60 15.29
CA GLY A 140 10.14 -30.44 16.70
C GLY A 140 8.91 -31.19 17.16
N PRO A 141 8.52 -31.03 18.42
CA PRO A 141 7.33 -31.72 18.93
C PRO A 141 6.08 -31.23 18.23
N ARG A 142 5.12 -32.15 18.08
CA ARG A 142 3.83 -31.87 17.46
C ARG A 142 2.74 -32.07 18.50
N ALA A 143 1.80 -31.13 18.56
CA ALA A 143 0.65 -31.25 19.45
C ALA A 143 -0.59 -30.81 18.69
N ALA A 144 -1.63 -31.62 18.75
CA ALA A 144 -2.87 -31.28 18.09
C ALA A 144 -3.53 -30.12 18.82
N PRO A 145 -4.25 -29.27 18.10
CA PRO A 145 -4.86 -28.10 18.74
C PRO A 145 -6.11 -28.47 19.52
N GLU A 146 -6.28 -27.83 20.69
CA GLU A 146 -7.51 -27.93 21.44
C GLU A 146 -8.42 -26.79 21.00
N VAL A 147 -9.67 -27.09 20.72
CA VAL A 147 -10.59 -26.12 20.15
C VAL A 147 -11.81 -25.98 21.06
N TYR A 148 -12.19 -24.73 21.31
CA TYR A 148 -13.34 -24.37 22.13
C TYR A 148 -14.09 -23.26 21.41
N ALA A 149 -15.41 -23.40 21.33
CA ALA A 149 -16.26 -22.42 20.65
C ALA A 149 -17.31 -21.91 21.62
N PHE A 150 -17.52 -20.60 21.65
CA PHE A 150 -18.47 -20.00 22.57
C PHE A 150 -19.35 -19.02 21.82
N ALA A 151 -20.56 -18.82 22.34
CA ALA A 151 -21.51 -17.87 21.79
C ALA A 151 -21.75 -16.80 22.84
N THR A 152 -21.72 -15.54 22.42
CA THR A 152 -21.91 -14.47 23.37
C THR A 152 -23.39 -14.38 23.77
N PRO A 153 -23.67 -14.11 25.04
CA PRO A 153 -25.05 -13.90 25.45
C PRO A 153 -25.64 -12.66 24.78
N GLU A 154 -26.96 -12.66 24.65
CA GLU A 154 -27.64 -11.55 23.99
C GLU A 154 -27.39 -10.26 24.77
N TRP A 155 -27.12 -9.19 24.02
CA TRP A 155 -26.79 -7.90 24.63
C TRP A 155 -27.86 -6.86 24.30
N PRO A 156 -28.14 -5.93 25.21
CA PRO A 156 -29.19 -4.93 24.95
C PRO A 156 -28.86 -4.06 23.75
N GLY A 157 -29.85 -3.91 22.87
CA GLY A 157 -29.73 -3.13 21.65
C GLY A 157 -29.22 -3.88 20.45
N SER A 158 -28.73 -5.12 20.63
CA SER A 158 -28.28 -5.94 19.52
C SER A 158 -29.11 -7.21 19.44
N ARG A 159 -30.44 -7.09 19.32
CA ARG A 159 -31.26 -8.29 19.23
C ARG A 159 -30.89 -9.10 18.01
N ASP A 160 -30.57 -8.43 16.90
CA ASP A 160 -30.29 -9.09 15.64
C ASP A 160 -28.80 -9.33 15.39
N LYS A 161 -27.97 -9.14 16.40
CA LYS A 161 -26.53 -9.33 16.24
C LYS A 161 -26.07 -10.28 17.33
N ARG A 162 -25.12 -11.14 17.00
CA ARG A 162 -24.57 -12.03 18.01
C ARG A 162 -23.12 -12.33 17.64
N THR A 163 -22.25 -12.46 18.64
CA THR A 163 -20.83 -12.69 18.40
C THR A 163 -20.44 -14.10 18.85
N LEU A 164 -19.66 -14.77 18.01
CA LEU A 164 -19.19 -16.12 18.30
C LEU A 164 -17.67 -16.05 18.47
N ALA A 165 -17.15 -16.84 19.41
CA ALA A 165 -15.74 -16.81 19.78
C ALA A 165 -15.16 -18.21 19.69
N CYS A 166 -13.88 -18.30 19.32
CA CYS A 166 -13.20 -19.59 19.27
C CYS A 166 -11.79 -19.47 19.82
N LEU A 167 -11.42 -20.40 20.69
CA LEU A 167 -10.09 -20.48 21.30
C LEU A 167 -9.40 -21.77 20.88
N ILE A 168 -8.24 -21.65 20.25
CA ILE A 168 -7.46 -22.79 19.75
C ILE A 168 -6.09 -22.72 20.41
N GLN A 169 -5.72 -23.76 21.16
CA GLN A 169 -4.53 -23.64 22.00
C GLN A 169 -3.82 -24.98 22.21
N ASN A 170 -2.60 -24.87 22.73
CA ASN A 170 -1.78 -26.01 23.13
C ASN A 170 -1.35 -26.84 21.94
N PHE A 171 -1.15 -26.19 20.80
CA PHE A 171 -0.72 -26.84 19.58
C PHE A 171 0.67 -26.34 19.25
N MET A 172 1.47 -27.22 18.67
CA MET A 172 2.74 -26.81 18.10
C MET A 172 3.13 -27.79 17.04
N PRO A 173 3.85 -27.31 16.01
CA PRO A 173 4.36 -25.94 15.94
C PRO A 173 3.25 -24.91 15.77
N GLU A 174 3.67 -23.66 15.57
CA GLU A 174 2.75 -22.52 15.54
C GLU A 174 1.89 -22.45 14.29
N ASP A 175 2.26 -23.17 13.24
CA ASP A 175 1.58 -23.09 11.94
C ASP A 175 0.15 -23.60 12.07
N ILE A 176 -0.84 -22.75 11.79
CA ILE A 176 -2.23 -23.15 11.93
C ILE A 176 -3.11 -22.33 11.00
N SER A 177 -4.22 -22.94 10.57
CA SER A 177 -5.26 -22.26 9.81
C SER A 177 -6.62 -22.45 10.50
N VAL A 178 -7.41 -21.39 10.53
CA VAL A 178 -8.68 -21.34 11.24
C VAL A 178 -9.78 -20.87 10.29
N GLN A 179 -10.80 -21.70 10.11
CA GLN A 179 -11.91 -21.37 9.23
C GLN A 179 -13.22 -21.41 10.00
N TRP A 180 -14.21 -20.70 9.46
CA TRP A 180 -15.57 -20.72 9.98
C TRP A 180 -16.50 -21.25 8.91
N LEU A 181 -17.27 -22.28 9.25
CA LEU A 181 -18.22 -22.89 8.33
C LEU A 181 -19.62 -22.69 8.89
N HIS A 182 -20.52 -22.20 8.05
CA HIS A 182 -21.94 -22.02 8.36
C HIS A 182 -22.78 -22.80 7.37
N ASN A 183 -23.51 -23.80 7.83
CA ASN A 183 -24.38 -24.54 6.93
C ASN A 183 -23.52 -25.35 5.96
N GLU A 184 -22.54 -26.06 6.52
CA GLU A 184 -21.64 -26.95 5.80
C GLU A 184 -20.81 -26.22 4.74
N VAL A 185 -21.01 -24.91 4.60
CA VAL A 185 -20.29 -24.09 3.64
C VAL A 185 -19.41 -23.07 4.36
N GLN A 186 -18.12 -23.06 4.00
CA GLN A 186 -17.14 -22.20 4.64
C GLN A 186 -17.44 -20.71 4.41
N LEU A 187 -17.27 -19.87 5.51
CA LEU A 187 -17.50 -18.43 5.49
C LEU A 187 -16.25 -17.68 5.04
N PRO A 188 -16.45 -16.54 4.38
CA PRO A 188 -15.30 -15.75 3.87
C PRO A 188 -14.34 -15.36 4.98
N ASP A 189 -13.07 -15.17 4.60
CA ASP A 189 -12.04 -14.80 5.57
C ASP A 189 -12.22 -13.42 6.18
N ALA A 190 -12.94 -12.51 5.51
CA ALA A 190 -13.19 -11.18 6.07
C ALA A 190 -14.26 -11.20 7.16
N ARG A 191 -15.02 -12.29 7.30
CA ARG A 191 -16.08 -12.34 8.29
C ARG A 191 -15.54 -12.50 9.71
N HIS A 192 -14.35 -13.08 9.87
CA HIS A 192 -13.78 -13.38 11.17
C HIS A 192 -12.42 -12.70 11.32
N SER A 193 -11.99 -12.57 12.57
CA SER A 193 -10.69 -12.01 12.92
C SER A 193 -9.93 -13.04 13.73
N THR A 194 -8.70 -13.34 13.35
CA THR A 194 -7.90 -14.31 14.10
C THR A 194 -6.54 -13.72 14.47
N THR A 195 -6.14 -13.96 15.72
CA THR A 195 -4.90 -13.45 16.28
C THR A 195 -3.70 -14.25 15.77
N GLN A 196 -2.51 -13.67 15.95
CA GLN A 196 -1.27 -14.38 15.69
C GLN A 196 -1.03 -15.42 16.78
N PRO A 197 -0.37 -16.53 16.45
CA PRO A 197 -0.01 -17.49 17.49
C PRO A 197 0.98 -16.88 18.46
N ARG A 198 0.65 -16.94 19.76
CA ARG A 198 1.48 -16.44 20.85
C ARG A 198 1.85 -17.58 21.79
N LYS A 199 2.99 -17.45 22.47
CA LYS A 199 3.42 -18.54 23.35
C LYS A 199 2.50 -18.59 24.58
N THR A 200 2.27 -19.83 25.04
CA THR A 200 1.55 -20.11 26.28
C THR A 200 2.51 -20.43 27.43
N LYS A 201 1.94 -20.48 28.63
CA LYS A 201 2.70 -21.00 29.77
C LYS A 201 3.09 -22.45 29.53
N GLY A 202 2.23 -23.21 28.85
CA GLY A 202 2.60 -24.51 28.38
C GLY A 202 3.50 -24.36 27.17
N SER A 203 3.75 -25.48 26.52
CA SER A 203 4.64 -25.43 25.37
C SER A 203 3.92 -25.03 24.08
N GLY A 204 2.60 -25.14 24.06
CA GLY A 204 1.86 -24.86 22.84
C GLY A 204 1.66 -23.37 22.61
N PHE A 205 1.12 -23.08 21.43
CA PHE A 205 0.74 -21.73 21.06
C PHE A 205 -0.78 -21.60 21.20
N PHE A 206 -1.28 -20.38 21.05
CA PHE A 206 -2.72 -20.20 21.13
C PHE A 206 -3.16 -19.05 20.23
N VAL A 207 -4.39 -19.17 19.73
CA VAL A 207 -5.00 -18.13 18.91
C VAL A 207 -6.47 -18.00 19.31
N PHE A 208 -7.01 -16.81 19.05
CA PHE A 208 -8.40 -16.47 19.30
C PHE A 208 -9.05 -16.10 17.97
N SER A 209 -10.27 -16.57 17.74
CA SER A 209 -11.00 -16.23 16.53
C SER A 209 -12.36 -15.67 16.91
N ARG A 210 -12.74 -14.55 16.31
CA ARG A 210 -13.99 -13.87 16.65
C ARG A 210 -14.80 -13.65 15.37
N LEU A 211 -16.05 -14.06 15.41
CA LEU A 211 -16.93 -14.01 14.24
C LEU A 211 -18.25 -13.38 14.60
N GLU A 212 -18.62 -12.31 13.90
CA GLU A 212 -19.91 -11.68 14.09
C GLU A 212 -20.89 -12.28 13.11
N VAL A 213 -22.00 -12.82 13.62
CA VAL A 213 -23.02 -13.48 12.80
C VAL A 213 -24.33 -12.73 12.98
N THR A 214 -25.12 -12.72 11.92
CA THR A 214 -26.37 -11.97 11.92
C THR A 214 -27.49 -12.83 12.50
N ARG A 215 -28.54 -12.16 12.96
CA ARG A 215 -29.70 -12.90 13.47
C ARG A 215 -30.35 -13.69 12.35
N ALA A 216 -30.41 -13.11 11.15
CA ALA A 216 -30.99 -13.81 10.02
C ALA A 216 -30.22 -15.08 9.69
N GLU A 217 -28.91 -15.10 9.94
CA GLU A 217 -28.12 -16.29 9.63
C GLU A 217 -28.42 -17.41 10.63
N TRP A 218 -28.39 -17.10 11.93
CA TRP A 218 -28.60 -18.15 12.91
C TRP A 218 -30.04 -18.65 12.96
N GLU A 219 -31.00 -17.87 12.44
CA GLU A 219 -32.38 -18.35 12.37
C GLU A 219 -32.57 -19.34 11.24
N GLN A 220 -31.79 -19.20 10.16
CA GLN A 220 -31.78 -20.20 9.10
C GLN A 220 -31.26 -21.53 9.61
N LYS A 221 -30.11 -21.49 10.28
CA LYS A 221 -29.53 -22.68 10.88
C LYS A 221 -28.73 -22.22 12.09
N ASP A 222 -29.07 -22.76 13.26
CA ASP A 222 -28.49 -22.31 14.51
C ASP A 222 -27.22 -23.07 14.87
N GLU A 223 -26.43 -23.50 13.87
CA GLU A 223 -25.17 -24.19 14.11
C GLU A 223 -24.04 -23.56 13.30
N PHE A 224 -22.93 -23.25 13.98
CA PHE A 224 -21.74 -22.68 13.37
C PHE A 224 -20.50 -23.46 13.82
N ILE A 225 -19.58 -23.71 12.88
CA ILE A 225 -18.44 -24.61 13.09
C ILE A 225 -17.15 -23.80 13.12
N CYS A 226 -16.35 -23.99 14.19
CA CYS A 226 -14.98 -23.46 14.26
C CYS A 226 -14.01 -24.59 13.96
N ARG A 227 -13.28 -24.46 12.87
CA ARG A 227 -12.34 -25.49 12.42
C ARG A 227 -10.92 -24.97 12.45
N ALA A 228 -10.02 -25.80 12.97
CA ALA A 228 -8.59 -25.54 12.91
C ALA A 228 -7.96 -26.60 12.03
N VAL A 229 -6.93 -26.21 11.28
CA VAL A 229 -6.16 -27.15 10.48
C VAL A 229 -4.73 -27.09 10.97
N HIS A 230 -4.23 -28.21 11.47
CA HIS A 230 -2.90 -28.29 12.06
C HIS A 230 -2.39 -29.68 11.77
N GLU A 231 -1.11 -29.79 11.44
CA GLU A 231 -0.61 -31.07 10.94
C GLU A 231 -0.75 -32.19 11.98
N ALA A 232 -0.69 -31.87 13.27
CA ALA A 232 -0.79 -32.90 14.29
C ALA A 232 -2.20 -33.41 14.51
N ALA A 233 -3.22 -32.70 14.02
CA ALA A 233 -4.60 -33.14 14.18
C ALA A 233 -4.85 -34.41 13.37
N SER A 234 -5.59 -35.34 13.96
CA SER A 234 -5.83 -36.63 13.33
C SER A 234 -7.31 -36.95 13.39
N PRO A 235 -7.86 -37.45 12.27
CA PRO A 235 -7.08 -37.58 11.04
C PRO A 235 -7.36 -36.40 10.13
N SER A 236 -6.68 -36.33 8.99
CA SER A 236 -6.91 -35.27 8.01
C SER A 236 -6.44 -33.90 8.49
N GLN A 237 -5.78 -33.83 9.64
CA GLN A 237 -5.23 -32.56 10.14
C GLN A 237 -6.33 -31.53 10.38
N THR A 238 -7.44 -31.98 10.98
CA THR A 238 -8.58 -31.12 11.21
C THR A 238 -9.14 -31.41 12.59
N VAL A 239 -9.34 -30.34 13.37
CA VAL A 239 -10.05 -30.39 14.64
C VAL A 239 -11.07 -29.27 14.62
N GLN A 240 -12.29 -29.57 15.06
CA GLN A 240 -13.34 -28.57 14.99
C GLN A 240 -14.33 -28.75 16.13
N ARG A 241 -15.02 -27.66 16.45
CA ARG A 241 -16.09 -27.62 17.44
C ARG A 241 -17.26 -26.84 16.88
N ALA A 242 -18.46 -27.25 17.25
CA ALA A 242 -19.66 -26.56 16.82
C ALA A 242 -20.20 -25.73 17.98
N VAL A 243 -20.84 -24.62 17.63
CA VAL A 243 -21.43 -23.74 18.63
C VAL A 243 -22.74 -23.25 18.05
N SER A 244 -23.69 -23.00 18.93
CA SER A 244 -25.00 -22.57 18.52
C SER A 244 -25.36 -21.30 19.28
N VAL A 245 -26.14 -20.45 18.64
CA VAL A 245 -26.70 -19.34 19.35
C VAL A 245 -27.74 -20.00 20.22
N ASN A 246 -28.80 -19.30 22.77
CA ASN A 246 -29.57 -20.53 22.82
C ASN A 246 -28.63 -21.69 23.11
N GLU B 2 31.26 33.34 -36.40
CA GLU B 2 30.10 32.60 -35.90
C GLU B 2 29.17 32.14 -37.03
N VAL B 3 27.96 31.74 -36.65
CA VAL B 3 26.95 31.19 -37.54
C VAL B 3 25.72 32.10 -37.52
N GLN B 4 25.17 32.37 -38.69
CA GLN B 4 23.98 33.21 -38.84
C GLN B 4 22.92 32.49 -39.65
N LEU B 5 21.65 32.69 -39.27
CA LEU B 5 20.51 32.10 -39.93
C LEU B 5 19.45 33.15 -40.18
N VAL B 6 18.98 33.27 -41.42
CA VAL B 6 17.97 34.25 -41.77
C VAL B 6 16.83 33.54 -42.48
N GLU B 7 15.61 33.70 -41.97
CA GLU B 7 14.42 33.14 -42.58
C GLU B 7 13.82 34.16 -43.54
N SER B 8 13.17 33.64 -44.57
CA SER B 8 12.48 34.49 -45.53
C SER B 8 11.37 33.69 -46.15
N GLY B 9 10.44 34.38 -46.79
CA GLY B 9 9.31 33.73 -47.43
C GLY B 9 8.02 33.82 -46.68
N GLY B 10 7.97 34.51 -45.56
CA GLY B 10 6.72 34.66 -44.87
C GLY B 10 5.78 35.60 -45.60
N GLY B 11 4.52 35.46 -45.27
CA GLY B 11 3.51 36.36 -45.79
C GLY B 11 2.13 35.77 -45.59
N LEU B 12 1.14 36.47 -46.14
CA LEU B 12 -0.24 36.03 -46.10
C LEU B 12 -0.50 34.93 -47.14
N VAL B 13 -1.17 33.87 -46.72
CA VAL B 13 -1.45 32.70 -47.54
C VAL B 13 -2.91 32.30 -47.41
N GLN B 14 -3.53 31.96 -48.54
CA GLN B 14 -4.92 31.51 -48.53
C GLN B 14 -5.01 30.09 -47.97
N PRO B 15 -6.11 29.74 -47.31
CA PRO B 15 -6.25 28.36 -46.81
C PRO B 15 -6.20 27.39 -47.95
N GLY B 16 -5.51 26.27 -47.73
CA GLY B 16 -5.31 25.31 -48.78
C GLY B 16 -4.21 25.65 -49.76
N GLY B 17 -3.63 26.84 -49.68
CA GLY B 17 -2.52 27.20 -50.53
C GLY B 17 -1.20 26.63 -50.03
N SER B 18 -0.16 26.86 -50.82
CA SER B 18 1.19 26.42 -50.47
C SER B 18 2.14 27.61 -50.31
N LEU B 19 3.16 27.42 -49.47
CA LEU B 19 4.15 28.47 -49.24
C LEU B 19 5.50 27.80 -49.02
N ARG B 20 6.57 28.44 -49.49
CA ARG B 20 7.92 27.90 -49.32
C ARG B 20 8.76 28.88 -48.51
N LEU B 21 9.32 28.37 -47.42
CA LEU B 21 10.17 29.14 -46.53
C LEU B 21 11.61 28.70 -46.75
N SER B 22 12.52 29.66 -46.77
CA SER B 22 13.93 29.40 -46.98
C SER B 22 14.72 30.02 -45.83
N CYS B 23 15.79 29.32 -45.44
CA CYS B 23 16.70 29.75 -44.38
C CYS B 23 18.08 29.94 -44.98
N ALA B 24 18.55 31.17 -45.06
CA ALA B 24 19.90 31.44 -45.59
C ALA B 24 20.90 31.37 -44.45
N VAL B 25 21.81 30.41 -44.51
CA VAL B 25 22.82 30.19 -43.48
C VAL B 25 24.13 30.75 -44.01
N SER B 26 24.77 31.57 -43.18
CA SER B 26 26.06 32.18 -43.47
C SER B 26 27.02 31.97 -42.31
N GLY B 27 28.30 31.86 -42.65
CA GLY B 27 29.33 31.57 -41.69
C GLY B 27 29.59 30.09 -41.41
N TYR B 28 28.70 29.21 -41.85
CA TYR B 28 28.94 27.79 -41.66
C TYR B 28 28.24 27.03 -42.77
N SER B 29 28.82 25.91 -43.17
CA SER B 29 28.30 25.10 -44.27
C SER B 29 27.36 24.05 -43.73
N ILE B 30 26.12 24.04 -44.25
CA ILE B 30 25.08 23.13 -43.78
C ILE B 30 25.37 21.66 -44.12
N THR B 31 26.39 21.39 -44.95
CA THR B 31 26.86 20.04 -45.20
C THR B 31 28.03 19.62 -44.31
N SER B 32 28.71 20.58 -43.65
CA SER B 32 29.91 20.30 -42.84
C SER B 32 29.59 19.73 -41.46
N GLY B 33 28.41 20.04 -40.90
CA GLY B 33 28.05 19.52 -39.60
C GLY B 33 26.73 20.08 -39.13
N TYR B 34 26.30 19.58 -37.98
CA TYR B 34 25.13 20.03 -37.24
C TYR B 34 23.84 19.65 -37.96
N SER B 35 22.72 19.81 -37.26
CA SER B 35 21.39 19.55 -37.78
C SER B 35 20.66 20.87 -37.99
N TRP B 36 19.85 20.94 -39.04
CA TRP B 36 19.18 22.17 -39.43
C TRP B 36 17.68 21.95 -39.35
N ASN B 37 17.02 22.74 -38.51
CA ASN B 37 15.68 22.46 -38.06
C ASN B 37 14.74 23.63 -38.34
N TRP B 38 13.47 23.29 -38.45
CA TRP B 38 12.40 24.27 -38.54
C TRP B 38 11.53 24.12 -37.31
N ILE B 39 11.30 25.22 -36.62
CA ILE B 39 10.50 25.25 -35.42
C ILE B 39 9.56 26.44 -35.53
N ARG B 40 8.28 26.18 -35.26
CA ARG B 40 7.23 27.16 -35.45
C ARG B 40 6.58 27.45 -34.11
N GLN B 41 6.09 28.68 -33.96
CA GLN B 41 5.44 29.09 -32.73
C GLN B 41 4.11 29.75 -33.06
N ALA B 42 3.02 29.14 -32.63
CA ALA B 42 1.73 29.74 -32.86
C ALA B 42 1.60 30.94 -31.93
N PRO B 43 0.85 31.96 -32.32
CA PRO B 43 0.77 33.17 -31.50
C PRO B 43 0.31 32.86 -30.07
N GLY B 44 1.11 33.30 -29.10
CA GLY B 44 0.83 33.06 -27.70
C GLY B 44 0.65 31.60 -27.34
N LYS B 45 1.47 30.72 -27.93
CA LYS B 45 1.38 29.29 -27.70
C LYS B 45 2.80 28.73 -27.65
N GLY B 46 2.90 27.45 -27.30
CA GLY B 46 4.19 26.80 -27.18
C GLY B 46 4.86 26.56 -28.52
N LEU B 47 6.13 26.23 -28.45
CA LEU B 47 6.90 25.89 -29.63
C LEU B 47 6.56 24.47 -30.11
N GLU B 48 6.59 24.28 -31.42
CA GLU B 48 6.39 22.98 -32.05
C GLU B 48 7.54 22.73 -33.00
N TRP B 49 8.17 21.57 -32.92
CA TRP B 49 9.27 21.23 -33.82
C TRP B 49 8.65 20.63 -35.08
N VAL B 50 8.96 21.22 -36.23
CA VAL B 50 8.31 20.88 -37.49
C VAL B 50 9.11 19.84 -38.26
N ALA B 51 10.35 20.15 -38.59
CA ALA B 51 11.15 19.26 -39.41
C ALA B 51 12.63 19.59 -39.24
N SER B 52 13.47 18.60 -39.51
CA SER B 52 14.90 18.73 -39.35
C SER B 52 15.62 17.99 -40.46
N ILE B 53 16.75 18.53 -40.88
CA ILE B 53 17.63 17.87 -41.83
C ILE B 53 19.05 17.90 -41.28
N LYS B 54 19.62 16.73 -41.03
CA LYS B 54 20.99 16.61 -40.57
C LYS B 54 21.95 16.98 -41.70
N TYR B 55 23.19 17.29 -41.32
CA TYR B 55 24.20 17.68 -42.29
C TYR B 55 24.46 16.58 -43.31
N SER B 56 24.40 15.32 -42.85
CA SER B 56 24.64 14.15 -43.69
C SER B 56 23.45 13.80 -44.60
N GLY B 57 22.32 14.47 -44.43
CA GLY B 57 21.19 14.34 -45.33
C GLY B 57 19.95 13.74 -44.71
N GLU B 58 20.05 13.13 -43.53
CA GLU B 58 18.87 12.50 -42.93
C GLU B 58 17.81 13.54 -42.59
N THR B 59 16.55 13.19 -42.85
CA THR B 59 15.44 14.07 -42.55
C THR B 59 14.46 13.37 -41.63
N LYS B 60 13.91 14.14 -40.69
CA LYS B 60 12.91 13.72 -39.71
C LYS B 60 11.81 14.77 -39.72
N TYR B 61 10.56 14.31 -39.55
CA TYR B 61 9.40 15.19 -39.59
C TYR B 61 8.53 14.96 -38.35
N ASN B 62 7.77 15.98 -37.97
CA ASN B 62 6.79 15.79 -36.90
C ASN B 62 5.52 15.14 -37.48
N PRO B 63 5.05 14.03 -36.92
CA PRO B 63 3.80 13.44 -37.44
C PRO B 63 2.64 14.40 -37.61
N SER B 64 2.57 15.49 -36.84
CA SER B 64 1.43 16.40 -36.91
C SER B 64 1.35 17.12 -38.26
N VAL B 65 2.50 17.39 -38.87
CA VAL B 65 2.57 18.07 -40.16
C VAL B 65 3.07 17.16 -41.26
N LYS B 66 3.43 15.92 -40.94
CA LYS B 66 3.99 15.04 -41.95
C LYS B 66 2.96 14.77 -43.03
N GLY B 67 3.44 14.64 -44.26
CA GLY B 67 2.60 14.41 -45.39
C GLY B 67 2.26 15.66 -46.18
N ARG B 68 2.28 16.84 -45.55
CA ARG B 68 2.00 18.07 -46.28
C ARG B 68 3.09 19.11 -46.13
N ILE B 69 4.22 18.76 -45.53
CA ILE B 69 5.33 19.68 -45.32
C ILE B 69 6.59 18.90 -45.65
N THR B 70 7.51 19.54 -46.39
CA THR B 70 8.69 18.89 -46.95
C THR B 70 9.91 19.75 -46.68
N ILE B 71 11.02 19.14 -46.27
CA ILE B 71 12.24 19.89 -45.96
C ILE B 71 13.34 19.47 -46.92
N SER B 72 14.02 20.45 -47.49
CA SER B 72 15.02 20.26 -48.53
C SER B 72 16.14 21.28 -48.34
N ARG B 73 17.26 21.07 -49.03
CA ARG B 73 18.36 22.03 -48.96
C ARG B 73 18.98 22.21 -50.34
N ASP B 74 19.73 23.29 -50.49
CA ASP B 74 20.49 23.58 -51.70
C ASP B 74 21.94 23.88 -51.31
N ASP B 75 22.84 22.91 -51.47
CA ASP B 75 24.23 23.04 -51.05
C ASP B 75 24.89 24.29 -51.64
N SER B 76 24.66 24.57 -52.93
CA SER B 76 25.33 25.68 -53.61
C SER B 76 24.94 27.01 -52.97
N LYS B 77 23.70 27.14 -52.55
CA LYS B 77 23.19 28.33 -51.91
C LYS B 77 23.31 28.29 -50.39
N ASN B 78 23.88 27.23 -49.83
CA ASN B 78 24.03 27.06 -48.40
C ASN B 78 22.74 27.47 -47.68
N THR B 79 21.62 26.94 -48.18
CA THR B 79 20.30 27.31 -47.69
C THR B 79 19.49 26.03 -47.55
N PHE B 80 18.54 26.01 -46.63
CA PHE B 80 17.60 24.91 -46.55
C PHE B 80 16.18 25.47 -46.52
N TYR B 81 15.21 24.62 -46.90
CA TYR B 81 13.85 25.07 -47.21
C TYR B 81 12.81 24.21 -46.52
N LEU B 82 11.61 24.79 -46.36
CA LEU B 82 10.44 24.07 -45.88
C LEU B 82 9.27 24.35 -46.82
N GLN B 83 8.71 23.30 -47.40
CA GLN B 83 7.65 23.39 -48.40
C GLN B 83 6.34 23.02 -47.73
N MET B 84 5.38 23.94 -47.74
CA MET B 84 4.14 23.72 -47.02
C MET B 84 2.97 23.71 -47.99
N ASN B 85 2.15 22.66 -47.95
CA ASN B 85 0.99 22.52 -48.80
C ASN B 85 -0.25 22.23 -47.96
N SER B 86 -1.41 22.61 -48.49
CA SER B 86 -2.68 22.39 -47.80
C SER B 86 -2.69 23.09 -46.44
N LEU B 87 -2.27 24.35 -46.44
CA LEU B 87 -2.18 25.10 -45.20
C LEU B 87 -3.56 25.24 -44.57
N ARG B 88 -3.58 25.25 -43.25
CA ARG B 88 -4.79 25.54 -42.50
C ARG B 88 -4.54 26.76 -41.62
N ALA B 89 -5.61 27.28 -41.02
CA ALA B 89 -5.45 28.38 -40.07
C ALA B 89 -4.53 27.97 -38.94
N GLU B 90 -4.57 26.69 -38.53
CA GLU B 90 -3.69 26.21 -37.47
C GLU B 90 -2.22 26.28 -37.87
N ASP B 91 -1.92 26.25 -39.16
CA ASP B 91 -0.52 26.39 -39.60
C ASP B 91 0.04 27.78 -39.37
N THR B 92 -0.82 28.76 -39.11
CA THR B 92 -0.35 30.11 -38.83
C THR B 92 0.55 30.10 -37.60
N ALA B 93 1.76 30.64 -37.77
CA ALA B 93 2.78 30.61 -36.73
C ALA B 93 3.97 31.42 -37.22
N VAL B 94 4.88 31.69 -36.30
CA VAL B 94 6.19 32.24 -36.64
C VAL B 94 7.13 31.07 -36.84
N TYR B 95 7.83 31.05 -37.95
CA TYR B 95 8.70 29.93 -38.31
C TYR B 95 10.15 30.32 -38.12
N TYR B 96 10.85 29.57 -37.28
CA TYR B 96 12.26 29.80 -36.99
C TYR B 96 13.03 28.66 -37.59
N CYS B 97 14.22 28.96 -38.07
CA CYS B 97 15.18 27.94 -38.42
C CYS B 97 16.24 27.94 -37.33
N ALA B 98 16.72 26.75 -36.96
CA ALA B 98 17.68 26.65 -35.89
C ALA B 98 18.73 25.62 -36.24
N ARG B 99 19.93 25.83 -35.72
CA ARG B 99 21.05 24.91 -35.89
C ARG B 99 21.18 24.06 -34.64
N GLY B 100 21.08 22.74 -34.81
CA GLY B 100 21.08 21.82 -33.68
C GLY B 100 22.49 21.34 -33.42
N SER B 101 22.91 21.44 -32.16
CA SER B 101 24.18 20.88 -31.73
C SER B 101 23.97 19.48 -31.17
N HIS B 102 25.02 18.66 -31.24
CA HIS B 102 24.91 17.22 -31.04
C HIS B 102 25.39 16.78 -29.67
N TYR B 103 24.62 15.92 -29.02
CA TYR B 103 25.02 15.34 -27.75
C TYR B 103 24.61 13.86 -27.77
N PHE B 104 25.58 12.98 -28.04
CA PHE B 104 25.42 11.54 -27.91
C PHE B 104 24.11 11.05 -28.52
N GLY B 105 23.84 11.49 -29.76
CA GLY B 105 22.66 11.07 -30.48
C GLY B 105 21.42 11.92 -30.29
N HIS B 106 21.51 13.00 -29.52
CA HIS B 106 20.37 13.85 -29.25
C HIS B 106 20.77 15.29 -29.55
N TRP B 107 19.82 16.08 -30.04
CA TRP B 107 20.14 17.41 -30.53
C TRP B 107 19.45 18.44 -29.66
N HIS B 108 20.15 19.57 -29.47
CA HIS B 108 19.61 20.73 -28.78
C HIS B 108 19.90 21.95 -29.66
N PHE B 109 19.01 22.93 -29.59
CA PHE B 109 19.01 24.05 -30.54
C PHE B 109 19.82 25.23 -30.01
N ALA B 110 21.10 25.29 -30.41
CA ALA B 110 21.99 26.32 -29.89
C ALA B 110 21.90 27.64 -30.65
N VAL B 111 21.62 27.62 -31.96
CA VAL B 111 21.55 28.83 -32.78
C VAL B 111 20.19 28.92 -33.47
N TRP B 112 19.56 30.09 -33.37
CA TRP B 112 18.23 30.30 -33.90
C TRP B 112 18.22 31.45 -34.88
N GLY B 113 17.21 31.47 -35.71
CA GLY B 113 16.96 32.58 -36.60
C GLY B 113 16.09 33.62 -35.95
N GLN B 114 15.75 34.61 -36.75
CA GLN B 114 14.86 35.70 -36.38
C GLN B 114 13.39 35.32 -36.48
N GLY B 115 13.08 34.31 -37.27
CA GLY B 115 11.70 33.93 -37.50
C GLY B 115 11.08 34.69 -38.65
N THR B 116 10.10 34.04 -39.30
CA THR B 116 9.31 34.65 -40.35
C THR B 116 7.84 34.33 -40.09
N LEU B 117 6.96 35.31 -40.28
CA LEU B 117 5.56 35.15 -39.92
C LEU B 117 4.74 34.63 -41.10
N VAL B 118 4.08 33.51 -40.90
CA VAL B 118 3.18 32.91 -41.88
C VAL B 118 1.77 33.06 -41.35
N THR B 119 0.91 33.73 -42.11
CA THR B 119 -0.47 33.93 -41.72
C THR B 119 -1.37 33.28 -42.77
N VAL B 120 -2.27 32.42 -42.30
CA VAL B 120 -3.23 31.69 -43.13
C VAL B 120 -4.61 32.12 -42.68
N SER B 121 -5.27 32.96 -43.47
CA SER B 121 -6.52 33.57 -43.01
C SER B 121 -7.68 32.96 -43.78
N SER B 122 -8.60 32.33 -43.06
CA SER B 122 -9.77 31.68 -43.64
C SER B 122 -10.61 32.67 -44.45
N SER C 1 -11.60 20.95 23.23
CA SER C 1 -12.58 22.00 23.47
C SER C 1 -12.44 23.15 22.46
N GLU C 2 -13.40 23.21 21.53
CA GLU C 2 -13.38 24.23 20.49
C GLU C 2 -13.36 25.63 21.09
N VAL C 3 -12.58 26.52 20.48
CA VAL C 3 -12.38 27.89 20.97
C VAL C 3 -12.79 28.88 19.89
N GLN C 4 -13.53 29.91 20.29
CA GLN C 4 -13.95 30.93 19.35
C GLN C 4 -13.52 32.29 19.87
N LEU C 5 -13.08 33.16 18.95
CA LEU C 5 -12.57 34.49 19.24
C LEU C 5 -13.27 35.49 18.34
N VAL C 6 -13.85 36.52 18.92
CA VAL C 6 -14.57 37.52 18.15
C VAL C 6 -14.03 38.90 18.48
N GLU C 7 -13.56 39.61 17.46
CA GLU C 7 -13.09 40.99 17.62
C GLU C 7 -14.27 41.93 17.50
N SER C 8 -14.15 43.09 18.13
CA SER C 8 -15.17 44.12 18.03
C SER C 8 -14.47 45.45 18.29
N GLY C 9 -15.17 46.54 17.96
CA GLY C 9 -14.64 47.85 18.22
C GLY C 9 -13.95 48.50 17.05
N GLY C 10 -13.96 47.86 15.89
CA GLY C 10 -13.39 48.45 14.70
C GLY C 10 -14.25 49.58 14.18
N GLY C 11 -13.68 50.36 13.27
CA GLY C 11 -14.45 51.41 12.64
C GLY C 11 -13.54 52.42 11.96
N LEU C 12 -14.16 53.51 11.51
CA LEU C 12 -13.41 54.62 10.97
C LEU C 12 -12.86 55.44 12.13
N VAL C 13 -11.58 55.82 12.03
CA VAL C 13 -10.86 56.50 13.09
C VAL C 13 -10.13 57.70 12.52
N GLN C 14 -10.20 58.84 13.24
CA GLN C 14 -9.48 60.03 12.80
C GLN C 14 -7.98 59.89 13.11
N PRO C 15 -7.11 60.48 12.29
CA PRO C 15 -5.67 60.41 12.59
C PRO C 15 -5.36 61.07 13.91
N GLY C 16 -4.46 60.45 14.68
CA GLY C 16 -4.15 60.97 15.98
C GLY C 16 -5.13 60.61 17.07
N GLY C 17 -6.23 59.96 16.73
CA GLY C 17 -7.17 59.49 17.72
C GLY C 17 -6.68 58.21 18.36
N SER C 18 -7.48 57.72 19.31
CA SER C 18 -7.15 56.50 20.03
C SER C 18 -8.12 55.40 19.62
N LEU C 19 -7.69 54.16 19.85
CA LEU C 19 -8.40 52.98 19.40
C LEU C 19 -8.48 51.93 20.51
N ARG C 20 -9.67 51.39 20.72
CA ARG C 20 -9.86 50.30 21.66
C ARG C 20 -10.55 49.14 20.95
N LEU C 21 -9.84 48.03 20.81
CA LEU C 21 -10.40 46.82 20.22
C LEU C 21 -10.51 45.77 21.31
N SER C 22 -11.60 45.01 21.29
CA SER C 22 -11.81 43.94 22.25
C SER C 22 -12.05 42.63 21.52
N CYS C 23 -11.51 41.55 22.08
CA CYS C 23 -11.63 40.20 21.56
C CYS C 23 -12.35 39.35 22.60
N ALA C 24 -13.57 38.92 22.27
CA ALA C 24 -14.37 38.11 23.19
C ALA C 24 -14.11 36.63 22.95
N VAL C 25 -13.62 35.94 23.98
CA VAL C 25 -13.24 34.53 23.90
C VAL C 25 -14.34 33.67 24.54
N SER C 26 -14.77 32.63 23.82
CA SER C 26 -15.73 31.66 24.35
C SER C 26 -15.16 30.26 24.15
N GLY C 27 -15.58 29.34 25.03
CA GLY C 27 -15.10 27.98 24.98
C GLY C 27 -13.79 27.69 25.69
N TYR C 28 -13.04 28.72 26.06
CA TYR C 28 -11.81 28.54 26.82
C TYR C 28 -11.58 29.79 27.64
N SER C 29 -10.97 29.61 28.82
CA SER C 29 -10.74 30.69 29.77
C SER C 29 -9.34 31.25 29.55
N ILE C 30 -9.25 32.56 29.32
CA ILE C 30 -7.96 33.15 28.93
C ILE C 30 -6.94 33.12 30.06
N THR C 31 -7.37 32.82 31.28
CA THR C 31 -6.47 32.67 32.41
C THR C 31 -5.92 31.26 32.56
N SER C 32 -6.56 30.28 31.91
CA SER C 32 -6.18 28.86 32.02
C SER C 32 -4.96 28.50 31.16
N GLY C 33 -4.72 29.17 30.05
CA GLY C 33 -3.55 28.77 29.28
C GLY C 33 -3.41 29.52 27.97
N TYR C 34 -2.32 29.17 27.27
CA TYR C 34 -2.02 29.64 25.93
C TYR C 34 -1.66 31.11 25.97
N SER C 35 -1.14 31.64 24.87
CA SER C 35 -0.82 33.06 24.73
C SER C 35 -1.83 33.68 23.79
N TRP C 36 -2.21 34.91 24.08
CA TRP C 36 -3.28 35.61 23.36
C TRP C 36 -2.71 36.85 22.69
N ASN C 37 -2.87 36.93 21.37
CA ASN C 37 -2.13 37.86 20.52
C ASN C 37 -3.07 38.74 19.70
N TRP C 38 -2.56 39.91 19.29
CA TRP C 38 -3.21 40.76 18.31
C TRP C 38 -2.27 40.86 17.12
N ILE C 39 -2.79 40.58 15.92
CA ILE C 39 -2.03 40.58 14.68
C ILE C 39 -2.80 41.36 13.63
N ARG C 40 -2.13 42.25 12.92
CA ARG C 40 -2.79 43.14 11.99
C ARG C 40 -2.26 42.94 10.57
N GLN C 41 -3.12 43.22 9.60
CA GLN C 41 -2.74 43.11 8.20
C GLN C 41 -3.10 44.44 7.56
N ALA C 42 -2.09 45.17 7.13
CA ALA C 42 -2.29 46.42 6.43
C ALA C 42 -2.68 46.17 4.98
N PRO C 43 -3.42 47.09 4.37
CA PRO C 43 -3.88 46.86 3.00
C PRO C 43 -2.70 46.57 2.07
N GLY C 44 -2.78 45.43 1.38
CA GLY C 44 -1.68 45.06 0.50
C GLY C 44 -0.34 44.93 1.19
N LYS C 45 -0.30 44.31 2.37
CA LYS C 45 0.96 44.10 3.05
C LYS C 45 0.92 42.77 3.79
N GLY C 46 2.08 42.37 4.28
CA GLY C 46 2.21 41.14 5.02
C GLY C 46 1.59 41.28 6.38
N LEU C 47 1.43 40.15 7.06
CA LEU C 47 0.93 40.19 8.44
C LEU C 47 2.01 40.67 9.40
N GLU C 48 1.58 41.41 10.42
CA GLU C 48 2.45 41.96 11.46
C GLU C 48 1.92 41.57 12.82
N TRP C 49 2.80 41.03 13.66
CA TRP C 49 2.40 40.66 15.00
C TRP C 49 2.58 41.89 15.90
N VAL C 50 1.49 42.29 16.58
CA VAL C 50 1.42 43.54 17.31
C VAL C 50 1.75 43.38 18.79
N ALA C 51 1.00 42.51 19.47
CA ALA C 51 1.13 42.40 20.92
C ALA C 51 0.61 41.06 21.37
N SER C 52 1.08 40.63 22.53
CA SER C 52 0.69 39.36 23.11
C SER C 52 0.59 39.49 24.62
N ILE C 53 -0.36 38.76 25.20
CA ILE C 53 -0.46 38.65 26.66
C ILE C 53 -0.59 37.18 27.02
N LYS C 54 0.38 36.67 27.78
CA LYS C 54 0.41 35.26 28.16
C LYS C 54 -0.74 34.98 29.14
N TYR C 55 -1.08 33.71 29.26
CA TYR C 55 -2.19 33.39 30.16
C TYR C 55 -1.89 33.84 31.58
N SER C 56 -0.63 33.74 32.01
CA SER C 56 -0.18 34.14 33.34
C SER C 56 0.00 35.66 33.51
N GLY C 57 -0.12 36.46 32.46
CA GLY C 57 -0.14 37.91 32.57
C GLY C 57 1.01 38.64 31.91
N GLU C 58 2.05 37.94 31.46
CA GLU C 58 3.17 38.58 30.76
C GLU C 58 2.68 39.24 29.47
N THR C 59 3.23 40.40 29.14
CA THR C 59 2.90 41.08 27.90
C THR C 59 4.16 41.35 27.09
N LYS C 60 4.06 41.22 25.78
CA LYS C 60 5.13 41.54 24.85
C LYS C 60 4.56 42.41 23.75
N TYR C 61 5.37 43.34 23.27
CA TYR C 61 4.93 44.23 22.22
C TYR C 61 5.92 44.19 21.06
N ASN C 62 5.42 44.48 19.87
CA ASN C 62 6.32 44.60 18.74
C ASN C 62 7.02 45.96 18.78
N PRO C 63 8.33 46.01 18.67
CA PRO C 63 9.02 47.31 18.66
C PRO C 63 8.40 48.33 17.72
N SER C 64 7.77 47.88 16.63
CA SER C 64 7.24 48.82 15.64
C SER C 64 6.12 49.68 16.20
N VAL C 65 5.32 49.14 17.12
CA VAL C 65 4.22 49.87 17.72
C VAL C 65 4.43 50.12 19.20
N LYS C 66 5.52 49.64 19.77
CA LYS C 66 5.71 49.74 21.21
C LYS C 66 5.78 51.21 21.64
N GLY C 67 5.21 51.50 22.82
CA GLY C 67 5.13 52.83 23.37
C GLY C 67 3.76 53.50 23.21
N ARG C 68 3.00 53.13 22.19
CA ARG C 68 1.66 53.67 21.97
C ARG C 68 0.62 52.59 21.94
N ILE C 69 0.93 51.38 22.41
CA ILE C 69 0.01 50.27 22.37
C ILE C 69 0.07 49.52 23.69
N THR C 70 -1.10 49.07 24.16
CA THR C 70 -1.26 48.34 25.41
C THR C 70 -2.21 47.19 25.13
N ILE C 71 -1.88 46.01 25.63
CA ILE C 71 -2.74 44.84 25.53
C ILE C 71 -3.14 44.43 26.93
N SER C 72 -4.44 44.20 27.12
CA SER C 72 -4.99 43.91 28.43
C SER C 72 -6.10 42.89 28.31
N ARG C 73 -6.47 42.32 29.44
CA ARG C 73 -7.55 41.36 29.54
C ARG C 73 -8.42 41.73 30.75
N ASP C 74 -9.65 41.25 30.71
CA ASP C 74 -10.63 41.39 31.78
C ASP C 74 -11.08 39.98 32.15
N ASP C 75 -10.55 39.43 33.24
CA ASP C 75 -10.86 38.05 33.58
C ASP C 75 -12.37 37.81 33.65
N SER C 76 -13.12 38.74 34.26
CA SER C 76 -14.55 38.52 34.46
C SER C 76 -15.29 38.37 33.13
N LYS C 77 -14.92 39.15 32.12
CA LYS C 77 -15.56 39.07 30.82
C LYS C 77 -14.85 38.12 29.87
N ASN C 78 -13.79 37.44 30.31
CA ASN C 78 -13.01 36.54 29.44
C ASN C 78 -12.75 37.20 28.09
N THR C 79 -12.26 38.43 28.15
CA THR C 79 -12.00 39.27 27.00
C THR C 79 -10.64 39.92 27.17
N PHE C 80 -9.95 40.15 26.06
CA PHE C 80 -8.74 40.94 26.09
C PHE C 80 -8.83 42.05 25.05
N TYR C 81 -8.05 43.10 25.26
CA TYR C 81 -8.25 44.33 24.52
C TYR C 81 -6.92 44.78 23.90
N LEU C 82 -7.05 45.62 22.88
CA LEU C 82 -5.90 46.29 22.30
C LEU C 82 -6.19 47.78 22.29
N GLN C 83 -5.28 48.57 22.85
CA GLN C 83 -5.43 50.02 22.91
C GLN C 83 -4.23 50.67 22.23
N MET C 84 -4.50 51.47 21.19
CA MET C 84 -3.51 52.18 20.41
C MET C 84 -3.79 53.67 20.42
N ASN C 85 -2.73 54.47 20.49
CA ASN C 85 -2.83 55.93 20.53
C ASN C 85 -2.02 56.54 19.40
N SER C 86 -2.34 57.79 19.07
CA SER C 86 -1.63 58.53 18.02
C SER C 86 -1.69 57.80 16.69
N LEU C 87 -2.89 57.37 16.32
CA LEU C 87 -3.07 56.54 15.13
C LEU C 87 -2.54 57.25 13.90
N ARG C 88 -2.13 56.45 12.92
CA ARG C 88 -1.56 56.97 11.69
C ARG C 88 -2.25 56.31 10.51
N ALA C 89 -1.84 56.70 9.30
CA ALA C 89 -2.31 56.02 8.11
C ALA C 89 -1.78 54.58 8.07
N GLU C 90 -0.54 54.38 8.55
CA GLU C 90 0.03 53.04 8.57
C GLU C 90 -0.75 52.09 9.47
N ASP C 91 -1.43 52.64 10.48
CA ASP C 91 -2.27 51.85 11.37
C ASP C 91 -3.54 51.33 10.70
N THR C 92 -3.91 51.85 9.53
CA THR C 92 -5.07 51.33 8.82
C THR C 92 -4.81 49.88 8.44
N ALA C 93 -5.65 48.98 8.92
CA ALA C 93 -5.40 47.56 8.76
C ALA C 93 -6.58 46.81 9.34
N VAL C 94 -6.61 45.51 9.06
CA VAL C 94 -7.53 44.60 9.73
C VAL C 94 -6.80 43.99 10.90
N TYR C 95 -7.43 44.05 12.07
CA TYR C 95 -6.81 43.57 13.28
C TYR C 95 -7.43 42.22 13.63
N TYR C 96 -6.59 41.21 13.72
CA TYR C 96 -7.00 39.87 14.10
C TYR C 96 -6.48 39.60 15.50
N CYS C 97 -7.26 38.89 16.31
CA CYS C 97 -6.77 38.33 17.56
C CYS C 97 -6.61 36.83 17.36
N ALA C 98 -5.55 36.26 17.91
CA ALA C 98 -5.25 34.85 17.72
C ALA C 98 -4.78 34.22 19.03
N ARG C 99 -5.02 32.91 19.16
CA ARG C 99 -4.52 32.16 20.30
C ARG C 99 -3.31 31.35 19.84
N GLY C 100 -2.15 31.63 20.44
CA GLY C 100 -0.93 30.97 20.04
C GLY C 100 -0.74 29.78 20.93
N SER C 101 -0.52 28.62 20.33
CA SER C 101 -0.24 27.42 21.08
C SER C 101 1.27 27.27 21.28
N HIS C 102 1.64 26.54 22.33
CA HIS C 102 3.02 26.55 22.79
C HIS C 102 3.76 25.30 22.34
N TYR C 103 4.97 25.51 21.84
CA TYR C 103 5.84 24.39 21.44
C TYR C 103 7.28 24.67 21.86
N PHE C 104 7.72 23.99 22.92
CA PHE C 104 9.12 23.98 23.35
C PHE C 104 9.75 25.38 23.36
N GLY C 105 9.05 26.30 24.03
CA GLY C 105 9.50 27.66 24.18
C GLY C 105 9.10 28.60 23.06
N HIS C 106 8.38 28.12 22.06
CA HIS C 106 8.01 28.97 20.96
C HIS C 106 6.52 28.83 20.68
N TRP C 107 5.92 29.93 20.21
CA TRP C 107 4.48 30.05 20.05
C TRP C 107 4.12 30.22 18.57
N HIS C 108 3.02 29.58 18.18
CA HIS C 108 2.42 29.66 16.85
C HIS C 108 0.92 29.88 16.98
N PHE C 109 0.33 30.54 15.99
CA PHE C 109 -1.05 31.01 16.06
C PHE C 109 -2.01 29.96 15.48
N ALA C 110 -2.52 29.09 16.35
CA ALA C 110 -3.34 27.99 15.87
C ALA C 110 -4.81 28.38 15.68
N VAL C 111 -5.33 29.32 16.46
CA VAL C 111 -6.73 29.73 16.38
C VAL C 111 -6.78 31.22 16.11
N TRP C 112 -7.54 31.61 15.10
CA TRP C 112 -7.62 33.01 14.71
C TRP C 112 -9.06 33.49 14.79
N GLY C 113 -9.21 34.79 14.85
CA GLY C 113 -10.52 35.40 14.81
C GLY C 113 -10.92 35.77 13.40
N GLN C 114 -12.12 36.36 13.29
CA GLN C 114 -12.60 36.79 12.00
C GLN C 114 -11.91 38.05 11.50
N GLY C 115 -11.38 38.86 12.41
CA GLY C 115 -10.74 40.13 12.09
C GLY C 115 -11.72 41.29 12.04
N THR C 116 -11.24 42.48 12.39
CA THR C 116 -12.04 43.69 12.34
C THR C 116 -11.26 44.79 11.66
N LEU C 117 -11.95 45.62 10.89
CA LEU C 117 -11.33 46.61 10.03
C LEU C 117 -11.20 47.96 10.72
N VAL C 118 -9.98 48.49 10.73
CA VAL C 118 -9.69 49.84 11.21
C VAL C 118 -9.24 50.68 10.03
N THR C 119 -9.92 51.80 9.80
CA THR C 119 -9.60 52.75 8.75
C THR C 119 -9.27 54.09 9.39
N VAL C 120 -8.16 54.69 8.96
CA VAL C 120 -7.71 56.00 9.42
C VAL C 120 -7.67 56.93 8.20
N SER C 121 -8.30 58.10 8.32
CA SER C 121 -8.33 59.04 7.20
C SER C 121 -7.91 60.41 7.67
N SER C 122 -6.97 61.02 6.96
CA SER C 122 -6.48 62.34 7.31
C SER C 122 -7.54 63.42 7.09
N GLU D 2 -39.06 -23.05 2.97
CA GLU D 2 -38.59 -21.76 2.46
C GLU D 2 -38.11 -21.88 1.02
N VAL D 3 -37.88 -20.72 0.41
CA VAL D 3 -37.39 -20.61 -0.97
C VAL D 3 -36.18 -19.71 -1.00
N GLN D 4 -35.27 -19.99 -1.93
CA GLN D 4 -34.09 -19.16 -2.15
C GLN D 4 -34.06 -18.71 -3.60
N LEU D 5 -33.61 -17.46 -3.82
CA LEU D 5 -33.46 -16.86 -5.13
C LEU D 5 -32.08 -16.23 -5.22
N VAL D 6 -31.35 -16.50 -6.31
CA VAL D 6 -29.99 -16.01 -6.51
C VAL D 6 -29.93 -15.24 -7.82
N GLU D 7 -29.45 -14.00 -7.75
CA GLU D 7 -29.32 -13.15 -8.94
C GLU D 7 -27.94 -13.33 -9.56
N SER D 8 -27.90 -13.26 -10.90
CA SER D 8 -26.65 -13.40 -11.62
C SER D 8 -26.75 -12.68 -12.96
N GLY D 9 -25.59 -12.42 -13.54
CA GLY D 9 -25.48 -11.76 -14.83
C GLY D 9 -25.17 -10.29 -14.75
N GLY D 10 -25.03 -9.73 -13.55
CA GLY D 10 -24.68 -8.34 -13.42
C GLY D 10 -23.22 -8.08 -13.75
N GLY D 11 -22.94 -6.84 -14.09
CA GLY D 11 -21.58 -6.44 -14.38
C GLY D 11 -21.57 -5.13 -15.15
N LEU D 12 -20.37 -4.75 -15.60
CA LEU D 12 -20.23 -3.57 -16.45
C LEU D 12 -20.62 -3.90 -17.88
N VAL D 13 -21.47 -3.06 -18.48
CA VAL D 13 -21.98 -3.26 -19.83
C VAL D 13 -21.89 -1.92 -20.56
N GLN D 14 -21.43 -1.95 -21.81
CA GLN D 14 -21.39 -0.73 -22.59
C GLN D 14 -22.77 -0.29 -23.02
N PRO D 15 -23.01 1.02 -23.16
CA PRO D 15 -24.31 1.49 -23.67
C PRO D 15 -24.56 0.97 -25.07
N GLY D 16 -25.81 0.59 -25.32
CA GLY D 16 -26.21 -0.04 -26.55
C GLY D 16 -25.97 -1.54 -26.62
N GLY D 17 -25.25 -2.12 -25.65
CA GLY D 17 -25.12 -3.56 -25.56
C GLY D 17 -26.31 -4.19 -24.88
N SER D 18 -26.32 -5.52 -24.86
CA SER D 18 -27.37 -6.28 -24.19
C SER D 18 -26.78 -7.09 -23.05
N LEU D 19 -27.62 -7.39 -22.07
CA LEU D 19 -27.17 -8.19 -20.94
C LEU D 19 -28.32 -9.11 -20.55
N ARG D 20 -27.95 -10.32 -20.12
CA ARG D 20 -28.89 -11.36 -19.73
C ARG D 20 -28.65 -11.72 -18.28
N LEU D 21 -29.70 -11.60 -17.45
CA LEU D 21 -29.67 -11.90 -16.04
C LEU D 21 -30.46 -13.17 -15.76
N SER D 22 -29.91 -14.01 -14.88
CA SER D 22 -30.50 -15.28 -14.51
C SER D 22 -30.72 -15.34 -13.00
N CYS D 23 -31.84 -15.93 -12.60
CA CYS D 23 -32.21 -16.11 -11.19
C CYS D 23 -32.36 -17.61 -10.93
N ALA D 24 -31.45 -18.18 -10.12
CA ALA D 24 -31.47 -19.60 -9.78
C ALA D 24 -32.30 -19.82 -8.52
N VAL D 25 -33.39 -20.56 -8.66
CA VAL D 25 -34.34 -20.79 -7.56
C VAL D 25 -34.09 -22.18 -6.98
N SER D 26 -34.03 -22.28 -5.65
CA SER D 26 -33.89 -23.55 -4.97
C SER D 26 -34.96 -23.68 -3.90
N GLY D 27 -35.40 -24.92 -3.66
CA GLY D 27 -36.44 -25.18 -2.70
C GLY D 27 -37.85 -25.08 -3.23
N TYR D 28 -38.03 -24.52 -4.43
CA TYR D 28 -39.34 -24.49 -5.05
C TYR D 28 -39.15 -24.43 -6.57
N SER D 29 -40.10 -25.04 -7.29
CA SER D 29 -40.04 -25.12 -8.74
C SER D 29 -40.89 -24.03 -9.39
N ILE D 30 -40.28 -23.24 -10.28
CA ILE D 30 -40.97 -22.12 -10.94
C ILE D 30 -42.09 -22.60 -11.84
N THR D 31 -42.18 -23.90 -12.09
CA THR D 31 -43.31 -24.45 -12.81
C THR D 31 -44.46 -24.79 -11.89
N SER D 32 -44.21 -24.92 -10.58
CA SER D 32 -45.25 -25.35 -9.66
C SER D 32 -46.22 -24.23 -9.29
N GLY D 33 -45.76 -22.99 -9.24
CA GLY D 33 -46.66 -21.92 -8.87
C GLY D 33 -45.98 -20.57 -8.72
N TYR D 34 -46.82 -19.59 -8.40
CA TYR D 34 -46.43 -18.22 -8.09
C TYR D 34 -45.99 -17.46 -9.34
N SER D 35 -45.82 -16.14 -9.23
CA SER D 35 -45.34 -15.33 -10.33
C SER D 35 -43.92 -14.90 -10.01
N TRP D 36 -43.07 -14.87 -11.02
CA TRP D 36 -41.65 -14.63 -10.84
C TRP D 36 -41.28 -13.33 -11.56
N ASN D 37 -40.76 -12.38 -10.79
CA ASN D 37 -40.71 -10.99 -11.22
C ASN D 37 -39.28 -10.46 -11.17
N TRP D 38 -39.03 -9.44 -11.98
CA TRP D 38 -37.77 -8.70 -11.98
C TRP D 38 -38.06 -7.27 -11.55
N ILE D 39 -37.33 -6.80 -10.55
CA ILE D 39 -37.51 -5.46 -10.00
C ILE D 39 -36.14 -4.82 -9.86
N ARG D 40 -36.00 -3.61 -10.39
CA ARG D 40 -34.73 -2.91 -10.44
C ARG D 40 -34.82 -1.62 -9.63
N GLN D 41 -33.70 -1.21 -9.04
CA GLN D 41 -33.63 -0.04 -8.20
C GLN D 41 -32.49 0.85 -8.68
N ALA D 42 -32.83 2.06 -9.12
CA ALA D 42 -31.80 2.99 -9.54
C ALA D 42 -31.04 3.51 -8.31
N PRO D 43 -29.76 3.84 -8.46
CA PRO D 43 -28.96 4.23 -7.29
C PRO D 43 -29.59 5.42 -6.56
N GLY D 44 -29.86 5.23 -5.28
CA GLY D 44 -30.51 6.26 -4.48
C GLY D 44 -31.82 6.73 -5.07
N LYS D 45 -32.61 5.82 -5.62
CA LYS D 45 -33.86 6.16 -6.30
C LYS D 45 -34.87 5.06 -6.03
N GLY D 46 -36.12 5.29 -6.46
CA GLY D 46 -37.17 4.33 -6.18
C GLY D 46 -37.06 3.04 -6.97
N LEU D 47 -37.77 2.03 -6.49
CA LEU D 47 -37.83 0.73 -7.15
C LEU D 47 -38.76 0.78 -8.36
N GLU D 48 -38.42 0.00 -9.41
CA GLU D 48 -39.22 -0.10 -10.63
C GLU D 48 -39.47 -1.57 -10.92
N TRP D 49 -40.72 -1.94 -11.16
CA TRP D 49 -41.08 -3.32 -11.52
C TRP D 49 -40.98 -3.51 -13.03
N VAL D 50 -40.19 -4.48 -13.47
CA VAL D 50 -39.91 -4.61 -14.89
C VAL D 50 -40.87 -5.59 -15.58
N ALA D 51 -40.90 -6.84 -15.14
CA ALA D 51 -41.67 -7.87 -15.86
C ALA D 51 -41.97 -9.04 -14.94
N SER D 52 -43.00 -9.81 -15.31
CA SER D 52 -43.40 -10.98 -14.54
C SER D 52 -43.81 -12.12 -15.46
N ILE D 53 -43.50 -13.33 -15.03
CA ILE D 53 -43.87 -14.56 -15.72
C ILE D 53 -44.51 -15.52 -14.71
N LYS D 54 -45.76 -15.86 -14.93
CA LYS D 54 -46.53 -16.71 -14.05
C LYS D 54 -46.01 -18.15 -14.11
N TYR D 55 -46.44 -18.97 -13.16
CA TYR D 55 -46.08 -20.38 -13.23
C TYR D 55 -46.60 -20.99 -14.52
N SER D 56 -47.79 -20.57 -14.94
CA SER D 56 -48.44 -21.06 -16.15
C SER D 56 -47.86 -20.47 -17.44
N GLY D 57 -47.01 -19.46 -17.36
CA GLY D 57 -46.25 -18.96 -18.50
C GLY D 57 -46.63 -17.58 -18.99
N GLU D 58 -47.75 -17.02 -18.54
CA GLU D 58 -48.17 -15.69 -18.99
C GLU D 58 -47.11 -14.66 -18.62
N THR D 59 -46.92 -13.68 -19.50
CA THR D 59 -45.94 -12.63 -19.25
C THR D 59 -46.57 -11.24 -19.29
N LYS D 60 -46.09 -10.37 -18.41
CA LYS D 60 -46.46 -8.96 -18.34
C LYS D 60 -45.16 -8.16 -18.30
N TYR D 61 -45.15 -7.01 -18.97
CA TYR D 61 -43.99 -6.13 -19.05
C TYR D 61 -44.38 -4.71 -18.66
N ASN D 62 -43.40 -3.94 -18.16
CA ASN D 62 -43.62 -2.52 -17.88
C ASN D 62 -43.54 -1.70 -19.16
N PRO D 63 -44.55 -0.90 -19.48
CA PRO D 63 -44.49 -0.07 -20.68
C PRO D 63 -43.21 0.74 -20.82
N SER D 64 -42.60 1.12 -19.71
CA SER D 64 -41.43 1.99 -19.79
C SER D 64 -40.25 1.31 -20.44
N VAL D 65 -40.13 -0.02 -20.31
CA VAL D 65 -39.05 -0.78 -20.93
C VAL D 65 -39.53 -1.74 -22.00
N LYS D 66 -40.84 -1.82 -22.25
CA LYS D 66 -41.35 -2.80 -23.21
C LYS D 66 -40.83 -2.50 -24.62
N GLY D 67 -40.62 -3.56 -25.39
CA GLY D 67 -40.08 -3.47 -26.73
C GLY D 67 -38.60 -3.78 -26.85
N ARG D 68 -37.83 -3.62 -25.77
CA ARG D 68 -36.41 -3.95 -25.77
C ARG D 68 -36.05 -4.90 -24.63
N ILE D 69 -37.03 -5.56 -24.01
CA ILE D 69 -36.78 -6.42 -22.87
C ILE D 69 -37.64 -7.68 -22.96
N THR D 70 -37.06 -8.81 -22.54
CA THR D 70 -37.73 -10.11 -22.59
C THR D 70 -37.53 -10.89 -21.31
N ILE D 71 -38.59 -11.59 -20.87
CA ILE D 71 -38.55 -12.45 -19.69
C ILE D 71 -38.75 -13.88 -20.16
N SER D 72 -37.89 -14.79 -19.69
CA SER D 72 -37.86 -16.17 -20.15
C SER D 72 -37.50 -17.09 -18.99
N ARG D 73 -37.76 -18.39 -19.17
CA ARG D 73 -37.41 -19.36 -18.15
C ARG D 73 -36.85 -20.63 -18.78
N ASP D 74 -36.10 -21.37 -17.96
CA ASP D 74 -35.52 -22.67 -18.30
C ASP D 74 -36.02 -23.67 -17.26
N ASP D 75 -37.05 -24.43 -17.62
CA ASP D 75 -37.63 -25.36 -16.66
C ASP D 75 -36.60 -26.34 -16.14
N SER D 76 -35.72 -26.83 -17.03
CA SER D 76 -34.77 -27.86 -16.64
C SER D 76 -33.82 -27.38 -15.54
N LYS D 77 -33.36 -26.13 -15.61
CA LYS D 77 -32.51 -25.61 -14.54
C LYS D 77 -33.28 -24.87 -13.45
N ASN D 78 -34.61 -24.82 -13.51
CA ASN D 78 -35.40 -24.08 -12.53
C ASN D 78 -34.85 -22.66 -12.35
N THR D 79 -34.65 -22.00 -13.48
CA THR D 79 -34.11 -20.64 -13.56
C THR D 79 -34.89 -19.85 -14.60
N PHE D 80 -35.04 -18.55 -14.35
CA PHE D 80 -35.67 -17.66 -15.33
C PHE D 80 -34.75 -16.49 -15.61
N TYR D 81 -34.98 -15.86 -16.75
CA TYR D 81 -34.04 -14.90 -17.29
C TYR D 81 -34.75 -13.58 -17.57
N LEU D 82 -33.95 -12.52 -17.59
CA LEU D 82 -34.38 -11.20 -18.02
C LEU D 82 -33.37 -10.73 -19.05
N GLN D 83 -33.86 -10.43 -20.26
CA GLN D 83 -33.00 -10.00 -21.34
C GLN D 83 -33.33 -8.56 -21.72
N MET D 84 -32.32 -7.84 -22.18
CA MET D 84 -32.47 -6.43 -22.54
C MET D 84 -31.41 -6.04 -23.54
N ASN D 85 -31.84 -5.27 -24.54
CA ASN D 85 -30.97 -4.76 -25.59
C ASN D 85 -31.14 -3.25 -25.70
N SER D 86 -30.16 -2.61 -26.33
CA SER D 86 -30.15 -1.16 -26.46
C SER D 86 -30.03 -0.51 -25.09
N LEU D 87 -29.13 -1.04 -24.26
CA LEU D 87 -28.99 -0.57 -22.90
C LEU D 87 -28.58 0.90 -22.84
N ARG D 88 -29.10 1.57 -21.82
CA ARG D 88 -28.88 3.00 -21.61
C ARG D 88 -28.42 3.19 -20.18
N ALA D 89 -27.85 4.37 -19.89
CA ALA D 89 -27.44 4.66 -18.51
C ALA D 89 -28.63 4.64 -17.57
N GLU D 90 -29.82 5.02 -18.04
CA GLU D 90 -31.01 4.96 -17.20
C GLU D 90 -31.31 3.54 -16.74
N ASP D 91 -30.95 2.55 -17.55
CA ASP D 91 -31.12 1.14 -17.20
C ASP D 91 -30.16 0.71 -16.10
N THR D 92 -29.17 1.54 -15.78
CA THR D 92 -28.26 1.27 -14.67
C THR D 92 -29.04 1.21 -13.37
N ALA D 93 -28.92 0.09 -12.67
CA ALA D 93 -29.67 -0.13 -11.43
C ALA D 93 -29.25 -1.47 -10.87
N VAL D 94 -29.69 -1.75 -9.64
CA VAL D 94 -29.57 -3.07 -9.05
C VAL D 94 -30.84 -3.85 -9.36
N TYR D 95 -30.67 -5.07 -9.89
CA TYR D 95 -31.78 -5.90 -10.37
C TYR D 95 -32.01 -7.06 -9.41
N TYR D 96 -33.24 -7.16 -8.90
CA TYR D 96 -33.66 -8.21 -8.00
C TYR D 96 -34.65 -9.12 -8.71
N CYS D 97 -34.60 -10.41 -8.37
CA CYS D 97 -35.65 -11.34 -8.75
C CYS D 97 -36.44 -11.68 -7.50
N ALA D 98 -37.76 -11.77 -7.64
CA ALA D 98 -38.62 -12.02 -6.49
C ALA D 98 -39.76 -12.96 -6.88
N ARG D 99 -40.26 -13.69 -5.88
CA ARG D 99 -41.42 -14.55 -6.04
C ARG D 99 -42.64 -13.87 -5.44
N GLY D 100 -43.64 -13.61 -6.27
CA GLY D 100 -44.84 -12.90 -5.85
C GLY D 100 -45.93 -13.89 -5.44
N SER D 101 -46.48 -13.67 -4.25
CA SER D 101 -47.59 -14.46 -3.76
C SER D 101 -48.92 -13.86 -4.22
N HIS D 102 -49.94 -14.71 -4.35
CA HIS D 102 -51.18 -14.36 -5.01
C HIS D 102 -52.25 -14.02 -3.98
N TYR D 103 -52.98 -12.95 -4.24
CA TYR D 103 -54.09 -12.58 -3.37
C TYR D 103 -55.24 -12.08 -4.23
N PHE D 104 -56.23 -12.94 -4.47
CA PHE D 104 -57.48 -12.57 -5.12
C PHE D 104 -57.25 -11.70 -6.35
N GLY D 105 -56.38 -12.16 -7.23
CA GLY D 105 -56.08 -11.45 -8.44
C GLY D 105 -54.99 -10.42 -8.34
N HIS D 106 -54.38 -10.28 -7.19
CA HIS D 106 -53.33 -9.30 -7.02
C HIS D 106 -52.14 -9.98 -6.36
N TRP D 107 -50.95 -9.54 -6.75
CA TRP D 107 -49.73 -10.19 -6.34
C TRP D 107 -48.89 -9.24 -5.48
N HIS D 108 -48.23 -9.82 -4.49
CA HIS D 108 -47.31 -9.10 -3.64
C HIS D 108 -46.00 -9.89 -3.57
N PHE D 109 -44.90 -9.18 -3.42
CA PHE D 109 -43.57 -9.77 -3.55
C PHE D 109 -43.09 -10.24 -2.18
N ALA D 110 -43.36 -11.50 -1.85
CA ALA D 110 -43.06 -12.04 -0.53
C ALA D 110 -41.63 -12.55 -0.38
N VAL D 111 -41.01 -13.06 -1.44
CA VAL D 111 -39.67 -13.63 -1.36
C VAL D 111 -38.77 -12.86 -2.32
N TRP D 112 -37.61 -12.44 -1.84
CA TRP D 112 -36.70 -11.61 -2.61
C TRP D 112 -35.31 -12.24 -2.63
N GLY D 113 -34.54 -11.82 -3.63
CA GLY D 113 -33.11 -12.10 -3.66
C GLY D 113 -32.31 -10.93 -3.08
N GLN D 114 -30.99 -11.08 -3.13
CA GLN D 114 -30.09 -10.01 -2.73
C GLN D 114 -29.86 -8.98 -3.82
N GLY D 115 -30.09 -9.32 -5.10
CA GLY D 115 -29.90 -8.39 -6.19
C GLY D 115 -28.50 -8.40 -6.78
N THR D 116 -28.41 -7.99 -8.04
CA THR D 116 -27.15 -7.85 -8.76
C THR D 116 -27.06 -6.49 -9.43
N LEU D 117 -25.86 -5.91 -9.44
CA LEU D 117 -25.66 -4.55 -9.89
C LEU D 117 -25.34 -4.53 -11.37
N VAL D 118 -26.12 -3.78 -12.14
CA VAL D 118 -25.91 -3.62 -13.57
C VAL D 118 -25.45 -2.18 -13.79
N THR D 119 -24.29 -2.03 -14.43
CA THR D 119 -23.64 -0.75 -14.66
C THR D 119 -23.53 -0.46 -16.15
N VAL D 120 -23.94 0.74 -16.56
CA VAL D 120 -23.90 1.14 -17.97
C VAL D 120 -22.99 2.35 -18.22
N GLY E 2 -0.50 12.36 -28.99
CA GLY E 2 -0.81 10.95 -29.13
C GLY E 2 0.24 10.06 -28.48
N SER E 3 1.06 9.40 -29.29
CA SER E 3 2.24 8.73 -28.77
C SER E 3 3.30 9.71 -28.29
N ASP E 4 3.15 11.00 -28.62
CA ASP E 4 4.20 11.97 -28.30
C ASP E 4 4.36 12.10 -26.79
N ILE E 5 5.59 12.47 -26.40
CA ILE E 5 5.88 12.81 -25.02
C ILE E 5 5.30 14.18 -24.73
N GLN E 6 4.40 14.27 -23.74
CA GLN E 6 3.83 15.55 -23.29
C GLN E 6 4.68 16.12 -22.15
N LEU E 7 5.03 17.40 -22.27
CA LEU E 7 5.79 18.09 -21.25
C LEU E 7 4.93 19.18 -20.62
N THR E 8 4.71 19.05 -19.31
CA THR E 8 3.87 19.98 -18.57
C THR E 8 4.73 20.74 -17.58
N GLN E 9 4.61 22.06 -17.57
CA GLN E 9 5.37 22.91 -16.68
C GLN E 9 4.47 23.50 -15.60
N SER E 10 5.07 23.79 -14.46
CA SER E 10 4.40 24.56 -13.42
C SER E 10 5.48 25.30 -12.68
N PRO E 11 5.17 26.53 -12.25
CA PRO E 11 3.83 27.07 -12.50
C PRO E 11 3.67 27.59 -13.94
N SER E 12 2.44 27.89 -14.33
CA SER E 12 2.20 28.51 -15.63
C SER E 12 2.83 29.89 -15.71
N SER E 13 2.67 30.69 -14.66
CA SER E 13 3.16 32.05 -14.62
C SER E 13 3.58 32.36 -13.18
N LEU E 14 4.59 33.21 -13.01
CA LEU E 14 5.00 33.58 -11.66
C LEU E 14 5.63 34.98 -11.64
N SER E 15 5.48 35.65 -10.50
CA SER E 15 6.00 36.99 -10.26
C SER E 15 7.03 36.95 -9.13
N ALA E 16 8.19 37.56 -9.34
CA ALA E 16 9.27 37.56 -8.36
C ALA E 16 10.01 38.90 -8.41
N SER E 17 11.03 39.02 -7.55
CA SER E 17 11.84 40.24 -7.46
C SER E 17 13.30 39.95 -7.77
N VAL E 18 14.03 41.03 -8.07
CA VAL E 18 15.45 40.93 -8.30
C VAL E 18 16.11 40.36 -7.05
N GLY E 19 17.01 39.40 -7.26
CA GLY E 19 17.70 38.73 -6.18
C GLY E 19 17.04 37.47 -5.67
N ASP E 20 15.75 37.26 -5.95
CA ASP E 20 15.06 36.07 -5.47
C ASP E 20 15.56 34.79 -6.15
N ARG E 21 15.27 33.66 -5.51
CA ARG E 21 15.44 32.36 -6.12
C ARG E 21 14.12 31.92 -6.73
N VAL E 22 14.17 31.50 -7.99
CA VAL E 22 13.01 31.06 -8.77
C VAL E 22 13.20 29.61 -9.20
N THR E 23 12.11 28.84 -9.17
CA THR E 23 12.09 27.43 -9.52
C THR E 23 10.95 27.11 -10.46
N ILE E 24 11.29 26.47 -11.59
CA ILE E 24 10.34 26.08 -12.63
C ILE E 24 10.41 24.58 -12.82
N THR E 25 9.24 23.93 -12.87
CA THR E 25 9.13 22.49 -12.91
C THR E 25 8.63 22.01 -14.28
N CYS E 26 9.20 20.91 -14.76
CA CYS E 26 8.82 20.30 -16.03
C CYS E 26 8.58 18.83 -15.78
N ARG E 27 7.34 18.37 -15.97
CA ARG E 27 6.99 16.96 -15.79
C ARG E 27 6.74 16.38 -17.17
N ALA E 28 7.32 15.22 -17.45
CA ALA E 28 7.16 14.56 -18.73
C ALA E 28 6.23 13.37 -18.59
N SER E 29 5.37 13.16 -19.59
CA SER E 29 4.42 12.06 -19.57
C SER E 29 5.10 10.70 -19.62
N LYS E 30 6.26 10.62 -20.25
CA LYS E 30 7.10 9.42 -20.26
C LYS E 30 8.51 9.87 -19.88
N PRO E 31 9.28 8.98 -19.25
CA PRO E 31 10.66 9.33 -18.90
C PRO E 31 11.52 9.59 -20.13
N VAL E 32 12.47 10.52 -19.98
CA VAL E 32 13.38 10.88 -21.06
C VAL E 32 14.82 10.50 -20.71
N ASP E 33 15.01 9.52 -19.82
CA ASP E 33 16.34 9.08 -19.44
C ASP E 33 16.88 8.09 -20.46
N GLY E 34 18.16 8.23 -20.76
CA GLY E 34 18.83 7.26 -21.59
C GLY E 34 20.32 7.26 -21.37
N GLU E 35 20.89 6.07 -21.16
CA GLU E 35 22.33 5.89 -21.04
C GLU E 35 22.92 6.75 -19.92
N GLY E 36 22.20 6.84 -18.81
CA GLY E 36 22.68 7.58 -17.66
C GLY E 36 22.51 9.08 -17.75
N ASP E 37 21.72 9.56 -18.70
CA ASP E 37 21.47 10.99 -18.91
C ASP E 37 19.98 11.23 -19.14
N SER E 38 19.59 12.49 -19.05
CA SER E 38 18.23 12.95 -19.32
C SER E 38 18.30 13.98 -20.44
N TYR E 39 17.52 13.76 -21.49
CA TYR E 39 17.59 14.62 -22.66
C TYR E 39 16.48 15.67 -22.60
N LEU E 40 16.62 16.52 -21.58
CA LEU E 40 15.71 17.63 -21.32
C LEU E 40 16.47 18.96 -21.34
N ASN E 41 15.97 19.91 -22.14
CA ASN E 41 16.61 21.20 -22.34
C ASN E 41 15.74 22.34 -21.86
N TRP E 42 16.38 23.46 -21.55
CA TRP E 42 15.70 24.65 -21.07
C TRP E 42 16.01 25.82 -21.99
N TYR E 43 14.99 26.59 -22.33
CA TYR E 43 15.14 27.75 -23.19
C TYR E 43 14.59 29.02 -22.52
N GLN E 44 15.18 30.16 -22.86
CA GLN E 44 14.74 31.46 -22.43
C GLN E 44 14.33 32.20 -23.68
N GLN E 45 13.11 32.74 -23.69
CA GLN E 45 12.61 33.49 -24.84
C GLN E 45 12.05 34.84 -24.38
N LYS E 46 12.82 35.92 -24.57
CA LYS E 46 12.31 37.24 -24.22
C LYS E 46 11.35 37.73 -25.30
N PRO E 47 10.53 38.73 -25.01
CA PRO E 47 9.46 39.12 -25.95
C PRO E 47 10.02 39.58 -27.29
N GLY E 48 9.45 39.02 -28.37
CA GLY E 48 9.80 39.37 -29.74
C GLY E 48 11.09 38.78 -30.28
N LYS E 49 11.88 38.08 -29.47
CA LYS E 49 13.10 37.42 -29.90
C LYS E 49 12.88 35.91 -30.01
N ALA E 50 13.82 35.24 -30.61
CA ALA E 50 13.73 33.79 -30.66
C ALA E 50 14.30 33.20 -29.38
N PRO E 51 13.91 31.98 -29.04
CA PRO E 51 14.45 31.34 -27.84
C PRO E 51 15.98 31.31 -27.85
N LYS E 52 16.55 31.24 -26.64
CA LYS E 52 17.98 31.03 -26.44
C LYS E 52 18.16 29.81 -25.56
N LEU E 53 19.17 29.01 -25.85
CA LEU E 53 19.42 27.80 -25.09
C LEU E 53 20.19 28.11 -23.82
N LEU E 54 19.71 27.57 -22.70
CA LEU E 54 20.36 27.72 -21.41
C LEU E 54 21.05 26.44 -20.94
N ILE E 55 20.31 25.36 -20.89
CA ILE E 55 20.79 24.09 -20.36
C ILE E 55 20.38 22.99 -21.32
N TYR E 56 21.29 22.07 -21.57
CA TYR E 56 20.98 20.90 -22.40
C TYR E 56 21.31 19.64 -21.63
N ALA E 57 20.52 18.61 -21.89
CA ALA E 57 20.65 17.34 -21.18
C ALA E 57 20.47 17.54 -19.66
N ALA E 58 19.43 18.32 -19.30
CA ALA E 58 18.92 18.42 -17.93
C ALA E 58 19.71 19.35 -17.01
N SER E 59 21.03 19.20 -17.01
CA SER E 59 21.85 19.83 -15.99
C SER E 59 23.15 20.44 -16.52
N TYR E 60 23.43 20.37 -17.82
CA TYR E 60 24.67 20.90 -18.39
C TYR E 60 24.41 22.29 -18.96
N LEU E 61 25.20 23.26 -18.50
CA LEU E 61 25.01 24.65 -18.85
C LEU E 61 25.55 24.93 -20.25
N GLU E 62 24.78 25.67 -21.05
CA GLU E 62 25.23 26.08 -22.37
C GLU E 62 26.29 27.17 -22.26
N SER E 63 27.24 27.15 -23.19
CA SER E 63 28.35 28.08 -23.16
C SER E 63 27.84 29.52 -23.10
N GLY E 64 28.41 30.31 -22.19
CA GLY E 64 28.04 31.69 -22.04
C GLY E 64 26.83 31.95 -21.18
N VAL E 65 26.12 30.92 -20.76
CA VAL E 65 24.92 31.10 -19.93
C VAL E 65 25.36 31.34 -18.48
N PRO E 66 24.82 32.36 -17.82
CA PRO E 66 25.29 32.72 -16.47
C PRO E 66 25.16 31.55 -15.50
N SER E 67 26.13 31.44 -14.57
CA SER E 67 26.12 30.30 -13.66
C SER E 67 24.93 30.29 -12.70
N ARG E 68 24.19 31.40 -12.56
CA ARG E 68 23.01 31.42 -11.70
C ARG E 68 21.89 30.54 -12.24
N PHE E 69 21.98 30.12 -13.50
CA PHE E 69 21.06 29.13 -14.07
C PHE E 69 21.63 27.74 -13.80
N SER E 70 20.75 26.81 -13.40
CA SER E 70 21.17 25.45 -13.11
C SER E 70 20.00 24.55 -13.39
N GLY E 71 20.28 23.36 -13.90
CA GLY E 71 19.25 22.39 -14.18
C GLY E 71 19.45 21.15 -13.33
N SER E 72 18.34 20.50 -13.00
CA SER E 72 18.40 19.29 -12.19
C SER E 72 17.15 18.47 -12.49
N GLY E 73 17.20 17.20 -12.07
CA GLY E 73 16.09 16.28 -12.24
C GLY E 73 16.46 15.07 -13.09
N SER E 74 15.52 14.13 -13.12
CA SER E 74 15.67 12.85 -13.79
C SER E 74 14.29 12.25 -14.04
N GLY E 75 14.24 11.27 -14.94
CA GLY E 75 13.00 10.54 -15.21
C GLY E 75 11.91 11.36 -15.87
N THR E 76 10.92 11.78 -15.09
CA THR E 76 9.82 12.59 -15.59
C THR E 76 9.67 13.91 -14.83
N ASP E 77 10.64 14.24 -13.98
CA ASP E 77 10.54 15.35 -13.04
C ASP E 77 11.82 16.17 -13.14
N PHE E 78 11.72 17.40 -13.64
CA PHE E 78 12.88 18.25 -13.89
C PHE E 78 12.64 19.65 -13.37
N THR E 79 13.75 20.32 -13.03
CA THR E 79 13.70 21.62 -12.36
C THR E 79 14.76 22.56 -12.93
N LEU E 80 14.31 23.73 -13.38
CA LEU E 80 15.18 24.86 -13.69
C LEU E 80 15.21 25.80 -12.48
N THR E 81 16.41 26.23 -12.09
CA THR E 81 16.61 27.05 -10.91
C THR E 81 17.42 28.28 -11.28
N ILE E 82 16.85 29.46 -11.07
CA ILE E 82 17.59 30.72 -11.18
C ILE E 82 17.91 31.17 -9.76
N SER E 83 19.18 31.11 -9.36
CA SER E 83 19.52 31.29 -7.96
C SER E 83 19.28 32.72 -7.49
N SER E 84 19.53 33.69 -8.36
CA SER E 84 19.39 35.10 -8.01
C SER E 84 18.79 35.81 -9.21
N LEU E 85 17.48 36.03 -9.19
CA LEU E 85 16.80 36.57 -10.35
C LEU E 85 17.38 37.94 -10.70
N GLN E 86 17.49 38.23 -12.00
CA GLN E 86 18.08 39.47 -12.48
C GLN E 86 17.10 40.20 -13.39
N PRO E 87 17.33 41.49 -13.64
CA PRO E 87 16.37 42.24 -14.45
C PRO E 87 16.21 41.68 -15.84
N GLU E 88 17.30 41.17 -16.44
CA GLU E 88 17.27 40.61 -17.78
C GLU E 88 16.68 39.21 -17.85
N ASP E 89 16.32 38.63 -16.72
CA ASP E 89 15.67 37.33 -16.69
C ASP E 89 14.15 37.43 -16.80
N PHE E 90 13.61 38.62 -17.13
CA PHE E 90 12.20 38.71 -17.53
C PHE E 90 12.05 37.97 -18.85
N ALA E 91 11.48 36.78 -18.80
CA ALA E 91 11.39 35.98 -20.00
C ALA E 91 10.43 34.83 -19.75
N THR E 92 10.00 34.22 -20.85
CA THR E 92 9.31 32.95 -20.81
C THR E 92 10.33 31.84 -21.00
N TYR E 93 10.21 30.80 -20.18
CA TYR E 93 11.16 29.71 -20.15
C TYR E 93 10.45 28.43 -20.58
N TYR E 94 11.11 27.65 -21.42
CA TYR E 94 10.56 26.41 -21.94
C TYR E 94 11.49 25.24 -21.65
N CYS E 95 10.88 24.09 -21.36
CA CYS E 95 11.62 22.84 -21.39
C CYS E 95 11.32 22.12 -22.70
N GLN E 96 12.26 21.31 -23.14
CA GLN E 96 12.09 20.55 -24.36
C GLN E 96 12.84 19.23 -24.24
N GLN E 97 12.15 18.14 -24.58
CA GLN E 97 12.73 16.80 -24.54
C GLN E 97 13.22 16.43 -25.93
N SER E 98 14.44 15.91 -26.00
CA SER E 98 15.01 15.44 -27.26
C SER E 98 15.45 13.99 -27.11
N HIS E 99 14.59 13.19 -26.47
CA HIS E 99 14.80 11.78 -26.23
C HIS E 99 14.12 10.91 -27.29
N GLU E 100 13.03 11.41 -27.85
CA GLU E 100 12.10 10.62 -28.62
C GLU E 100 11.50 11.51 -29.69
N ASP E 101 11.26 10.94 -30.86
CA ASP E 101 10.68 11.70 -31.95
C ASP E 101 9.17 11.56 -31.86
N PRO E 102 8.43 12.66 -32.05
CA PRO E 102 8.98 13.99 -32.35
C PRO E 102 9.40 14.79 -31.12
N TYR E 103 10.40 15.65 -31.29
CA TYR E 103 10.79 16.55 -30.20
C TYR E 103 9.61 17.44 -29.82
N THR E 104 9.40 17.57 -28.51
CA THR E 104 8.28 18.35 -28.01
C THR E 104 8.76 19.38 -26.98
N PHE E 105 7.99 20.47 -26.85
CA PHE E 105 8.24 21.49 -25.86
C PHE E 105 7.15 21.45 -24.79
N GLY E 106 7.48 22.07 -23.65
CA GLY E 106 6.48 22.40 -22.65
C GLY E 106 5.70 23.63 -23.08
N GLN E 107 4.71 23.99 -22.25
CA GLN E 107 3.83 25.09 -22.62
C GLN E 107 4.41 26.48 -22.37
N GLY E 108 5.40 26.59 -21.48
CA GLY E 108 6.06 27.84 -21.17
C GLY E 108 5.70 28.35 -19.78
N THR E 109 6.66 29.00 -19.13
CA THR E 109 6.48 29.60 -17.81
C THR E 109 6.92 31.06 -17.88
N LYS E 110 5.96 31.98 -17.83
CA LYS E 110 6.36 33.38 -17.87
C LYS E 110 6.81 33.82 -16.49
N VAL E 111 8.01 34.37 -16.43
CA VAL E 111 8.58 34.87 -15.19
C VAL E 111 8.52 36.39 -15.27
N GLU E 112 7.53 36.97 -14.60
CA GLU E 112 7.36 38.42 -14.57
C GLU E 112 8.02 38.96 -13.32
N ILE E 113 8.78 40.03 -13.48
CA ILE E 113 9.50 40.64 -12.37
C ILE E 113 8.67 41.86 -11.92
N LYS E 114 8.03 41.72 -10.76
CA LYS E 114 7.06 42.70 -10.27
C LYS E 114 6.87 42.59 -8.76
N GLY F 1 13.80 48.20 11.55
CA GLY F 1 13.73 46.78 11.93
C GLY F 1 14.96 46.02 11.50
N GLY F 2 16.14 46.54 11.83
CA GLY F 2 17.43 45.91 11.42
C GLY F 2 17.66 44.66 12.26
N SER F 3 17.26 44.68 13.53
CA SER F 3 17.42 43.51 14.43
C SER F 3 16.32 42.49 14.15
N ASP F 4 15.20 42.93 13.57
CA ASP F 4 14.06 42.01 13.32
C ASP F 4 14.48 40.99 12.26
N ILE F 5 14.10 39.72 12.45
CA ILE F 5 14.39 38.68 11.42
C ILE F 5 13.47 38.92 10.22
N GLN F 6 14.04 39.30 9.08
CA GLN F 6 13.27 39.52 7.86
C GLN F 6 13.05 38.18 7.17
N LEU F 7 11.82 37.95 6.71
CA LEU F 7 11.47 36.76 5.94
C LEU F 7 11.10 37.15 4.50
N THR F 8 11.83 36.60 3.52
CA THR F 8 11.58 36.82 2.11
C THR F 8 11.09 35.53 1.47
N GLN F 9 9.94 35.60 0.78
CA GLN F 9 9.35 34.45 0.11
C GLN F 9 9.50 34.61 -1.40
N SER F 10 9.55 33.48 -2.11
CA SER F 10 9.48 33.51 -3.56
C SER F 10 8.83 32.22 -4.08
N PRO F 11 8.02 32.34 -5.13
CA PRO F 11 7.77 33.63 -5.77
C PRO F 11 6.77 34.49 -5.01
N SER F 12 6.69 35.77 -5.40
CA SER F 12 5.69 36.66 -4.83
C SER F 12 4.29 36.22 -5.23
N SER F 13 4.13 35.78 -6.48
CA SER F 13 2.85 35.36 -7.01
C SER F 13 3.08 34.23 -8.01
N LEU F 14 2.12 33.32 -8.12
CA LEU F 14 2.20 32.25 -9.12
C LEU F 14 0.81 31.77 -9.51
N SER F 15 0.69 31.33 -10.76
CA SER F 15 -0.54 30.76 -11.28
C SER F 15 -0.25 29.33 -11.71
N ALA F 16 -1.09 28.38 -11.28
CA ALA F 16 -0.90 26.96 -11.57
C ALA F 16 -2.25 26.30 -11.77
N SER F 17 -2.23 25.00 -12.06
CA SER F 17 -3.45 24.24 -12.29
C SER F 17 -3.61 23.14 -11.26
N VAL F 18 -4.84 22.65 -11.13
CA VAL F 18 -5.12 21.57 -10.20
C VAL F 18 -4.28 20.36 -10.54
N GLY F 19 -3.72 19.73 -9.52
CA GLY F 19 -2.82 18.61 -9.69
C GLY F 19 -1.36 18.98 -9.72
N ASP F 20 -1.04 20.25 -9.95
CA ASP F 20 0.35 20.66 -10.04
C ASP F 20 1.02 20.53 -8.68
N ARG F 21 2.35 20.44 -8.71
CA ARG F 21 3.12 20.54 -7.50
C ARG F 21 3.52 22.00 -7.35
N VAL F 22 3.23 22.56 -6.19
CA VAL F 22 3.52 23.96 -5.93
C VAL F 22 4.61 23.99 -4.87
N THR F 23 5.56 24.89 -5.06
CA THR F 23 6.72 24.99 -4.18
C THR F 23 6.97 26.46 -3.84
N ILE F 24 6.98 26.77 -2.55
CA ILE F 24 7.15 28.13 -2.06
C ILE F 24 8.36 28.17 -1.10
N THR F 25 9.23 29.15 -1.30
CA THR F 25 10.49 29.31 -0.59
C THR F 25 10.40 30.48 0.39
N CYS F 26 10.99 30.29 1.56
CA CYS F 26 11.07 31.31 2.60
C CYS F 26 12.52 31.40 3.06
N ARG F 27 13.15 32.56 2.86
CA ARG F 27 14.53 32.81 3.28
C ARG F 27 14.53 33.76 4.46
N ALA F 28 15.31 33.42 5.50
CA ALA F 28 15.39 34.21 6.71
C ALA F 28 16.70 34.98 6.78
N SER F 29 16.64 36.22 7.27
CA SER F 29 17.84 37.02 7.44
C SER F 29 18.78 36.46 8.50
N LYS F 30 18.24 35.83 9.54
CA LYS F 30 19.04 35.11 10.53
C LYS F 30 18.47 33.72 10.67
N PRO F 31 19.30 32.74 11.02
CA PRO F 31 18.79 31.38 11.25
C PRO F 31 17.78 31.35 12.39
N VAL F 32 16.80 30.47 12.27
CA VAL F 32 15.74 30.31 13.26
C VAL F 32 15.76 28.91 13.88
N ASP F 33 16.91 28.23 13.85
CA ASP F 33 17.03 26.90 14.42
C ASP F 33 17.33 26.94 15.92
N GLY F 34 16.74 26.01 16.65
CA GLY F 34 17.06 25.82 18.05
C GLY F 34 16.76 24.44 18.59
N GLU F 35 17.76 23.81 19.23
CA GLU F 35 17.57 22.53 19.91
C GLU F 35 17.04 21.44 18.98
N GLY F 36 17.60 21.38 17.77
CA GLY F 36 17.23 20.34 16.83
C GLY F 36 15.93 20.56 16.10
N ASP F 37 15.35 21.76 16.18
CA ASP F 37 14.10 22.11 15.53
C ASP F 37 14.24 23.47 14.86
N SER F 38 13.29 23.78 13.99
CA SER F 38 13.23 25.06 13.29
C SER F 38 11.88 25.70 13.58
N TYR F 39 11.89 26.93 14.08
CA TYR F 39 10.63 27.56 14.52
C TYR F 39 10.15 28.51 13.43
N LEU F 40 9.77 27.90 12.32
CA LEU F 40 9.21 28.56 11.16
C LEU F 40 7.85 27.93 10.86
N ASN F 41 6.82 28.75 10.79
CA ASN F 41 5.46 28.27 10.63
C ASN F 41 4.91 28.76 9.31
N TRP F 42 3.92 28.05 8.80
CA TRP F 42 3.30 28.36 7.51
C TRP F 42 1.80 28.55 7.71
N TYR F 43 1.26 29.64 7.15
CA TYR F 43 -0.15 29.95 7.27
C TYR F 43 -0.76 30.07 5.87
N GLN F 44 -2.05 29.75 5.76
CA GLN F 44 -2.81 29.88 4.53
C GLN F 44 -3.94 30.87 4.75
N GLN F 45 -4.02 31.90 3.90
CA GLN F 45 -5.05 32.92 4.06
C GLN F 45 -5.77 33.22 2.74
N LYS F 46 -7.04 32.82 2.64
CA LYS F 46 -7.81 33.20 1.47
C LYS F 46 -8.16 34.68 1.56
N PRO F 47 -8.51 35.30 0.44
CA PRO F 47 -8.65 36.78 0.41
C PRO F 47 -9.72 37.29 1.35
N GLY F 48 -9.35 38.26 2.19
CA GLY F 48 -10.31 38.89 3.07
C GLY F 48 -10.75 38.06 4.25
N LYS F 49 -10.32 36.82 4.34
CA LYS F 49 -10.63 35.97 5.47
C LYS F 49 -9.44 35.87 6.40
N ALA F 50 -9.66 35.31 7.58
CA ALA F 50 -8.52 35.25 8.47
C ALA F 50 -7.65 34.04 8.14
N PRO F 51 -6.34 34.14 8.42
CA PRO F 51 -5.43 33.02 8.17
C PRO F 51 -5.84 31.73 8.90
N LYS F 52 -5.23 30.64 8.45
CA LYS F 52 -5.30 29.34 9.10
C LYS F 52 -3.88 28.83 9.25
N LEU F 53 -3.62 28.14 10.34
CA LEU F 53 -2.31 27.54 10.52
C LEU F 53 -2.27 26.23 9.75
N LEU F 54 -1.20 26.05 8.98
CA LEU F 54 -0.96 24.80 8.24
C LEU F 54 0.12 23.95 8.89
N ILE F 55 1.29 24.54 9.11
CA ILE F 55 2.45 23.81 9.63
C ILE F 55 3.12 24.67 10.69
N TYR F 56 3.58 24.03 11.78
CA TYR F 56 4.35 24.70 12.82
C TYR F 56 5.67 23.97 13.03
N ALA F 57 6.66 24.73 13.49
CA ALA F 57 8.00 24.20 13.75
C ALA F 57 8.62 23.57 12.49
N ALA F 58 8.46 24.25 11.36
CA ALA F 58 9.10 23.92 10.08
C ALA F 58 8.40 22.80 9.33
N SER F 59 8.15 21.68 10.00
CA SER F 59 7.76 20.47 9.33
C SER F 59 6.63 19.69 10.00
N TYR F 60 6.06 20.20 11.08
CA TYR F 60 5.01 19.48 11.80
C TYR F 60 3.64 19.99 11.35
N LEU F 61 2.81 19.06 10.89
CA LEU F 61 1.52 19.41 10.34
C LEU F 61 0.52 19.69 11.45
N GLU F 62 -0.19 20.80 11.33
CA GLU F 62 -1.25 21.10 12.29
C GLU F 62 -2.44 20.17 12.05
N SER F 63 -3.11 19.82 13.14
CA SER F 63 -4.21 18.87 13.11
C SER F 63 -5.30 19.30 12.14
N GLY F 64 -5.77 18.35 11.32
CA GLY F 64 -6.84 18.61 10.39
C GLY F 64 -6.43 19.22 9.07
N VAL F 65 -5.16 19.58 8.93
CA VAL F 65 -4.66 20.17 7.67
C VAL F 65 -4.40 19.04 6.69
N PRO F 66 -4.87 19.14 5.45
CA PRO F 66 -4.76 18.00 4.53
C PRO F 66 -3.32 17.56 4.37
N SER F 67 -3.13 16.25 4.22
CA SER F 67 -1.80 15.68 4.13
C SER F 67 -1.03 16.13 2.89
N ARG F 68 -1.70 16.77 1.91
CA ARG F 68 -1.01 17.27 0.73
C ARG F 68 -0.09 18.45 1.01
N PHE F 69 -0.22 19.12 2.16
CA PHE F 69 0.68 20.18 2.58
C PHE F 69 1.85 19.60 3.38
N SER F 70 3.06 20.06 3.10
CA SER F 70 4.22 19.58 3.82
C SER F 70 5.27 20.67 3.83
N GLY F 71 5.94 20.83 4.97
CA GLY F 71 6.96 21.83 5.13
C GLY F 71 8.30 21.18 5.40
N SER F 72 9.38 21.87 5.01
CA SER F 72 10.73 21.36 5.15
C SER F 72 11.70 22.52 5.25
N GLY F 73 12.95 22.20 5.56
CA GLY F 73 14.02 23.18 5.60
C GLY F 73 14.65 23.30 6.98
N SER F 74 15.70 24.10 7.01
CA SER F 74 16.48 24.36 8.21
C SER F 74 17.28 25.64 8.01
N GLY F 75 17.75 26.17 9.12
CA GLY F 75 18.57 27.37 9.09
C GLY F 75 17.79 28.58 8.60
N THR F 76 18.06 28.97 7.36
CA THR F 76 17.47 30.19 6.82
C THR F 76 16.70 29.96 5.53
N ASP F 77 16.45 28.70 5.17
CA ASP F 77 15.90 28.31 3.88
C ASP F 77 14.78 27.30 4.15
N PHE F 78 13.54 27.66 3.83
CA PHE F 78 12.41 26.80 4.12
C PHE F 78 11.48 26.68 2.92
N THR F 79 10.77 25.56 2.84
CA THR F 79 9.97 25.25 1.67
C THR F 79 8.65 24.62 2.06
N LEU F 80 7.56 25.23 1.63
CA LEU F 80 6.23 24.63 1.69
C LEU F 80 5.95 23.94 0.36
N THR F 81 5.34 22.76 0.42
CA THR F 81 5.06 21.97 -0.77
C THR F 81 3.61 21.53 -0.76
N ILE F 82 2.87 21.91 -1.80
CA ILE F 82 1.55 21.36 -2.06
C ILE F 82 1.73 20.32 -3.16
N SER F 83 1.57 19.05 -2.81
CA SER F 83 1.89 17.96 -3.72
C SER F 83 0.91 17.87 -4.88
N SER F 84 -0.38 18.12 -4.62
CA SER F 84 -1.40 18.05 -5.66
C SER F 84 -2.38 19.20 -5.41
N LEU F 85 -2.17 20.32 -6.09
CA LEU F 85 -2.96 21.51 -5.84
C LEU F 85 -4.43 21.24 -6.11
N GLN F 86 -5.30 21.84 -5.31
CA GLN F 86 -6.74 21.65 -5.40
C GLN F 86 -7.41 23.00 -5.60
N PRO F 87 -8.67 23.02 -6.03
CA PRO F 87 -9.31 24.32 -6.24
C PRO F 87 -9.40 25.16 -4.98
N GLU F 88 -9.63 24.53 -3.82
CA GLU F 88 -9.73 25.27 -2.56
C GLU F 88 -8.39 25.74 -2.03
N ASP F 89 -7.28 25.43 -2.69
CA ASP F 89 -5.96 25.92 -2.31
C ASP F 89 -5.62 27.28 -2.94
N PHE F 90 -6.57 27.91 -3.62
CA PHE F 90 -6.39 29.29 -4.05
C PHE F 90 -6.33 30.16 -2.80
N ALA F 91 -5.13 30.64 -2.47
CA ALA F 91 -4.95 31.42 -1.25
C ALA F 91 -3.57 32.06 -1.29
N THR F 92 -3.35 33.01 -0.37
CA THR F 92 -2.02 33.51 -0.12
C THR F 92 -1.39 32.75 1.03
N TYR F 93 -0.11 32.41 0.90
CA TYR F 93 0.59 31.62 1.90
C TYR F 93 1.70 32.47 2.50
N TYR F 94 1.78 32.47 3.83
CA TYR F 94 2.75 33.24 4.58
C TYR F 94 3.61 32.31 5.43
N CYS F 95 4.90 32.65 5.55
CA CYS F 95 5.75 32.06 6.56
C CYS F 95 5.92 33.04 7.70
N GLN F 96 6.13 32.51 8.90
CA GLN F 96 6.30 33.35 10.08
C GLN F 96 7.29 32.66 11.01
N GLN F 97 8.30 33.41 11.47
CA GLN F 97 9.30 32.88 12.40
C GLN F 97 8.93 33.28 13.82
N SER F 98 8.99 32.31 14.72
CA SER F 98 8.71 32.54 16.14
C SER F 98 9.91 32.11 16.98
N HIS F 99 11.10 32.38 16.46
CA HIS F 99 12.35 32.03 17.11
C HIS F 99 12.90 33.17 17.94
N GLU F 100 12.56 34.40 17.58
CA GLU F 100 13.20 35.59 18.08
C GLU F 100 12.17 36.71 18.10
N ASP F 101 12.27 37.60 19.10
CA ASP F 101 11.31 38.69 19.20
C ASP F 101 11.79 39.90 18.43
N PRO F 102 10.87 40.56 17.70
CA PRO F 102 9.45 40.23 17.54
C PRO F 102 9.21 39.20 16.45
N TYR F 103 8.11 38.46 16.57
CA TYR F 103 7.68 37.54 15.52
C TYR F 103 7.36 38.31 14.25
N THR F 104 7.87 37.81 13.14
CA THR F 104 7.68 38.42 11.84
C THR F 104 7.15 37.39 10.86
N PHE F 105 6.42 37.88 9.84
CA PHE F 105 5.90 37.07 8.74
C PHE F 105 6.64 37.41 7.46
N GLY F 106 6.51 36.52 6.47
CA GLY F 106 6.91 36.86 5.11
C GLY F 106 5.88 37.72 4.41
N GLN F 107 6.21 38.15 3.19
CA GLN F 107 5.37 39.11 2.49
C GLN F 107 4.12 38.50 1.89
N GLY F 108 4.12 37.21 1.67
CA GLY F 108 2.99 36.47 1.13
C GLY F 108 3.27 35.96 -0.27
N THR F 109 2.69 34.81 -0.60
CA THR F 109 2.78 34.18 -1.91
C THR F 109 1.36 33.91 -2.39
N LYS F 110 0.92 34.68 -3.37
CA LYS F 110 -0.42 34.47 -3.88
C LYS F 110 -0.41 33.30 -4.85
N VAL F 111 -1.28 32.33 -4.61
CA VAL F 111 -1.44 31.15 -5.44
C VAL F 111 -2.77 31.27 -6.14
N GLU F 112 -2.73 31.60 -7.43
CA GLU F 112 -3.91 31.71 -8.28
C GLU F 112 -4.07 30.42 -9.07
N ILE F 113 -5.31 29.97 -9.20
CA ILE F 113 -5.60 28.75 -9.94
C ILE F 113 -6.05 29.23 -11.32
N LYS F 114 -5.25 28.93 -12.34
CA LYS F 114 -5.45 29.53 -13.67
C LYS F 114 -6.50 28.81 -14.49
N GLY G 2 -47.19 8.14 -17.31
CA GLY G 2 -48.41 8.94 -17.31
C GLY G 2 -49.62 8.20 -16.79
N SER G 3 -50.02 7.15 -17.50
CA SER G 3 -51.20 6.38 -17.13
C SER G 3 -50.99 5.56 -15.87
N ASP G 4 -49.75 5.39 -15.43
CA ASP G 4 -49.45 4.58 -14.26
C ASP G 4 -49.95 5.27 -12.99
N ILE G 5 -50.23 4.46 -11.97
CA ILE G 5 -50.57 5.01 -10.65
C ILE G 5 -49.29 5.46 -9.97
N GLN G 6 -49.21 6.75 -9.65
CA GLN G 6 -48.07 7.30 -8.94
C GLN G 6 -48.31 7.24 -7.44
N LEU G 7 -47.29 6.81 -6.70
CA LEU G 7 -47.35 6.73 -5.25
C LEU G 7 -46.41 7.76 -4.63
N THR G 8 -46.98 8.62 -3.79
CA THR G 8 -46.27 9.67 -3.07
C THR G 8 -46.33 9.37 -1.58
N GLN G 9 -45.18 9.37 -0.92
CA GLN G 9 -45.06 9.09 0.52
C GLN G 9 -44.69 10.34 1.30
N SER G 10 -45.09 10.39 2.59
CA SER G 10 -44.60 11.43 3.52
C SER G 10 -44.62 10.95 4.97
N PRO G 11 -43.61 11.35 5.73
CA PRO G 11 -42.56 12.22 5.19
C PRO G 11 -41.50 11.48 4.36
N SER G 12 -40.66 12.26 3.69
CA SER G 12 -39.52 11.73 2.97
C SER G 12 -38.49 11.12 3.93
N SER G 13 -38.16 11.83 5.02
CA SER G 13 -37.15 11.39 5.98
C SER G 13 -37.58 11.83 7.38
N LEU G 14 -37.27 10.99 8.37
CA LEU G 14 -37.62 11.33 9.74
C LEU G 14 -36.66 10.65 10.71
N SER G 15 -36.43 11.31 11.84
CA SER G 15 -35.60 10.80 12.91
C SER G 15 -36.46 10.66 14.15
N ALA G 16 -36.36 9.51 14.82
CA ALA G 16 -37.15 9.22 16.01
C ALA G 16 -36.28 8.44 16.99
N SER G 17 -36.86 8.10 18.13
CA SER G 17 -36.13 7.40 19.17
C SER G 17 -36.77 6.04 19.44
N VAL G 18 -36.00 5.15 20.08
CA VAL G 18 -36.53 3.84 20.44
C VAL G 18 -37.72 4.02 21.35
N GLY G 19 -38.80 3.29 21.07
CA GLY G 19 -40.05 3.41 21.77
C GLY G 19 -41.07 4.34 21.13
N ASP G 20 -40.63 5.21 20.22
CA ASP G 20 -41.56 6.14 19.60
C ASP G 20 -42.56 5.41 18.71
N ARG G 21 -43.65 6.10 18.43
CA ARG G 21 -44.58 5.71 17.38
C ARG G 21 -44.18 6.46 16.13
N VAL G 22 -44.08 5.74 15.02
CA VAL G 22 -43.76 6.33 13.73
C VAL G 22 -44.97 6.11 12.83
N THR G 23 -45.31 7.14 12.05
CA THR G 23 -46.46 7.09 11.14
C THR G 23 -46.03 7.56 9.76
N ILE G 24 -46.26 6.70 8.77
CA ILE G 24 -45.87 6.93 7.38
C ILE G 24 -47.12 6.88 6.52
N THR G 25 -47.27 7.88 5.64
CA THR G 25 -48.45 8.05 4.79
C THR G 25 -48.07 7.74 3.34
N CYS G 26 -48.98 7.07 2.62
CA CYS G 26 -48.79 6.76 1.20
C CYS G 26 -50.05 7.19 0.45
N ARG G 27 -49.88 8.12 -0.50
CA ARG G 27 -50.98 8.65 -1.32
C ARG G 27 -50.88 8.13 -2.74
N ALA G 28 -51.99 7.63 -3.27
CA ALA G 28 -52.04 7.06 -4.62
C ALA G 28 -52.76 7.99 -5.58
N SER G 29 -52.25 8.08 -6.81
CA SER G 29 -52.89 8.94 -7.81
C SER G 29 -54.28 8.45 -8.17
N LYS G 30 -54.51 7.14 -8.15
CA LYS G 30 -55.79 6.54 -8.46
C LYS G 30 -56.21 5.59 -7.35
N PRO G 31 -57.52 5.39 -7.16
CA PRO G 31 -57.98 4.43 -6.16
C PRO G 31 -57.48 3.03 -6.48
N VAL G 32 -57.10 2.30 -5.42
CA VAL G 32 -56.61 0.94 -5.51
C VAL G 32 -57.52 -0.04 -4.77
N ASP G 33 -58.79 0.33 -4.59
CA ASP G 33 -59.77 -0.52 -3.92
C ASP G 33 -60.46 -1.47 -4.89
N GLY G 34 -60.69 -2.69 -4.43
CA GLY G 34 -61.48 -3.64 -5.19
C GLY G 34 -62.08 -4.77 -4.36
N GLU G 35 -63.39 -4.96 -4.48
CA GLU G 35 -64.07 -6.09 -3.84
C GLU G 35 -63.86 -6.09 -2.33
N GLY G 36 -63.94 -4.90 -1.72
CA GLY G 36 -63.84 -4.75 -0.29
C GLY G 36 -62.45 -4.80 0.31
N ASP G 37 -61.40 -4.71 -0.51
CA ASP G 37 -60.03 -4.74 -0.02
C ASP G 37 -59.23 -3.65 -0.72
N SER G 38 -58.06 -3.33 -0.18
CA SER G 38 -57.17 -2.33 -0.76
C SER G 38 -55.84 -2.98 -1.04
N TYR G 39 -55.41 -2.93 -2.30
CA TYR G 39 -54.24 -3.69 -2.72
C TYR G 39 -53.02 -2.80 -2.70
N LEU G 40 -52.67 -2.41 -1.48
CA LEU G 40 -51.48 -1.62 -1.18
C LEU G 40 -50.64 -2.41 -0.19
N ASN G 41 -49.37 -2.64 -0.55
CA ASN G 41 -48.44 -3.46 0.22
C ASN G 41 -47.33 -2.57 0.74
N TRP G 42 -46.71 -3.02 1.83
CA TRP G 42 -45.65 -2.26 2.50
C TRP G 42 -44.38 -3.11 2.62
N TYR G 43 -43.24 -2.52 2.24
CA TYR G 43 -41.95 -3.20 2.31
C TYR G 43 -40.96 -2.40 3.13
N GLN G 44 -40.03 -3.11 3.77
CA GLN G 44 -38.93 -2.55 4.56
C GLN G 44 -37.61 -2.98 3.94
N GLN G 45 -36.73 -2.02 3.65
CA GLN G 45 -35.45 -2.34 3.01
C GLN G 45 -34.30 -1.73 3.81
N LYS G 46 -33.62 -2.58 4.59
CA LYS G 46 -32.46 -2.16 5.36
C LYS G 46 -31.27 -1.95 4.42
N PRO G 47 -30.22 -1.29 4.90
CA PRO G 47 -29.07 -0.98 4.03
C PRO G 47 -28.38 -2.24 3.53
N GLY G 48 -28.17 -2.28 2.21
CA GLY G 48 -27.50 -3.40 1.57
C GLY G 48 -28.33 -4.66 1.41
N LYS G 49 -29.54 -4.71 1.95
CA LYS G 49 -30.42 -5.85 1.74
C LYS G 49 -31.52 -5.47 0.74
N ALA G 50 -32.19 -6.49 0.25
CA ALA G 50 -33.34 -6.30 -0.61
C ALA G 50 -34.57 -6.08 0.24
N PRO G 51 -35.60 -5.44 -0.30
CA PRO G 51 -36.81 -5.21 0.49
C PRO G 51 -37.37 -6.52 1.05
N LYS G 52 -38.16 -6.37 2.12
CA LYS G 52 -38.86 -7.46 2.77
C LYS G 52 -40.33 -7.09 2.84
N LEU G 53 -41.22 -8.04 2.56
CA LEU G 53 -42.65 -7.75 2.62
C LEU G 53 -43.06 -7.68 4.09
N LEU G 54 -43.77 -6.62 4.45
CA LEU G 54 -44.29 -6.45 5.80
C LEU G 54 -45.80 -6.64 5.85
N ILE G 55 -46.52 -5.91 5.01
CA ILE G 55 -47.97 -5.91 5.00
C ILE G 55 -48.43 -6.00 3.56
N TYR G 56 -49.44 -6.84 3.31
CA TYR G 56 -50.01 -6.96 1.99
C TYR G 56 -51.52 -6.71 2.05
N ALA G 57 -52.06 -6.17 0.95
CA ALA G 57 -53.47 -5.81 0.83
C ALA G 57 -53.92 -4.83 1.93
N ALA G 58 -53.10 -3.81 2.15
CA ALA G 58 -53.38 -2.67 3.02
C ALA G 58 -53.09 -2.91 4.50
N SER G 59 -53.59 -4.02 5.06
CA SER G 59 -53.59 -4.19 6.50
C SER G 59 -53.29 -5.60 6.99
N TYR G 60 -52.93 -6.53 6.12
CA TYR G 60 -52.68 -7.92 6.52
C TYR G 60 -51.18 -8.15 6.71
N LEU G 61 -50.82 -8.62 7.91
CA LEU G 61 -49.41 -8.76 8.27
C LEU G 61 -48.84 -10.00 7.61
N GLU G 62 -47.64 -9.86 7.04
CA GLU G 62 -46.98 -11.01 6.44
C GLU G 62 -46.45 -11.91 7.53
N SER G 63 -46.45 -13.22 7.25
CA SER G 63 -46.03 -14.19 8.25
C SER G 63 -44.62 -13.86 8.75
N GLY G 64 -44.45 -13.86 10.07
CA GLY G 64 -43.17 -13.59 10.69
C GLY G 64 -42.85 -12.12 10.91
N VAL G 65 -43.66 -11.21 10.42
CA VAL G 65 -43.41 -9.78 10.60
C VAL G 65 -43.86 -9.38 11.99
N PRO G 66 -43.05 -8.60 12.72
CA PRO G 66 -43.42 -8.26 14.10
C PRO G 66 -44.78 -7.59 14.16
N SER G 67 -45.52 -7.88 15.22
CA SER G 67 -46.87 -7.34 15.40
C SER G 67 -46.90 -5.83 15.65
N ARG G 68 -45.75 -5.22 15.99
CA ARG G 68 -45.70 -3.77 16.17
C ARG G 68 -45.84 -2.98 14.86
N PHE G 69 -45.71 -3.64 13.72
CA PHE G 69 -46.00 -3.01 12.44
C PHE G 69 -47.49 -3.19 12.12
N SER G 70 -48.10 -2.15 11.56
CA SER G 70 -49.52 -2.22 11.24
C SER G 70 -49.82 -1.32 10.04
N GLY G 71 -50.72 -1.79 9.18
CA GLY G 71 -51.14 -1.03 8.02
C GLY G 71 -52.62 -0.72 8.08
N SER G 72 -53.00 0.40 7.47
CA SER G 72 -54.39 0.83 7.49
C SER G 72 -54.60 1.73 6.28
N GLY G 73 -55.86 2.06 6.05
CA GLY G 73 -56.23 2.99 5.00
C GLY G 73 -57.08 2.34 3.93
N SER G 74 -57.56 3.21 3.04
CA SER G 74 -58.44 2.79 1.94
C SER G 74 -58.41 3.86 0.87
N GLY G 75 -58.85 3.47 -0.33
CA GLY G 75 -58.95 4.40 -1.43
C GLY G 75 -57.60 4.89 -1.90
N THR G 76 -57.28 6.13 -1.55
CA THR G 76 -56.04 6.75 -2.00
C THR G 76 -55.15 7.19 -0.84
N ASP G 77 -55.47 6.76 0.37
CA ASP G 77 -54.82 7.23 1.59
C ASP G 77 -54.52 6.01 2.46
N PHE G 78 -53.24 5.71 2.66
CA PHE G 78 -52.82 4.53 3.39
C PHE G 78 -51.75 4.91 4.42
N THR G 79 -51.68 4.12 5.48
CA THR G 79 -50.83 4.48 6.61
C THR G 79 -50.14 3.25 7.18
N LEU G 80 -48.82 3.30 7.23
CA LEU G 80 -48.01 2.34 7.98
C LEU G 80 -47.70 2.93 9.35
N THR G 81 -47.83 2.12 10.39
CA THR G 81 -47.60 2.57 11.76
C THR G 81 -46.68 1.60 12.48
N ILE G 82 -45.55 2.11 12.95
CA ILE G 82 -44.67 1.38 13.84
C ILE G 82 -44.95 1.90 15.25
N SER G 83 -45.59 1.07 16.09
CA SER G 83 -46.09 1.53 17.38
C SER G 83 -44.98 1.80 18.38
N SER G 84 -43.90 1.01 18.34
CA SER G 84 -42.80 1.18 19.27
C SER G 84 -41.50 0.90 18.51
N LEU G 85 -40.86 1.97 18.02
CA LEU G 85 -39.70 1.85 17.15
C LEU G 85 -38.56 1.14 17.87
N GLN G 86 -37.81 0.32 17.13
CA GLN G 86 -36.69 -0.45 17.64
C GLN G 86 -35.45 -0.15 16.82
N PRO G 87 -34.26 -0.43 17.35
CA PRO G 87 -33.03 -0.10 16.62
C PRO G 87 -32.95 -0.80 15.27
N GLU G 88 -33.45 -2.03 15.21
CA GLU G 88 -33.49 -2.82 13.98
C GLU G 88 -34.53 -2.33 12.99
N ASP G 89 -35.29 -1.30 13.34
CA ASP G 89 -36.22 -0.67 12.42
C ASP G 89 -35.59 0.47 11.62
N PHE G 90 -34.28 0.66 11.71
CA PHE G 90 -33.57 1.60 10.85
C PHE G 90 -33.59 1.08 9.42
N ALA G 91 -34.39 1.71 8.57
CA ALA G 91 -34.54 1.25 7.19
C ALA G 91 -35.31 2.31 6.42
N THR G 92 -35.33 2.15 5.10
CA THR G 92 -36.25 2.88 4.23
C THR G 92 -37.48 2.01 4.00
N TYR G 93 -38.66 2.62 4.04
CA TYR G 93 -39.93 1.92 3.90
C TYR G 93 -40.62 2.36 2.62
N TYR G 94 -41.10 1.39 1.84
CA TYR G 94 -41.75 1.64 0.58
C TYR G 94 -43.17 1.08 0.61
N CYS G 95 -44.09 1.82 0.00
CA CYS G 95 -45.42 1.31 -0.32
C CYS G 95 -45.48 0.94 -1.80
N GLN G 96 -46.33 -0.02 -2.13
CA GLN G 96 -46.49 -0.44 -3.52
C GLN G 96 -47.93 -0.84 -3.76
N GLN G 97 -48.50 -0.34 -4.85
CA GLN G 97 -49.85 -0.69 -5.26
C GLN G 97 -49.78 -1.83 -6.27
N SER G 98 -50.63 -2.84 -6.09
CA SER G 98 -50.70 -3.98 -6.98
C SER G 98 -52.12 -4.15 -7.53
N HIS G 99 -52.79 -3.03 -7.78
CA HIS G 99 -54.17 -2.99 -8.25
C HIS G 99 -54.27 -2.85 -9.76
N GLU G 100 -53.25 -2.27 -10.39
CA GLU G 100 -53.33 -1.82 -11.76
C GLU G 100 -51.95 -1.95 -12.38
N ASP G 101 -51.89 -2.35 -13.66
CA ASP G 101 -50.61 -2.48 -14.33
C ASP G 101 -50.19 -1.19 -15.01
N PRO G 102 -48.89 -0.87 -14.92
CA PRO G 102 -47.90 -1.68 -14.21
C PRO G 102 -47.84 -1.40 -12.71
N TYR G 103 -47.37 -2.37 -11.93
CA TYR G 103 -47.15 -2.16 -10.51
C TYR G 103 -46.10 -1.08 -10.29
N THR G 104 -46.41 -0.14 -9.37
CA THR G 104 -45.56 1.00 -9.06
C THR G 104 -45.27 1.03 -7.57
N PHE G 105 -44.13 1.62 -7.22
CA PHE G 105 -43.72 1.84 -5.85
C PHE G 105 -43.78 3.32 -5.49
N GLY G 106 -43.78 3.60 -4.20
CA GLY G 106 -43.54 4.94 -3.71
C GLY G 106 -42.06 5.27 -3.75
N GLN G 107 -41.73 6.51 -3.39
CA GLN G 107 -40.34 6.94 -3.49
C GLN G 107 -39.49 6.45 -2.32
N GLY G 108 -40.10 6.12 -1.20
CA GLY G 108 -39.39 5.63 -0.03
C GLY G 108 -39.40 6.62 1.13
N THR G 109 -39.39 6.08 2.35
CA THR G 109 -39.37 6.85 3.59
C THR G 109 -38.22 6.37 4.46
N LYS G 110 -37.19 7.20 4.62
CA LYS G 110 -36.04 6.81 5.46
C LYS G 110 -36.36 7.11 6.93
N VAL G 111 -36.22 6.08 7.77
CA VAL G 111 -36.46 6.19 9.21
C VAL G 111 -35.15 6.02 9.96
N GLU G 112 -34.62 7.12 10.50
CA GLU G 112 -33.38 7.11 11.27
C GLU G 112 -33.66 7.08 12.77
N ILE G 113 -32.74 6.48 13.50
CA ILE G 113 -32.82 6.41 14.95
C ILE G 113 -31.96 7.53 15.51
N LYS G 114 -32.62 8.51 16.14
CA LYS G 114 -32.02 9.75 16.60
C LYS G 114 -30.60 9.58 17.17
N ARG H 36 19.19 6.83 10.63
CA ARG H 36 17.74 7.00 10.51
C ARG H 36 16.99 5.73 10.90
N GLY H 37 17.62 4.90 11.74
CA GLY H 37 16.99 3.70 12.27
C GLY H 37 16.28 3.87 13.60
N VAL H 38 16.47 5.04 14.24
CA VAL H 38 15.88 5.33 15.54
C VAL H 38 14.35 5.38 15.47
N SER H 39 13.71 4.97 16.56
CA SER H 39 12.25 4.97 16.66
C SER H 39 11.81 5.63 17.97
N ALA H 40 10.65 6.30 17.92
CA ALA H 40 10.10 7.01 19.06
C ALA H 40 8.60 6.75 19.19
N TYR H 41 8.13 6.52 20.43
CA TYR H 41 6.73 6.23 20.70
C TYR H 41 6.24 7.00 21.92
N LEU H 42 5.00 7.51 21.86
CA LEU H 42 4.36 8.18 22.99
C LEU H 42 3.05 7.50 23.32
N SER H 43 2.95 6.94 24.53
CA SER H 43 1.78 6.18 24.92
C SER H 43 0.85 7.09 25.72
N ARG H 44 -0.44 6.79 25.66
CA ARG H 44 -1.43 7.49 26.46
C ARG H 44 -1.52 6.91 27.86
N PRO H 45 -2.19 7.60 28.77
CA PRO H 45 -2.41 7.05 30.11
C PRO H 45 -3.30 5.82 30.02
N SER H 46 -2.95 4.77 30.78
CA SER H 46 -3.82 3.61 30.80
C SER H 46 -5.12 3.99 31.51
N PRO H 47 -6.28 3.53 31.01
CA PRO H 47 -7.54 3.90 31.67
C PRO H 47 -7.58 3.52 33.14
N PHE H 48 -6.88 2.46 33.55
CA PHE H 48 -6.82 2.13 34.97
C PHE H 48 -6.14 3.25 35.74
N ASP H 49 -4.96 3.66 35.29
CA ASP H 49 -4.25 4.76 35.95
C ASP H 49 -5.09 6.04 35.94
N LEU H 50 -5.94 6.21 34.93
CA LEU H 50 -6.63 7.48 34.80
C LEU H 50 -7.77 7.60 35.81
N PHE H 51 -8.59 6.55 35.93
CA PHE H 51 -9.82 6.65 36.71
C PHE H 51 -9.76 5.93 38.05
N ILE H 52 -9.07 4.80 38.11
CA ILE H 52 -9.03 4.03 39.36
C ILE H 52 -7.89 4.55 40.21
N ARG H 53 -6.65 4.41 39.73
CA ARG H 53 -5.55 4.96 40.50
C ARG H 53 -5.62 6.48 40.58
N LYS H 54 -6.15 7.12 39.53
CA LYS H 54 -6.22 8.58 39.46
C LYS H 54 -4.83 9.18 39.56
N SER H 55 -3.87 8.51 38.94
CA SER H 55 -2.51 9.02 38.77
C SER H 55 -2.04 8.67 37.36
N PRO H 56 -2.61 9.32 36.35
CA PRO H 56 -2.25 8.98 34.97
C PRO H 56 -0.84 9.44 34.61
N THR H 57 -0.20 8.67 33.73
CA THR H 57 1.12 9.00 33.22
C THR H 57 1.20 8.66 31.75
N ILE H 58 2.05 9.38 31.02
CA ILE H 58 2.34 9.09 29.64
C ILE H 58 3.84 8.82 29.50
N THR H 59 4.19 7.96 28.56
CA THR H 59 5.56 7.47 28.42
C THR H 59 6.08 7.73 27.01
N CYS H 60 7.30 8.24 26.92
CA CYS H 60 7.97 8.50 25.65
C CYS H 60 9.08 7.47 25.50
N LEU H 61 8.91 6.55 24.54
CA LEU H 61 9.77 5.39 24.37
C LEU H 61 10.65 5.56 23.14
N VAL H 62 11.96 5.36 23.32
CA VAL H 62 12.96 5.51 22.26
C VAL H 62 13.69 4.18 22.08
N VAL H 63 13.86 3.74 20.83
CA VAL H 63 14.44 2.43 20.52
C VAL H 63 15.43 2.55 19.38
N ASP H 64 16.19 1.48 19.17
CA ASP H 64 17.14 1.34 18.07
C ASP H 64 18.36 2.24 18.22
N LEU H 65 18.68 2.67 19.43
CA LEU H 65 19.86 3.50 19.67
C LEU H 65 21.06 2.64 20.06
N ALA H 66 22.20 2.91 19.42
CA ALA H 66 23.44 2.18 19.67
C ALA H 66 24.03 2.54 21.04
N PRO H 67 24.57 1.57 21.78
CA PRO H 67 25.22 1.92 23.06
C PRO H 67 26.34 2.92 22.88
N SER H 68 27.11 2.81 21.81
CA SER H 68 28.21 3.73 21.56
C SER H 68 27.71 5.17 21.41
N LYS H 69 26.53 5.35 20.85
CA LYS H 69 26.03 6.71 20.67
C LYS H 69 25.89 7.39 22.02
N GLY H 70 26.16 8.69 22.04
CA GLY H 70 26.00 9.45 23.26
C GLY H 70 24.56 9.48 23.72
N THR H 71 24.38 9.71 25.02
CA THR H 71 23.03 9.71 25.57
C THR H 71 22.19 10.82 24.94
N VAL H 72 20.91 10.52 24.73
CA VAL H 72 19.95 11.42 24.08
C VAL H 72 19.31 12.36 25.08
N ASN H 73 19.13 13.61 24.67
CA ASN H 73 18.41 14.61 25.45
C ASN H 73 16.91 14.47 25.15
N LEU H 74 16.10 14.30 26.20
CA LEU H 74 14.67 14.10 26.07
C LEU H 74 13.92 15.14 26.90
N THR H 75 13.02 15.90 26.26
CA THR H 75 12.31 16.98 26.93
C THR H 75 10.82 16.93 26.56
N TRP H 76 10.00 17.56 27.40
CA TRP H 76 8.55 17.57 27.28
C TRP H 76 8.04 19.00 27.07
N SER H 77 6.85 19.12 26.50
CA SER H 77 6.22 20.39 26.20
C SER H 77 4.70 20.25 26.21
N ARG H 78 3.99 21.27 26.69
CA ARG H 78 2.54 21.26 26.71
C ARG H 78 1.99 22.31 25.76
N ALA H 79 0.90 21.96 25.08
CA ALA H 79 0.30 22.87 24.11
C ALA H 79 -0.15 24.16 24.76
N SER H 80 -0.59 24.13 26.02
CA SER H 80 -1.09 25.30 26.71
C SER H 80 0.00 26.25 27.18
N GLY H 81 1.24 25.78 27.31
CA GLY H 81 2.32 26.57 27.87
C GLY H 81 2.51 26.42 29.36
N LYS H 82 1.60 25.71 30.03
CA LYS H 82 1.76 25.42 31.45
C LYS H 82 2.94 24.48 31.64
N PRO H 83 3.59 24.53 32.80
CA PRO H 83 4.78 23.70 33.04
C PRO H 83 4.50 22.21 33.04
N VAL H 84 5.58 21.44 32.93
CA VAL H 84 5.59 19.98 32.96
C VAL H 84 6.27 19.47 34.24
N ASN H 85 5.74 18.37 34.80
CA ASN H 85 6.27 17.81 36.03
C ASN H 85 7.58 17.06 35.78
N HIS H 86 8.31 16.80 36.86
CA HIS H 86 9.50 15.97 36.75
C HIS H 86 9.14 14.59 36.24
N SER H 87 9.97 14.07 35.36
CA SER H 87 9.75 12.80 34.69
C SER H 87 10.89 11.87 35.03
N THR H 88 10.59 10.57 35.08
CA THR H 88 11.61 9.60 35.42
C THR H 88 12.14 8.96 34.15
N ARG H 89 13.47 8.83 34.09
CA ARG H 89 14.16 8.33 32.91
C ARG H 89 14.80 6.98 33.23
N LYS H 90 14.49 5.97 32.42
CA LYS H 90 15.07 4.65 32.58
C LYS H 90 15.74 4.22 31.29
N GLU H 91 16.88 3.56 31.42
CA GLU H 91 17.68 3.11 30.28
C GLU H 91 17.97 1.63 30.49
N GLU H 92 17.78 0.82 29.44
CA GLU H 92 17.90 -0.63 29.57
C GLU H 92 18.67 -1.20 28.39
N LYS H 93 19.69 -2.00 28.68
CA LYS H 93 20.33 -2.83 27.65
C LYS H 93 19.40 -3.98 27.28
N GLN H 94 19.52 -4.46 26.05
CA GLN H 94 18.63 -5.49 25.54
C GLN H 94 19.42 -6.65 24.96
N ARG H 95 18.76 -7.79 24.83
CA ARG H 95 19.40 -8.94 24.22
C ARG H 95 19.87 -8.64 22.80
N ASN H 96 19.24 -7.66 22.14
CA ASN H 96 19.47 -7.45 20.72
C ASN H 96 20.53 -6.40 20.41
N GLY H 97 21.12 -5.77 21.43
CA GLY H 97 22.16 -4.80 21.22
C GLY H 97 21.71 -3.36 21.06
N THR H 98 20.41 -3.10 21.02
CA THR H 98 19.88 -1.75 20.86
C THR H 98 19.42 -1.21 22.20
N LEU H 99 19.86 0.01 22.51
CA LEU H 99 19.49 0.69 23.76
C LEU H 99 18.04 1.15 23.73
N THR H 100 17.34 0.99 24.86
CA THR H 100 15.97 1.44 25.03
C THR H 100 15.91 2.51 26.11
N VAL H 101 15.33 3.67 25.78
CA VAL H 101 15.20 4.79 26.71
C VAL H 101 13.73 5.18 26.84
N THR H 102 13.24 5.31 28.07
CA THR H 102 11.87 5.72 28.32
C THR H 102 11.83 6.84 29.35
N SER H 103 10.86 7.73 29.18
CA SER H 103 10.62 8.85 30.09
C SER H 103 9.14 8.85 30.44
N THR H 104 8.85 8.75 31.73
CA THR H 104 7.46 8.73 32.18
C THR H 104 7.14 10.07 32.83
N LEU H 105 6.05 10.69 32.39
CA LEU H 105 5.66 12.01 32.87
C LEU H 105 4.29 11.94 33.51
N PRO H 106 4.17 12.23 34.80
CA PRO H 106 2.84 12.33 35.40
C PRO H 106 2.08 13.51 34.82
N VAL H 107 0.77 13.33 34.64
CA VAL H 107 -0.10 14.32 34.03
C VAL H 107 -1.31 14.53 34.93
N GLY H 108 -1.89 15.72 34.81
CA GLY H 108 -3.08 16.02 35.58
C GLY H 108 -4.25 15.20 35.10
N THR H 109 -5.08 14.75 36.04
CA THR H 109 -6.31 14.04 35.66
C THR H 109 -7.24 14.96 34.86
N ARG H 110 -7.55 16.14 35.41
CA ARG H 110 -8.45 17.06 34.71
C ARG H 110 -7.76 17.71 33.52
N ASP H 111 -6.43 17.86 33.56
CA ASP H 111 -5.72 18.37 32.40
C ASP H 111 -5.90 17.45 31.20
N TRP H 112 -5.67 16.15 31.40
CA TRP H 112 -5.77 15.20 30.30
C TRP H 112 -7.19 15.12 29.75
N ILE H 113 -8.17 14.95 30.65
CA ILE H 113 -9.56 14.80 30.23
C ILE H 113 -10.07 16.04 29.50
N GLU H 114 -9.55 17.22 29.86
CA GLU H 114 -10.03 18.47 29.29
C GLU H 114 -9.58 18.66 27.84
N GLY H 115 -8.58 17.93 27.39
CA GLY H 115 -8.10 18.01 26.03
C GLY H 115 -6.70 18.56 25.86
N GLU H 116 -5.88 18.53 26.91
CA GLU H 116 -4.53 19.06 26.78
C GLU H 116 -3.73 18.22 25.80
N THR H 117 -2.78 18.86 25.13
CA THR H 117 -1.83 18.20 24.23
C THR H 117 -0.44 18.23 24.84
N TYR H 118 0.12 17.05 25.11
CA TYR H 118 1.48 16.86 25.60
C TYR H 118 2.38 16.43 24.45
N GLN H 119 3.65 16.83 24.52
CA GLN H 119 4.56 16.55 23.42
C GLN H 119 5.93 16.20 23.95
N CYS H 120 6.55 15.22 23.30
CA CYS H 120 7.86 14.69 23.66
C CYS H 120 8.83 14.99 22.54
N ARG H 121 10.04 15.44 22.89
CA ARG H 121 11.08 15.75 21.92
C ARG H 121 12.35 14.98 22.26
N VAL H 122 12.95 14.37 21.24
CA VAL H 122 14.18 13.60 21.38
C VAL H 122 15.29 14.35 20.65
N THR H 123 16.39 14.62 21.35
CA THR H 123 17.51 15.32 20.76
C THR H 123 18.64 14.32 20.72
N HIS H 124 19.30 14.22 19.57
CA HIS H 124 20.37 13.24 19.48
C HIS H 124 21.60 13.92 18.90
N PRO H 125 22.78 13.65 19.44
CA PRO H 125 23.99 14.21 18.85
C PRO H 125 24.20 13.75 17.42
N HIS H 126 23.98 12.46 17.17
CA HIS H 126 24.17 11.91 15.84
C HIS H 126 23.08 12.35 14.87
N LEU H 127 21.95 12.83 15.37
CA LEU H 127 20.86 13.29 14.49
C LEU H 127 20.79 14.80 14.50
N PRO H 128 20.89 15.48 13.36
CA PRO H 128 20.74 16.95 13.36
C PRO H 128 19.31 17.38 13.64
N ARG H 129 18.35 16.83 12.89
CA ARG H 129 16.94 17.08 13.18
C ARG H 129 16.50 16.30 14.41
N ALA H 130 15.42 16.77 15.02
CA ALA H 130 14.84 16.15 16.20
C ALA H 130 13.58 15.39 15.86
N LEU H 131 13.31 14.34 16.63
CA LEU H 131 12.05 13.62 16.56
C LEU H 131 11.06 14.18 17.56
N MET H 132 9.79 14.17 17.19
CA MET H 132 8.73 14.70 18.04
C MET H 132 7.54 13.76 17.98
N ARG H 133 6.90 13.54 19.12
CA ARG H 133 5.68 12.75 19.19
C ARG H 133 4.70 13.45 20.11
N SER H 134 3.43 13.43 19.74
CA SER H 134 2.39 14.20 20.42
C SER H 134 1.25 13.27 20.83
N THR H 135 0.57 13.62 21.92
CA THR H 135 -0.57 12.85 22.42
C THR H 135 -1.67 13.76 22.97
N THR H 136 -2.92 13.30 22.82
CA THR H 136 -4.09 14.02 23.28
C THR H 136 -5.19 13.02 23.54
N LYS H 137 -6.16 13.42 24.35
CA LYS H 137 -7.32 12.56 24.57
C LYS H 137 -7.98 12.30 23.23
N THR H 138 -8.15 11.02 22.90
CA THR H 138 -8.70 10.65 21.61
C THR H 138 -10.17 11.04 21.51
N SER H 139 -10.54 11.65 20.40
CA SER H 139 -11.88 12.17 20.18
C SER H 139 -12.68 11.26 19.26
N GLY H 140 -13.97 11.12 19.54
CA GLY H 140 -14.88 10.34 18.75
C GLY H 140 -16.06 9.89 19.58
N PRO H 141 -16.94 9.08 19.02
CA PRO H 141 -18.06 8.56 19.81
C PRO H 141 -17.60 7.61 20.91
N ARG H 142 -18.48 7.38 21.88
CA ARG H 142 -18.20 6.59 23.06
C ARG H 142 -19.18 5.41 23.13
N ALA H 143 -18.68 4.24 23.52
CA ALA H 143 -19.51 3.04 23.67
C ALA H 143 -18.98 2.21 24.83
N ALA H 144 -19.87 1.79 25.73
CA ALA H 144 -19.45 0.99 26.87
C ALA H 144 -19.00 -0.40 26.40
N PRO H 145 -17.99 -0.98 27.05
CA PRO H 145 -17.53 -2.30 26.61
C PRO H 145 -18.48 -3.38 27.07
N GLU H 146 -18.70 -4.35 26.20
CA GLU H 146 -19.44 -5.55 26.54
C GLU H 146 -18.43 -6.57 27.03
N VAL H 147 -18.75 -7.27 28.10
CA VAL H 147 -17.81 -8.21 28.71
C VAL H 147 -18.43 -9.62 28.77
N TYR H 148 -17.66 -10.61 28.33
CA TYR H 148 -18.06 -12.01 28.35
C TYR H 148 -16.86 -12.84 28.82
N ALA H 149 -17.10 -13.73 29.79
CA ALA H 149 -16.05 -14.57 30.37
C ALA H 149 -16.41 -16.04 30.23
N PHE H 150 -15.44 -16.87 29.85
CA PHE H 150 -15.66 -18.30 29.61
C PHE H 150 -14.56 -19.13 30.27
N ALA H 151 -14.86 -20.40 30.56
CA ALA H 151 -13.91 -21.35 31.10
C ALA H 151 -13.76 -22.56 30.18
N THR H 152 -12.51 -22.97 29.89
CA THR H 152 -12.32 -24.14 29.03
C THR H 152 -12.60 -25.44 29.77
N PRO H 153 -13.20 -26.43 29.11
CA PRO H 153 -13.34 -27.75 29.72
C PRO H 153 -11.98 -28.41 29.89
N GLU H 154 -11.89 -29.29 30.89
CA GLU H 154 -10.64 -29.97 31.18
C GLU H 154 -10.22 -30.88 30.04
N TRP H 155 -8.91 -30.96 29.81
CA TRP H 155 -8.34 -31.72 28.70
C TRP H 155 -7.34 -32.73 29.23
N PRO H 156 -7.26 -33.91 28.60
CA PRO H 156 -6.40 -34.97 29.15
C PRO H 156 -4.91 -34.62 29.08
N GLY H 157 -4.24 -34.78 30.22
CA GLY H 157 -2.86 -34.40 30.40
C GLY H 157 -2.66 -32.98 30.92
N SER H 158 -3.73 -32.18 30.97
CA SER H 158 -3.71 -30.83 31.52
C SER H 158 -4.68 -30.73 32.71
N ARG H 159 -4.76 -31.81 33.51
CA ARG H 159 -5.81 -31.91 34.51
C ARG H 159 -5.62 -30.93 35.67
N ASP H 160 -4.37 -30.74 36.10
CA ASP H 160 -4.04 -29.74 37.12
C ASP H 160 -4.03 -28.33 36.53
N LYS H 161 -4.56 -28.17 35.32
CA LYS H 161 -4.57 -26.91 34.60
C LYS H 161 -5.98 -26.55 34.17
N ARG H 162 -6.23 -25.25 34.10
CA ARG H 162 -7.47 -24.77 33.51
C ARG H 162 -7.20 -23.41 32.89
N THR H 163 -7.88 -23.13 31.79
CA THR H 163 -7.70 -21.89 31.06
C THR H 163 -9.00 -21.09 31.03
N LEU H 164 -8.91 -19.78 31.32
CA LEU H 164 -10.05 -18.88 31.33
C LEU H 164 -9.90 -17.82 30.23
N ALA H 165 -11.03 -17.45 29.62
CA ALA H 165 -11.06 -16.51 28.50
C ALA H 165 -12.04 -15.37 28.76
N CYS H 166 -11.71 -14.19 28.23
CA CYS H 166 -12.58 -13.02 28.31
C CYS H 166 -12.58 -12.27 26.98
N LEU H 167 -13.79 -11.93 26.49
CA LEU H 167 -13.95 -11.16 25.26
C LEU H 167 -14.60 -9.82 25.59
N ILE H 168 -13.90 -8.73 25.28
CA ILE H 168 -14.35 -7.38 25.55
C ILE H 168 -14.45 -6.67 24.21
N GLN H 169 -15.63 -6.15 23.87
CA GLN H 169 -15.86 -5.72 22.50
C GLN H 169 -16.87 -4.58 22.43
N ASN H 170 -16.91 -3.94 21.25
CA ASN H 170 -17.89 -2.92 20.90
C ASN H 170 -17.77 -1.68 21.79
N PHE H 171 -16.54 -1.37 22.17
CA PHE H 171 -16.21 -0.20 22.97
C PHE H 171 -15.37 0.74 22.13
N MET H 172 -15.55 2.04 22.34
CA MET H 172 -14.66 3.01 21.73
C MET H 172 -14.60 4.29 22.55
N PRO H 173 -13.43 4.95 22.58
CA PRO H 173 -12.19 4.65 21.83
C PRO H 173 -11.45 3.38 22.30
N GLU H 174 -10.29 3.14 21.68
CA GLU H 174 -9.54 1.89 21.87
C GLU H 174 -8.84 1.78 23.21
N ASP H 175 -8.69 2.88 23.95
CA ASP H 175 -8.01 2.87 25.24
C ASP H 175 -8.78 2.02 26.23
N ILE H 176 -8.17 0.93 26.70
CA ILE H 176 -8.84 0.03 27.62
C ILE H 176 -7.76 -0.68 28.43
N SER H 177 -8.11 -1.08 29.65
CA SER H 177 -7.25 -1.90 30.48
C SER H 177 -8.01 -3.12 30.98
N VAL H 178 -7.31 -4.23 31.09
CA VAL H 178 -7.88 -5.51 31.49
C VAL H 178 -7.11 -6.01 32.70
N GLN H 179 -7.85 -6.42 33.74
CA GLN H 179 -7.29 -6.98 34.96
C GLN H 179 -8.08 -8.22 35.36
N TRP H 180 -7.37 -9.19 35.94
CA TRP H 180 -7.98 -10.40 36.44
C TRP H 180 -7.89 -10.41 37.97
N LEU H 181 -9.02 -10.57 38.63
CA LEU H 181 -9.09 -10.61 40.08
C LEU H 181 -9.54 -11.99 40.51
N HIS H 182 -8.82 -12.59 41.47
CA HIS H 182 -9.19 -13.87 42.07
C HIS H 182 -9.37 -13.68 43.57
N ASN H 183 -10.61 -13.80 44.04
CA ASN H 183 -10.93 -13.69 45.46
C ASN H 183 -10.69 -12.26 45.93
N GLU H 184 -11.28 -11.32 45.18
CA GLU H 184 -11.31 -9.88 45.45
C GLU H 184 -9.93 -9.23 45.44
N VAL H 185 -8.87 -9.99 45.15
CA VAL H 185 -7.52 -9.46 45.03
C VAL H 185 -7.07 -9.64 43.57
N GLN H 186 -6.68 -8.53 42.93
CA GLN H 186 -6.31 -8.52 41.53
C GLN H 186 -5.01 -9.28 41.27
N LEU H 187 -5.00 -10.07 40.18
CA LEU H 187 -3.89 -10.93 39.80
C LEU H 187 -2.82 -10.19 39.00
N PRO H 188 -1.56 -10.60 39.12
CA PRO H 188 -0.49 -9.89 38.43
C PRO H 188 -0.77 -9.77 36.94
N ASP H 189 -0.26 -8.69 36.35
CA ASP H 189 -0.43 -8.51 34.91
C ASP H 189 0.38 -9.55 34.13
N ALA H 190 1.40 -10.13 34.74
CA ALA H 190 2.22 -11.16 34.11
C ALA H 190 1.52 -12.53 34.05
N ARG H 191 0.44 -12.72 34.78
CA ARG H 191 -0.27 -14.00 34.73
C ARG H 191 -1.08 -14.15 33.46
N HIS H 192 -1.51 -13.05 32.85
CA HIS H 192 -2.42 -13.08 31.73
C HIS H 192 -1.82 -12.40 30.51
N SER H 193 -2.34 -12.75 29.34
CA SER H 193 -1.93 -12.18 28.07
C SER H 193 -3.17 -11.60 27.40
N THR H 194 -3.10 -10.32 27.02
CA THR H 194 -4.22 -9.65 26.37
C THR H 194 -3.78 -9.04 25.05
N THR H 195 -4.64 -9.18 24.04
CA THR H 195 -4.32 -8.71 22.70
C THR H 195 -4.50 -7.21 22.60
N GLN H 196 -3.90 -6.64 21.57
CA GLN H 196 -4.10 -5.23 21.30
C GLN H 196 -5.49 -5.02 20.73
N PRO H 197 -6.10 -3.87 20.97
CA PRO H 197 -7.44 -3.61 20.42
C PRO H 197 -7.41 -3.63 18.90
N ARG H 198 -8.34 -4.41 18.32
CA ARG H 198 -8.51 -4.53 16.88
C ARG H 198 -9.92 -4.05 16.52
N LYS H 199 -10.10 -3.63 15.27
CA LYS H 199 -11.38 -3.10 14.83
C LYS H 199 -12.41 -4.23 14.70
N THR H 200 -13.67 -3.90 15.01
CA THR H 200 -14.75 -4.83 14.76
C THR H 200 -15.35 -4.55 13.39
N LYS H 201 -16.13 -5.50 12.88
CA LYS H 201 -16.80 -5.27 11.60
C LYS H 201 -17.73 -4.07 11.70
N GLY H 202 -18.27 -3.80 12.89
CA GLY H 202 -18.93 -2.54 13.18
C GLY H 202 -17.90 -1.45 13.38
N SER H 203 -18.31 -0.41 14.11
CA SER H 203 -17.39 0.70 14.40
C SER H 203 -16.52 0.45 15.63
N GLY H 204 -16.89 -0.49 16.52
CA GLY H 204 -16.19 -0.69 17.78
C GLY H 204 -14.94 -1.55 17.71
N PHE H 205 -14.22 -1.59 18.83
CA PHE H 205 -13.03 -2.40 19.03
C PHE H 205 -13.33 -3.63 19.89
N PHE H 206 -12.37 -4.56 19.95
CA PHE H 206 -12.47 -5.75 20.79
C PHE H 206 -11.08 -6.22 21.21
N VAL H 207 -11.01 -6.89 22.36
CA VAL H 207 -9.77 -7.51 22.83
C VAL H 207 -10.11 -8.84 23.48
N PHE H 208 -9.12 -9.72 23.52
CA PHE H 208 -9.21 -11.05 24.15
C PHE H 208 -8.20 -11.12 25.28
N SER H 209 -8.60 -11.68 26.43
CA SER H 209 -7.69 -11.89 27.54
C SER H 209 -7.74 -13.35 27.96
N ARG H 210 -6.56 -13.94 28.22
CA ARG H 210 -6.43 -15.37 28.50
C ARG H 210 -5.57 -15.57 29.74
N LEU H 211 -6.02 -16.45 30.61
CA LEU H 211 -5.41 -16.66 31.92
C LEU H 211 -5.44 -18.13 32.25
N GLU H 212 -4.27 -18.69 32.57
CA GLU H 212 -4.19 -20.08 32.99
C GLU H 212 -4.23 -20.12 34.51
N VAL H 213 -5.18 -20.88 35.05
CA VAL H 213 -5.38 -20.99 36.49
C VAL H 213 -5.13 -22.43 36.91
N THR H 214 -4.60 -22.59 38.12
CA THR H 214 -4.24 -23.89 38.66
C THR H 214 -5.41 -24.50 39.44
N ARG H 215 -5.32 -25.82 39.67
CA ARG H 215 -6.34 -26.46 40.50
C ARG H 215 -6.37 -25.85 41.89
N ALA H 216 -5.20 -25.49 42.42
CA ALA H 216 -5.15 -24.91 43.76
C ALA H 216 -5.93 -23.61 43.85
N GLU H 217 -6.00 -22.85 42.77
CA GLU H 217 -6.67 -21.56 42.84
C GLU H 217 -8.19 -21.72 42.85
N TRP H 218 -8.75 -22.48 41.91
CA TRP H 218 -10.20 -22.57 41.79
C TRP H 218 -10.84 -23.41 42.89
N GLU H 219 -10.06 -24.22 43.59
CA GLU H 219 -10.59 -24.95 44.75
C GLU H 219 -10.68 -24.05 45.98
N GLN H 220 -9.82 -23.04 46.08
CA GLN H 220 -9.93 -22.04 47.15
C GLN H 220 -11.23 -21.25 47.03
N LYS H 221 -11.47 -20.67 45.86
CA LYS H 221 -12.72 -20.00 45.53
C LYS H 221 -12.91 -20.07 44.03
N ASP H 222 -14.03 -20.65 43.59
CA ASP H 222 -14.25 -20.88 42.17
C ASP H 222 -14.92 -19.71 41.47
N GLU H 223 -14.51 -18.48 41.79
CA GLU H 223 -14.99 -17.30 41.09
C GLU H 223 -13.80 -16.48 40.62
N PHE H 224 -13.79 -16.16 39.32
CA PHE H 224 -12.77 -15.31 38.72
C PHE H 224 -13.45 -14.19 37.93
N ILE H 225 -12.92 -12.99 38.10
CA ILE H 225 -13.53 -11.76 37.62
C ILE H 225 -12.71 -11.22 36.46
N CYS H 226 -13.36 -10.94 35.34
CA CYS H 226 -12.74 -10.21 34.25
C CYS H 226 -13.24 -8.77 34.33
N ARG H 227 -12.33 -7.85 34.63
CA ARG H 227 -12.68 -6.44 34.79
C ARG H 227 -12.00 -5.64 33.69
N ALA H 228 -12.77 -4.75 33.06
CA ALA H 228 -12.26 -3.79 32.09
C ALA H 228 -12.49 -2.38 32.63
N VAL H 229 -11.57 -1.48 32.34
CA VAL H 229 -11.69 -0.07 32.69
C VAL H 229 -11.70 0.73 31.40
N HIS H 230 -12.78 1.48 31.19
CA HIS H 230 -13.01 2.22 29.96
C HIS H 230 -13.80 3.47 30.29
N GLU H 231 -13.45 4.59 29.63
CA GLU H 231 -14.09 5.87 30.00
C GLU H 231 -15.59 5.87 29.73
N ALA H 232 -16.05 5.12 28.73
CA ALA H 232 -17.46 5.07 28.38
C ALA H 232 -18.31 4.19 29.30
N ALA H 233 -17.69 3.33 30.12
CA ALA H 233 -18.43 2.48 31.02
C ALA H 233 -19.07 3.29 32.14
N SER H 234 -20.31 2.96 32.49
CA SER H 234 -21.01 3.75 33.48
C SER H 234 -21.71 2.87 34.54
N PRO H 235 -21.54 3.22 35.82
CA PRO H 235 -20.62 4.29 36.24
C PRO H 235 -19.28 3.73 36.73
N SER H 236 -18.37 4.62 37.11
CA SER H 236 -17.05 4.26 37.64
C SER H 236 -16.10 3.73 36.59
N GLN H 237 -16.48 3.77 35.30
CA GLN H 237 -15.61 3.32 34.22
C GLN H 237 -15.19 1.87 34.44
N THR H 238 -16.12 1.05 34.92
CA THR H 238 -15.83 -0.33 35.21
C THR H 238 -17.00 -1.21 34.78
N VAL H 239 -16.68 -2.24 34.01
CA VAL H 239 -17.60 -3.31 33.67
C VAL H 239 -16.86 -4.61 33.95
N GLN H 240 -17.53 -5.56 34.57
CA GLN H 240 -16.86 -6.81 34.90
C GLN H 240 -17.86 -7.96 34.85
N ARG H 241 -17.32 -9.16 34.64
CA ARG H 241 -18.11 -10.39 34.63
C ARG H 241 -17.36 -11.44 35.42
N ALA H 242 -18.11 -12.31 36.09
CA ALA H 242 -17.53 -13.39 36.86
C ALA H 242 -17.66 -14.71 36.10
N VAL H 243 -16.71 -15.61 36.32
CA VAL H 243 -16.72 -16.91 35.68
C VAL H 243 -16.16 -17.94 36.64
N SER H 244 -16.60 -19.19 36.46
CA SER H 244 -16.23 -20.31 37.31
C SER H 244 -15.64 -21.41 36.42
N VAL H 245 -14.78 -22.24 37.02
CA VAL H 245 -14.20 -23.39 36.33
C VAL H 245 -15.25 -24.45 36.04
N ARG I 36 31.01 6.61 -4.23
CA ARG I 36 31.40 7.06 -5.57
C ARG I 36 32.26 8.32 -5.48
N GLY I 37 33.57 8.12 -5.31
CA GLY I 37 34.51 9.22 -5.32
C GLY I 37 35.26 9.32 -6.65
N VAL I 38 34.67 8.76 -7.70
CA VAL I 38 35.29 8.76 -9.01
C VAL I 38 35.41 10.18 -9.56
N SER I 39 36.52 10.45 -10.25
CA SER I 39 36.83 11.76 -10.81
C SER I 39 37.16 11.60 -12.28
N ALA I 40 36.82 12.62 -13.07
CA ALA I 40 37.04 12.62 -14.51
C ALA I 40 37.60 13.96 -14.94
N TYR I 41 38.61 13.91 -15.80
CA TYR I 41 39.22 15.12 -16.34
C TYR I 41 39.37 14.94 -17.85
N LEU I 42 39.08 16.00 -18.60
CA LEU I 42 39.28 16.00 -20.04
C LEU I 42 40.22 17.15 -20.37
N SER I 43 41.36 16.81 -20.96
CA SER I 43 42.44 17.76 -21.21
C SER I 43 42.39 18.30 -22.63
N ARG I 44 42.87 19.52 -22.80
CA ARG I 44 43.00 20.04 -24.15
C ARG I 44 44.31 19.53 -24.75
N PRO I 45 44.46 19.63 -26.07
CA PRO I 45 45.74 19.26 -26.67
C PRO I 45 46.85 20.21 -26.25
N SER I 46 48.00 19.65 -25.97
CA SER I 46 49.17 20.47 -25.68
C SER I 46 49.57 21.24 -26.94
N PRO I 47 49.97 22.51 -26.81
CA PRO I 47 50.38 23.27 -28.00
C PRO I 47 51.51 22.61 -28.79
N PHE I 48 52.37 21.83 -28.13
CA PHE I 48 53.44 21.15 -28.87
C PHE I 48 52.86 20.15 -29.85
N ASP I 49 51.98 19.25 -29.37
CA ASP I 49 51.36 18.29 -30.26
C ASP I 49 50.55 18.96 -31.35
N LEU I 50 49.97 20.11 -31.05
CA LEU I 50 49.05 20.74 -31.99
C LEU I 50 49.79 21.46 -33.11
N PHE I 51 50.85 22.19 -32.81
CA PHE I 51 51.52 23.02 -33.80
C PHE I 51 52.87 22.50 -34.26
N ILE I 52 53.61 21.82 -33.40
CA ILE I 52 54.92 21.31 -33.76
C ILE I 52 54.80 19.88 -34.28
N ARG I 53 54.30 18.96 -33.46
CA ARG I 53 54.05 17.61 -33.96
C ARG I 53 52.88 17.56 -34.94
N LYS I 54 51.87 18.42 -34.77
CA LYS I 54 50.71 18.45 -35.65
C LYS I 54 49.98 17.11 -35.60
N SER I 55 49.95 16.49 -34.43
CA SER I 55 49.19 15.27 -34.18
C SER I 55 48.49 15.42 -32.83
N PRO I 56 47.54 16.35 -32.74
CA PRO I 56 46.89 16.62 -31.45
C PRO I 56 46.00 15.50 -30.98
N THR I 57 45.94 15.33 -29.66
CA THR I 57 45.10 14.35 -29.02
C THR I 57 44.53 14.94 -27.75
N ILE I 58 43.35 14.46 -27.35
CA ILE I 58 42.77 14.81 -26.07
C ILE I 58 42.57 13.50 -25.31
N THR I 59 42.70 13.55 -23.99
CA THR I 59 42.68 12.37 -23.14
C THR I 59 41.60 12.52 -22.08
N CYS I 60 40.81 11.48 -21.90
CA CYS I 60 39.75 11.43 -20.89
C CYS I 60 40.27 10.59 -19.73
N LEU I 61 40.44 11.21 -18.58
CA LEU I 61 41.10 10.60 -17.44
C LEU I 61 40.08 10.21 -16.38
N VAL I 62 40.12 8.94 -15.97
CA VAL I 62 39.24 8.41 -14.93
C VAL I 62 40.12 7.87 -13.81
N VAL I 63 39.85 8.28 -12.57
CA VAL I 63 40.69 7.90 -11.44
C VAL I 63 39.81 7.52 -10.26
N ASP I 64 40.44 6.88 -9.28
CA ASP I 64 39.81 6.56 -8.00
C ASP I 64 38.68 5.53 -8.16
N LEU I 65 38.76 4.70 -9.20
CA LEU I 65 37.80 3.63 -9.41
C LEU I 65 38.30 2.35 -8.74
N ALA I 66 37.42 1.66 -8.01
CA ALA I 66 37.82 0.45 -7.30
C ALA I 66 38.09 -0.70 -8.28
N PRO I 67 39.14 -1.49 -8.06
CA PRO I 67 39.42 -2.60 -9.00
C PRO I 67 38.34 -3.67 -9.06
N SER I 68 37.79 -4.11 -7.92
CA SER I 68 36.81 -5.21 -7.95
C SER I 68 35.54 -4.82 -8.71
N LYS I 69 35.10 -3.57 -8.58
CA LYS I 69 33.89 -3.14 -9.28
C LYS I 69 34.10 -3.24 -10.79
N GLY I 70 33.01 -3.51 -11.52
CA GLY I 70 33.12 -3.69 -12.95
C GLY I 70 33.63 -2.45 -13.66
N THR I 71 34.26 -2.67 -14.82
CA THR I 71 34.87 -1.61 -15.59
C THR I 71 33.85 -0.64 -16.19
N VAL I 72 34.25 0.63 -16.26
CA VAL I 72 33.38 1.70 -16.74
C VAL I 72 33.44 1.80 -18.25
N ASN I 73 32.29 2.06 -18.86
CA ASN I 73 32.18 2.31 -20.29
C ASN I 73 32.40 3.80 -20.56
N LEU I 74 33.35 4.11 -21.45
CA LEU I 74 33.76 5.48 -21.73
C LEU I 74 33.62 5.76 -23.22
N THR I 75 32.81 6.77 -23.58
CA THR I 75 32.49 7.05 -24.98
C THR I 75 32.67 8.52 -25.30
N TRP I 76 32.82 8.83 -26.60
CA TRP I 76 33.11 10.17 -27.09
C TRP I 76 31.96 10.68 -27.95
N SER I 77 31.88 12.01 -28.08
CA SER I 77 30.85 12.68 -28.87
C SER I 77 31.34 14.05 -29.33
N ARG I 78 30.97 14.44 -30.55
CA ARG I 78 31.34 15.75 -31.07
C ARG I 78 30.13 16.64 -31.19
N ALA I 79 30.35 17.91 -30.89
CA ALA I 79 29.25 18.87 -30.92
C ALA I 79 28.62 18.94 -32.30
N SER I 80 29.44 18.79 -33.34
CA SER I 80 28.95 18.89 -34.72
C SER I 80 28.17 17.66 -35.14
N GLY I 81 28.34 16.54 -34.47
CA GLY I 81 27.72 15.34 -34.96
C GLY I 81 28.60 14.59 -35.92
N LYS I 82 29.75 15.17 -36.30
CA LYS I 82 30.66 14.41 -37.14
C LYS I 82 31.14 13.20 -36.35
N PRO I 83 31.49 12.13 -37.05
CA PRO I 83 31.89 10.90 -36.35
C PRO I 83 33.16 11.13 -35.54
N VAL I 84 33.36 10.26 -34.58
CA VAL I 84 34.54 10.32 -33.73
C VAL I 84 35.49 9.22 -34.16
N ASN I 85 36.77 9.56 -34.19
CA ASN I 85 37.76 8.65 -34.70
C ASN I 85 37.98 7.49 -33.74
N HIS I 86 38.48 6.40 -34.31
CA HIS I 86 39.06 5.33 -33.53
C HIS I 86 39.95 5.88 -32.41
N SER I 87 39.85 5.26 -31.24
CA SER I 87 40.48 5.73 -30.01
C SER I 87 40.97 4.54 -29.20
N THR I 88 42.02 4.76 -28.41
CA THR I 88 42.68 3.73 -27.62
C THR I 88 42.30 3.80 -26.14
N ARG I 89 42.21 2.63 -25.50
CA ARG I 89 41.89 2.51 -24.09
C ARG I 89 43.12 2.00 -23.31
N LYS I 90 43.51 2.73 -22.27
CA LYS I 90 44.63 2.36 -21.40
C LYS I 90 44.19 2.38 -19.94
N GLU I 91 44.40 1.26 -19.23
CA GLU I 91 44.03 1.18 -17.82
C GLU I 91 45.12 0.49 -17.01
N GLU I 92 45.49 1.09 -15.88
CA GLU I 92 46.51 0.56 -14.99
C GLU I 92 46.07 0.80 -13.55
N LYS I 93 46.21 -0.24 -12.71
CA LYS I 93 45.63 -0.25 -11.37
C LYS I 93 46.67 -0.03 -10.27
N GLN I 94 47.81 0.58 -10.59
CA GLN I 94 48.85 0.77 -9.59
C GLN I 94 48.65 2.04 -8.76
N ARG I 95 47.96 3.04 -9.29
CA ARG I 95 47.89 4.37 -8.69
C ARG I 95 46.83 4.40 -7.59
N ASN I 96 47.28 4.59 -6.35
CA ASN I 96 46.45 4.59 -5.13
C ASN I 96 46.03 3.20 -4.70
N GLY I 97 46.65 2.15 -5.26
CA GLY I 97 46.11 0.82 -5.08
C GLY I 97 44.75 0.62 -5.72
N THR I 98 44.47 1.33 -6.82
CA THR I 98 43.18 1.34 -7.49
C THR I 98 43.37 1.53 -8.99
N LEU I 99 42.31 1.24 -9.76
CA LEU I 99 42.38 1.21 -11.22
C LEU I 99 42.20 2.60 -11.85
N THR I 100 43.03 2.90 -12.84
CA THR I 100 43.00 4.15 -13.61
C THR I 100 42.70 3.82 -15.07
N VAL I 101 41.68 4.48 -15.63
CA VAL I 101 41.26 4.25 -17.01
C VAL I 101 41.37 5.56 -17.79
N THR I 102 42.03 5.51 -18.95
CA THR I 102 42.13 6.67 -19.83
C THR I 102 41.84 6.25 -21.27
N SER I 103 41.24 7.19 -22.01
CA SER I 103 40.95 7.03 -23.43
C SER I 103 41.44 8.28 -24.15
N THR I 104 42.35 8.09 -25.09
CA THR I 104 42.92 9.19 -25.87
C THR I 104 42.36 9.11 -27.29
N LEU I 105 41.83 10.22 -27.77
CA LEU I 105 41.15 10.31 -29.07
C LEU I 105 41.87 11.32 -29.95
N PRO I 106 42.41 10.95 -31.11
CA PRO I 106 42.99 11.98 -31.99
C PRO I 106 41.92 12.93 -32.53
N VAL I 107 42.31 14.19 -32.64
CA VAL I 107 41.41 15.26 -33.08
C VAL I 107 42.10 15.98 -34.22
N GLY I 108 41.29 16.58 -35.09
CA GLY I 108 41.85 17.27 -36.22
C GLY I 108 42.59 18.52 -35.81
N THR I 109 43.72 18.77 -36.47
CA THR I 109 44.41 20.04 -36.25
C THR I 109 43.48 21.19 -36.61
N ARG I 110 42.97 21.18 -37.85
CA ARG I 110 42.05 22.22 -38.30
C ARG I 110 40.73 22.16 -37.54
N ASP I 111 40.20 20.96 -37.27
CA ASP I 111 38.94 20.85 -36.55
C ASP I 111 39.02 21.55 -35.19
N TRP I 112 40.10 21.29 -34.44
CA TRP I 112 40.24 21.86 -33.11
C TRP I 112 40.29 23.38 -33.16
N ILE I 113 41.17 23.90 -34.01
CA ILE I 113 41.33 25.36 -34.16
C ILE I 113 40.04 25.99 -34.68
N GLU I 114 39.24 25.23 -35.42
CA GLU I 114 38.00 25.74 -35.99
C GLU I 114 36.93 25.97 -34.92
N GLY I 115 37.06 25.33 -33.76
CA GLY I 115 36.15 25.51 -32.66
C GLY I 115 35.30 24.30 -32.30
N GLU I 116 35.71 23.10 -32.70
CA GLU I 116 34.89 21.92 -32.38
C GLU I 116 34.86 21.71 -30.88
N THR I 117 33.77 21.12 -30.41
CA THR I 117 33.60 20.71 -29.02
C THR I 117 33.61 19.19 -28.95
N TYR I 118 34.55 18.64 -28.21
CA TYR I 118 34.63 17.21 -27.93
C TYR I 118 34.15 16.93 -26.52
N GLN I 119 33.54 15.75 -26.33
CA GLN I 119 32.95 15.42 -25.04
C GLN I 119 33.15 13.95 -24.72
N CYS I 120 33.45 13.67 -23.46
CA CYS I 120 33.67 12.31 -22.97
C CYS I 120 32.57 12.01 -21.96
N ARG I 121 31.96 10.84 -22.09
CA ARG I 121 30.90 10.40 -21.16
C ARG I 121 31.30 9.07 -20.57
N VAL I 122 31.27 9.00 -19.24
CA VAL I 122 31.65 7.83 -18.46
C VAL I 122 30.42 7.30 -17.76
N THR I 123 30.05 6.05 -18.03
CA THR I 123 28.88 5.44 -17.40
C THR I 123 29.31 4.14 -16.75
N HIS I 124 28.77 3.89 -15.56
CA HIS I 124 28.97 2.69 -14.77
C HIS I 124 27.62 2.15 -14.34
N PRO I 125 27.45 0.82 -14.31
CA PRO I 125 26.18 0.25 -13.81
C PRO I 125 25.89 0.57 -12.35
N HIS I 126 26.92 0.72 -11.50
CA HIS I 126 26.69 1.03 -10.09
C HIS I 126 26.35 2.51 -9.90
N LEU I 127 27.00 3.38 -10.67
CA LEU I 127 26.77 4.82 -10.54
C LEU I 127 25.39 5.20 -11.08
N PRO I 128 24.62 6.00 -10.33
CA PRO I 128 23.27 6.35 -10.82
C PRO I 128 23.29 7.16 -12.11
N ARG I 129 24.09 8.22 -12.17
CA ARG I 129 24.12 9.13 -13.29
C ARG I 129 25.52 9.19 -13.89
N ALA I 130 25.59 9.50 -15.18
CA ALA I 130 26.84 9.50 -15.88
C ALA I 130 27.63 10.78 -15.64
N LEU I 131 28.95 10.66 -15.72
CA LEU I 131 29.84 11.80 -15.69
C LEU I 131 30.13 12.25 -17.11
N MET I 132 30.24 13.55 -17.31
CA MET I 132 30.50 14.10 -18.62
C MET I 132 31.50 15.24 -18.48
N ARG I 133 32.47 15.29 -19.40
CA ARG I 133 33.43 16.38 -19.50
C ARG I 133 33.53 16.81 -20.96
N SER I 134 33.56 18.11 -21.21
CA SER I 134 33.71 18.59 -22.58
C SER I 134 34.96 19.45 -22.68
N THR I 135 35.51 19.55 -23.89
CA THR I 135 36.70 20.36 -24.10
C THR I 135 36.58 21.14 -25.40
N THR I 136 37.14 22.36 -25.41
CA THR I 136 37.10 23.23 -26.57
C THR I 136 38.26 24.21 -26.49
N LYS I 137 38.66 24.72 -27.66
CA LYS I 137 39.69 25.74 -27.70
C LYS I 137 39.23 26.93 -26.87
N THR I 138 40.07 27.38 -25.94
CA THR I 138 39.66 28.50 -25.08
C THR I 138 39.49 29.75 -25.93
N SER I 139 38.41 30.47 -25.65
CA SER I 139 38.08 31.66 -26.40
C SER I 139 38.55 32.86 -25.62
N GLY I 140 39.08 33.85 -26.32
CA GLY I 140 39.54 35.04 -25.67
C GLY I 140 40.60 35.72 -26.49
N PRO I 141 41.23 36.74 -25.92
CA PRO I 141 42.30 37.46 -26.61
C PRO I 141 43.47 36.52 -26.87
N ARG I 142 44.37 36.99 -27.73
CA ARG I 142 45.60 36.27 -28.00
C ARG I 142 46.76 37.23 -27.84
N ALA I 143 47.77 36.79 -27.09
CA ALA I 143 48.99 37.54 -26.87
C ALA I 143 50.15 36.57 -26.91
N ALA I 144 51.17 36.89 -27.69
CA ALA I 144 52.33 36.03 -27.76
C ALA I 144 53.10 36.06 -26.45
N PRO I 145 53.75 34.96 -26.09
CA PRO I 145 54.53 34.95 -24.85
C PRO I 145 55.86 35.65 -25.03
N GLU I 146 56.26 36.39 -24.00
CA GLU I 146 57.57 36.98 -23.90
C GLU I 146 58.44 36.02 -23.10
N VAL I 147 59.66 35.80 -23.55
CA VAL I 147 60.53 34.80 -22.95
C VAL I 147 61.82 35.44 -22.43
N TYR I 148 62.20 35.07 -21.20
CA TYR I 148 63.42 35.54 -20.56
C TYR I 148 64.15 34.38 -19.89
N ALA I 149 65.46 34.26 -20.15
CA ALA I 149 66.27 33.17 -19.61
C ALA I 149 67.46 33.70 -18.82
N PHE I 150 67.71 33.09 -17.66
CA PHE I 150 68.72 33.52 -16.69
C PHE I 150 69.63 32.35 -16.30
N ALA I 151 70.80 32.71 -15.81
CA ALA I 151 71.73 31.75 -15.22
C ALA I 151 71.91 32.08 -13.74
N THR I 152 71.79 31.08 -12.87
CA THR I 152 72.04 31.36 -11.47
C THR I 152 73.54 31.50 -11.27
N PRO I 153 73.95 32.39 -10.37
CA PRO I 153 75.36 32.52 -10.05
C PRO I 153 75.84 31.24 -9.36
N GLU I 154 77.12 30.95 -9.51
CA GLU I 154 77.67 29.74 -8.89
C GLU I 154 77.50 29.84 -7.37
N TRP I 155 76.72 28.91 -6.82
CA TRP I 155 76.48 28.89 -5.39
C TRP I 155 77.67 28.25 -4.67
N PRO I 156 78.23 28.89 -3.65
CA PRO I 156 79.44 28.32 -3.02
C PRO I 156 79.19 26.89 -2.55
N GLY I 157 80.11 25.99 -2.90
CA GLY I 157 80.00 24.60 -2.55
C GLY I 157 79.36 23.68 -3.57
N SER I 158 78.79 24.19 -4.67
CA SER I 158 78.20 23.34 -5.71
C SER I 158 79.04 23.47 -6.97
N ARG I 159 80.26 22.94 -6.88
CA ARG I 159 81.26 23.13 -7.91
C ARG I 159 80.74 22.71 -9.30
N ASP I 160 79.80 21.76 -9.36
CA ASP I 160 79.53 21.06 -10.61
C ASP I 160 78.09 21.12 -11.08
N LYS I 161 77.23 21.92 -10.45
CA LYS I 161 75.82 22.01 -10.82
C LYS I 161 75.49 23.48 -11.00
N ARG I 162 74.55 23.76 -11.89
CA ARG I 162 74.10 25.13 -12.08
C ARG I 162 72.63 25.08 -12.48
N THR I 163 71.88 26.08 -12.07
CA THR I 163 70.45 26.14 -12.39
C THR I 163 70.18 27.30 -13.34
N LEU I 164 69.37 27.01 -14.34
CA LEU I 164 68.95 27.98 -15.35
C LEU I 164 67.46 28.22 -15.16
N ALA I 165 67.06 29.46 -15.34
CA ALA I 165 65.67 29.86 -15.10
C ALA I 165 65.07 30.52 -16.34
N CYS I 166 63.77 30.30 -16.53
CA CYS I 166 63.04 30.90 -17.62
C CYS I 166 61.71 31.43 -17.10
N LEU I 167 61.42 32.69 -17.43
CA LEU I 167 60.18 33.35 -17.05
C LEU I 167 59.42 33.66 -18.32
N ILE I 168 58.22 33.09 -18.43
CA ILE I 168 57.38 33.21 -19.61
C ILE I 168 56.08 33.87 -19.17
N GLN I 169 55.76 35.01 -19.77
CA GLN I 169 54.67 35.80 -19.21
C GLN I 169 53.99 36.65 -20.28
N ASN I 170 52.81 37.16 -19.91
CA ASN I 170 52.03 38.10 -20.69
C ASN I 170 51.51 37.48 -21.98
N PHE I 171 51.21 36.17 -21.91
CA PHE I 171 50.66 35.41 -23.02
C PHE I 171 49.25 34.97 -22.65
N MET I 172 48.41 34.88 -23.68
CA MET I 172 47.11 34.25 -23.51
C MET I 172 46.59 33.74 -24.86
N PRO I 173 45.78 32.67 -24.80
CA PRO I 173 45.27 32.00 -23.59
C PRO I 173 46.32 31.20 -22.78
N GLU I 174 45.90 30.49 -21.72
CA GLU I 174 46.84 29.85 -20.81
C GLU I 174 47.54 28.63 -21.42
N ASP I 175 47.06 28.11 -22.54
CA ASP I 175 47.65 26.91 -23.12
C ASP I 175 49.07 27.18 -23.58
N ILE I 176 50.05 26.51 -22.98
CA ILE I 176 51.44 26.69 -23.35
C ILE I 176 52.19 25.39 -23.06
N SER I 177 53.23 25.14 -23.85
CA SER I 177 54.14 24.03 -23.68
C SER I 177 55.54 24.60 -23.62
N VAL I 178 56.38 24.03 -22.76
CA VAL I 178 57.72 24.56 -22.51
C VAL I 178 58.75 23.45 -22.71
N GLN I 179 59.87 23.79 -23.34
CA GLN I 179 60.88 22.83 -23.72
C GLN I 179 62.27 23.38 -23.44
N TRP I 180 63.16 22.50 -23.00
CA TRP I 180 64.56 22.86 -22.78
C TRP I 180 65.44 22.06 -23.71
N LEU I 181 66.24 22.76 -24.51
CA LEU I 181 67.16 22.17 -25.47
C LEU I 181 68.59 22.53 -25.12
N HIS I 182 69.50 21.57 -25.27
CA HIS I 182 70.93 21.85 -25.12
C HIS I 182 71.54 21.95 -26.53
N ASN I 183 71.21 23.06 -27.20
CA ASN I 183 71.73 23.33 -28.54
C ASN I 183 71.25 22.29 -29.55
N GLU I 184 69.98 22.38 -29.88
CA GLU I 184 69.39 21.48 -30.88
C GLU I 184 69.31 20.05 -30.41
N VAL I 185 69.65 19.74 -29.17
CA VAL I 185 69.40 18.42 -28.60
C VAL I 185 68.29 18.62 -27.60
N GLN I 186 67.14 18.00 -27.85
CA GLN I 186 65.99 18.22 -26.99
C GLN I 186 66.22 17.57 -25.63
N LEU I 187 65.92 18.31 -24.58
CA LEU I 187 66.13 17.64 -23.31
C LEU I 187 64.82 17.01 -22.81
N PRO I 188 64.91 15.89 -22.10
CA PRO I 188 63.68 15.26 -21.60
C PRO I 188 62.87 16.22 -20.73
N ASP I 189 61.55 16.05 -20.77
CA ASP I 189 60.66 16.90 -20.00
C ASP I 189 60.84 16.71 -18.51
N ALA I 190 61.43 15.58 -18.10
CA ALA I 190 61.71 15.31 -16.70
C ALA I 190 62.92 16.08 -16.17
N ARG I 191 63.74 16.64 -17.06
CA ARG I 191 64.92 17.36 -16.61
C ARG I 191 64.57 18.69 -15.97
N HIS I 192 63.41 19.26 -16.29
CA HIS I 192 63.04 20.59 -15.88
C HIS I 192 61.72 20.55 -15.11
N SER I 193 61.49 21.61 -14.35
CA SER I 193 60.27 21.81 -13.58
C SER I 193 59.65 23.13 -13.99
N THR I 194 58.38 23.10 -14.41
CA THR I 194 57.68 24.32 -14.81
C THR I 194 56.36 24.45 -14.06
N THR I 195 56.08 25.66 -13.58
CA THR I 195 54.88 25.90 -12.80
C THR I 195 53.66 25.97 -13.71
N GLN I 196 52.49 25.79 -13.09
CA GLN I 196 51.25 25.91 -13.81
C GLN I 196 50.98 27.38 -14.14
N PRO I 197 50.32 27.66 -15.25
CA PRO I 197 50.05 29.04 -15.64
C PRO I 197 49.18 29.75 -14.61
N ARG I 198 49.67 30.89 -14.15
CA ARG I 198 48.97 31.72 -13.18
C ARG I 198 48.72 33.10 -13.78
N LYS I 199 47.68 33.77 -13.31
CA LYS I 199 47.28 35.05 -13.86
C LYS I 199 48.24 36.16 -13.41
N THR I 200 48.47 37.13 -14.28
CA THR I 200 49.27 38.30 -13.94
C THR I 200 48.37 39.41 -13.44
N LYS I 201 49.00 40.43 -12.84
CA LYS I 201 48.23 41.62 -12.47
C LYS I 201 47.59 42.25 -13.70
N GLY I 202 48.23 42.12 -14.86
CA GLY I 202 47.60 42.41 -16.14
C GLY I 202 46.67 41.29 -16.56
N SER I 203 46.37 41.23 -17.86
CA SER I 203 45.49 40.19 -18.40
C SER I 203 46.19 38.89 -18.77
N GLY I 204 47.52 38.90 -19.00
CA GLY I 204 48.20 37.71 -19.45
C GLY I 204 48.55 36.75 -18.32
N PHE I 205 48.98 35.55 -18.70
CA PHE I 205 49.42 34.53 -17.77
C PHE I 205 50.95 34.46 -17.73
N PHE I 206 51.48 33.73 -16.75
CA PHE I 206 52.94 33.56 -16.64
C PHE I 206 53.26 32.19 -16.07
N VAL I 207 54.43 31.67 -16.44
CA VAL I 207 54.95 30.40 -15.94
C VAL I 207 56.43 30.58 -15.66
N PHE I 208 56.95 29.76 -14.76
CA PHE I 208 58.37 29.81 -14.46
C PHE I 208 58.96 28.42 -14.65
N SER I 209 60.10 28.33 -15.34
CA SER I 209 60.72 27.06 -15.67
C SER I 209 62.15 26.97 -15.17
N ARG I 210 62.51 25.83 -14.55
CA ARG I 210 63.77 25.64 -13.86
C ARG I 210 64.44 24.36 -14.36
N LEU I 211 65.67 24.49 -14.84
CA LEU I 211 66.43 23.38 -15.41
C LEU I 211 67.77 23.25 -14.70
N GLU I 212 68.07 22.07 -14.16
CA GLU I 212 69.36 21.84 -13.52
C GLU I 212 70.32 21.27 -14.55
N VAL I 213 71.46 21.95 -14.75
CA VAL I 213 72.45 21.53 -15.74
C VAL I 213 73.77 21.18 -15.05
N THR I 214 74.46 20.18 -15.59
CA THR I 214 75.72 19.69 -15.08
C THR I 214 76.90 20.39 -15.77
N ARG I 215 78.08 20.29 -15.15
CA ARG I 215 79.27 20.88 -15.75
C ARG I 215 79.63 20.22 -17.09
N ALA I 216 79.50 18.89 -17.18
CA ALA I 216 79.83 18.21 -18.43
C ALA I 216 78.96 18.73 -19.57
N GLU I 217 77.75 19.18 -19.25
CA GLU I 217 76.84 19.68 -20.27
C GLU I 217 77.27 21.07 -20.73
N TRP I 218 77.48 22.01 -19.81
CA TRP I 218 77.82 23.37 -20.22
C TRP I 218 79.28 23.52 -20.64
N GLU I 219 80.16 22.59 -20.25
CA GLU I 219 81.54 22.64 -20.74
C GLU I 219 81.67 22.07 -22.16
N GLN I 220 80.84 21.09 -22.50
CA GLN I 220 80.77 20.61 -23.87
C GLN I 220 80.22 21.69 -24.79
N LYS I 221 79.09 22.29 -24.42
CA LYS I 221 78.60 23.48 -25.13
C LYS I 221 77.74 24.31 -24.18
N ASP I 222 78.11 25.57 -24.01
CA ASP I 222 77.50 26.51 -23.06
C ASP I 222 76.32 27.27 -23.67
N GLU I 223 75.42 26.56 -24.35
CA GLU I 223 74.20 27.18 -24.84
C GLU I 223 73.00 26.32 -24.45
N PHE I 224 71.97 26.96 -23.88
CA PHE I 224 70.73 26.27 -23.53
C PHE I 224 69.55 27.10 -24.02
N ILE I 225 68.54 26.42 -24.55
CA ILE I 225 67.42 27.06 -25.20
C ILE I 225 66.16 26.83 -24.37
N CYS I 226 65.49 27.93 -23.99
CA CYS I 226 64.15 27.86 -23.40
C CYS I 226 63.13 28.19 -24.48
N ARG I 227 62.31 27.20 -24.84
CA ARG I 227 61.33 27.34 -25.90
C ARG I 227 59.92 27.18 -25.36
N ALA I 228 59.04 28.10 -25.75
CA ALA I 228 57.62 28.01 -25.46
C ALA I 228 56.85 27.84 -26.77
N VAL I 229 55.77 27.07 -26.72
CA VAL I 229 54.90 26.85 -27.86
C VAL I 229 53.54 27.41 -27.49
N HIS I 230 53.07 28.39 -28.25
CA HIS I 230 51.81 29.05 -27.94
C HIS I 230 51.17 29.51 -29.23
N GLU I 231 49.85 29.36 -29.33
CA GLU I 231 49.19 29.65 -30.59
C GLU I 231 49.39 31.10 -31.00
N ALA I 232 49.51 32.00 -30.02
CA ALA I 232 49.69 33.42 -30.33
C ALA I 232 51.12 33.74 -30.77
N ALA I 233 52.09 32.86 -30.48
CA ALA I 233 53.46 33.14 -30.91
C ALA I 233 53.51 33.06 -32.42
N SER I 234 54.16 34.03 -33.04
CA SER I 234 54.13 34.07 -34.47
C SER I 234 55.52 34.42 -35.00
N PRO I 235 55.95 33.71 -36.07
CA PRO I 235 55.17 32.63 -36.66
C PRO I 235 55.66 31.27 -36.20
N SER I 236 54.98 30.22 -36.65
CA SER I 236 55.28 28.83 -36.32
C SER I 236 54.94 28.50 -34.88
N GLN I 237 54.36 29.44 -34.14
CA GLN I 237 53.92 29.24 -32.75
C GLN I 237 55.10 28.91 -31.83
N THR I 238 56.22 29.60 -32.03
CA THR I 238 57.43 29.36 -31.24
C THR I 238 58.09 30.68 -30.89
N VAL I 239 58.41 30.85 -29.60
CA VAL I 239 59.27 31.92 -29.12
C VAL I 239 60.32 31.28 -28.23
N GLN I 240 61.57 31.68 -28.39
CA GLN I 240 62.62 31.04 -27.62
C GLN I 240 63.72 32.03 -27.32
N ARG I 241 64.45 31.75 -26.25
CA ARG I 241 65.59 32.54 -25.83
C ARG I 241 66.72 31.59 -25.44
N ALA I 242 67.94 32.02 -25.70
CA ALA I 242 69.12 31.25 -25.34
C ALA I 242 69.75 31.83 -24.08
N VAL I 243 70.43 30.97 -23.32
CA VAL I 243 71.07 31.37 -22.08
C VAL I 243 72.37 30.59 -21.91
N SER I 244 73.35 31.22 -21.25
CA SER I 244 74.65 30.62 -21.03
C SER I 244 74.96 30.64 -19.54
N VAL I 245 75.73 29.65 -19.10
CA VAL I 245 76.18 29.63 -17.70
C VAL I 245 77.19 30.74 -17.46
N ASN I 246 78.29 30.74 -18.22
CA ASN I 246 79.28 31.81 -18.12
C ASN I 246 79.58 32.37 -19.50
N VAL J 38 -70.07 -10.86 13.93
CA VAL J 38 -69.80 -11.95 13.01
C VAL J 38 -68.32 -12.33 13.08
N SER J 39 -68.02 -13.63 13.09
CA SER J 39 -66.66 -14.14 13.24
C SER J 39 -66.35 -15.19 12.19
N ALA J 40 -65.07 -15.27 11.81
CA ALA J 40 -64.61 -16.19 10.78
C ALA J 40 -63.38 -16.93 11.27
N TYR J 41 -63.36 -18.25 11.07
CA TYR J 41 -62.26 -19.09 11.52
C TYR J 41 -61.84 -19.99 10.37
N LEU J 42 -60.54 -20.14 10.20
CA LEU J 42 -59.97 -21.00 9.16
C LEU J 42 -59.09 -22.04 9.82
N SER J 43 -59.39 -23.31 9.58
CA SER J 43 -58.70 -24.44 10.20
C SER J 43 -57.67 -25.03 9.24
N ARG J 44 -56.62 -25.61 9.82
CA ARG J 44 -55.65 -26.34 9.02
C ARG J 44 -56.10 -27.79 8.82
N PRO J 45 -55.47 -28.50 7.88
CA PRO J 45 -55.79 -29.92 7.72
C PRO J 45 -55.36 -30.71 8.94
N SER J 46 -56.21 -31.64 9.37
CA SER J 46 -55.83 -32.51 10.46
C SER J 46 -54.70 -33.43 10.00
N PRO J 47 -53.72 -33.69 10.85
CA PRO J 47 -52.62 -34.58 10.45
C PRO J 47 -53.09 -35.94 9.99
N PHE J 48 -54.20 -36.44 10.53
CA PHE J 48 -54.71 -37.74 10.12
C PHE J 48 -55.08 -37.72 8.65
N ASP J 49 -55.91 -36.76 8.25
CA ASP J 49 -56.27 -36.61 6.85
C ASP J 49 -55.06 -36.32 5.98
N LEU J 50 -54.06 -35.65 6.52
CA LEU J 50 -52.95 -35.19 5.69
C LEU J 50 -52.01 -36.33 5.33
N PHE J 51 -51.68 -37.17 6.31
CA PHE J 51 -50.66 -38.20 6.13
C PHE J 51 -51.21 -39.62 6.07
N ILE J 52 -52.34 -39.89 6.72
CA ILE J 52 -52.93 -41.24 6.73
C ILE J 52 -53.92 -41.44 5.59
N ARG J 53 -55.05 -40.72 5.63
CA ARG J 53 -56.02 -40.76 4.55
C ARG J 53 -55.48 -40.10 3.30
N LYS J 54 -54.62 -39.11 3.44
CA LYS J 54 -54.05 -38.41 2.29
C LYS J 54 -55.16 -37.74 1.48
N SER J 55 -56.13 -37.17 2.18
CA SER J 55 -57.15 -36.30 1.57
C SER J 55 -57.38 -35.09 2.47
N PRO J 56 -56.40 -34.20 2.57
CA PRO J 56 -56.52 -33.06 3.49
C PRO J 56 -57.51 -32.01 3.00
N THR J 57 -58.15 -31.36 3.98
CA THR J 57 -59.08 -30.27 3.70
C THR J 57 -58.98 -29.20 4.78
N ILE J 58 -59.30 -27.96 4.39
CA ILE J 58 -59.39 -26.82 5.29
C ILE J 58 -60.80 -26.26 5.22
N THR J 59 -61.28 -25.73 6.34
CA THR J 59 -62.66 -25.29 6.47
C THR J 59 -62.70 -23.85 6.92
N CYS J 60 -63.54 -23.05 6.26
CA CYS J 60 -63.74 -21.65 6.61
C CYS J 60 -65.08 -21.53 7.31
N LEU J 61 -65.05 -21.17 8.60
CA LEU J 61 -66.24 -21.14 9.45
C LEU J 61 -66.68 -19.70 9.65
N VAL J 62 -67.94 -19.42 9.33
CA VAL J 62 -68.55 -18.10 9.47
C VAL J 62 -69.83 -18.24 10.29
N VAL J 63 -70.02 -17.36 11.28
CA VAL J 63 -71.17 -17.44 12.18
C VAL J 63 -71.74 -16.03 12.38
N ASP J 64 -72.96 -15.99 12.94
CA ASP J 64 -73.62 -14.75 13.34
C ASP J 64 -74.10 -13.89 12.16
N LEU J 65 -74.46 -14.50 11.03
CA LEU J 65 -74.97 -13.71 9.92
C LEU J 65 -76.45 -13.45 10.12
N ALA J 66 -76.88 -12.21 9.89
CA ALA J 66 -78.26 -11.86 10.14
C ALA J 66 -79.16 -12.64 9.20
N PRO J 67 -80.26 -13.20 9.70
CA PRO J 67 -81.14 -13.97 8.80
C PRO J 67 -81.76 -13.14 7.68
N SER J 68 -82.22 -11.92 7.97
CA SER J 68 -82.85 -11.11 6.93
C SER J 68 -81.86 -10.72 5.83
N LYS J 69 -80.64 -10.35 6.21
CA LYS J 69 -79.64 -9.97 5.23
C LYS J 69 -79.33 -11.16 4.33
N GLY J 70 -79.06 -10.88 3.06
CA GLY J 70 -78.71 -11.96 2.16
C GLY J 70 -77.43 -12.64 2.61
N THR J 71 -77.32 -13.92 2.29
CA THR J 71 -76.15 -14.66 2.72
C THR J 71 -74.92 -14.07 2.05
N VAL J 72 -73.82 -14.08 2.77
CA VAL J 72 -72.59 -13.48 2.29
C VAL J 72 -71.87 -14.45 1.37
N ASN J 73 -71.25 -13.90 0.33
CA ASN J 73 -70.47 -14.70 -0.60
C ASN J 73 -69.11 -14.98 0.01
N LEU J 74 -68.72 -16.25 0.00
CA LEU J 74 -67.50 -16.74 0.63
C LEU J 74 -66.65 -17.29 -0.52
N THR J 75 -65.44 -16.74 -0.68
CA THR J 75 -64.59 -17.06 -1.82
C THR J 75 -63.18 -17.40 -1.37
N TRP J 76 -62.48 -18.16 -2.22
CA TRP J 76 -61.16 -18.68 -1.90
C TRP J 76 -60.08 -18.12 -2.81
N SER J 77 -58.84 -18.18 -2.32
CA SER J 77 -57.65 -17.76 -3.03
C SER J 77 -56.45 -18.51 -2.50
N ARG J 78 -55.52 -18.82 -3.38
CA ARG J 78 -54.29 -19.51 -3.05
C ARG J 78 -53.09 -18.60 -3.28
N ALA J 79 -52.09 -18.70 -2.41
CA ALA J 79 -50.86 -17.93 -2.57
C ALA J 79 -50.15 -18.27 -3.89
N SER J 80 -50.36 -19.47 -4.43
CA SER J 80 -49.70 -19.87 -5.66
C SER J 80 -50.29 -19.23 -6.90
N GLY J 81 -51.56 -18.83 -6.87
CA GLY J 81 -52.22 -18.36 -8.06
C GLY J 81 -52.89 -19.46 -8.85
N LYS J 82 -52.69 -20.71 -8.45
CA LYS J 82 -53.38 -21.83 -9.07
C LYS J 82 -54.87 -21.72 -8.76
N PRO J 83 -55.72 -22.27 -9.62
CA PRO J 83 -57.16 -22.15 -9.40
C PRO J 83 -57.53 -22.85 -8.11
N VAL J 84 -58.69 -22.51 -7.56
CA VAL J 84 -59.14 -23.10 -6.32
C VAL J 84 -60.25 -24.09 -6.61
N ASN J 85 -60.15 -25.26 -5.98
CA ASN J 85 -61.03 -26.40 -6.25
C ASN J 85 -62.48 -26.06 -5.94
N HIS J 86 -63.33 -27.08 -5.92
CA HIS J 86 -64.76 -26.89 -5.71
C HIS J 86 -65.07 -27.16 -4.25
N SER J 87 -65.36 -26.10 -3.52
CA SER J 87 -65.65 -26.16 -2.10
C SER J 87 -67.14 -26.41 -1.88
N THR J 88 -67.44 -27.10 -0.78
CA THR J 88 -68.82 -27.42 -0.43
C THR J 88 -69.31 -26.45 0.64
N ARG J 89 -70.50 -25.93 0.44
CA ARG J 89 -71.12 -24.95 1.34
C ARG J 89 -72.36 -25.55 1.99
N LYS J 90 -72.43 -25.49 3.32
CA LYS J 90 -73.61 -25.95 4.03
C LYS J 90 -74.00 -24.93 5.09
N GLU J 91 -75.30 -24.91 5.41
CA GLU J 91 -75.87 -23.94 6.35
C GLU J 91 -76.65 -24.70 7.42
N GLU J 92 -76.16 -24.67 8.66
CA GLU J 92 -76.83 -25.34 9.76
C GLU J 92 -77.53 -24.35 10.70
N LEU J 99 -78.38 -18.35 11.25
CA LEU J 99 -77.82 -19.16 10.16
C LEU J 99 -76.28 -19.14 10.18
N THR J 100 -75.67 -20.31 9.96
CA THR J 100 -74.23 -20.50 9.93
C THR J 100 -73.80 -21.00 8.57
N VAL J 101 -72.77 -20.40 7.99
CA VAL J 101 -72.25 -20.80 6.68
C VAL J 101 -70.80 -21.24 6.82
N THR J 102 -70.50 -22.43 6.33
CA THR J 102 -69.15 -22.97 6.34
C THR J 102 -68.83 -23.52 4.95
N SER J 103 -67.55 -23.41 4.57
CA SER J 103 -67.07 -23.89 3.28
C SER J 103 -65.80 -24.69 3.47
N THR J 104 -65.79 -25.93 3.00
CA THR J 104 -64.63 -26.82 3.09
C THR J 104 -64.00 -26.94 1.71
N LEU J 105 -62.68 -26.77 1.65
CA LEU J 105 -61.93 -26.78 0.41
C LEU J 105 -60.87 -27.87 0.44
N PRO J 106 -60.90 -28.85 -0.45
CA PRO J 106 -59.81 -29.83 -0.48
C PRO J 106 -58.52 -29.18 -0.91
N VAL J 107 -57.41 -29.61 -0.31
CA VAL J 107 -56.11 -29.03 -0.60
C VAL J 107 -55.12 -30.14 -0.89
N GLY J 108 -54.13 -29.84 -1.73
CA GLY J 108 -53.11 -30.82 -2.04
C GLY J 108 -52.21 -31.10 -0.84
N THR J 109 -51.81 -32.36 -0.69
CA THR J 109 -50.81 -32.71 0.32
C THR J 109 -49.47 -32.07 -0.01
N ARG J 110 -48.91 -32.42 -1.17
CA ARG J 110 -47.65 -31.81 -1.60
C ARG J 110 -47.75 -30.29 -1.56
N ASP J 111 -48.87 -29.76 -2.03
CA ASP J 111 -49.08 -28.31 -1.99
C ASP J 111 -48.97 -27.80 -0.56
N TRP J 112 -49.67 -28.44 0.37
CA TRP J 112 -49.71 -27.96 1.75
C TRP J 112 -48.34 -28.06 2.43
N ILE J 113 -47.71 -29.23 2.33
CA ILE J 113 -46.43 -29.44 3.00
C ILE J 113 -45.36 -28.52 2.44
N GLU J 114 -45.47 -28.15 1.17
CA GLU J 114 -44.44 -27.32 0.54
C GLU J 114 -44.50 -25.89 1.07
N GLY J 115 -45.58 -25.51 1.72
CA GLY J 115 -45.74 -24.20 2.31
C GLY J 115 -46.81 -23.32 1.70
N GLU J 116 -47.80 -23.90 1.02
CA GLU J 116 -48.83 -23.10 0.36
C GLU J 116 -49.69 -22.35 1.39
N THR J 117 -50.15 -21.17 0.99
CA THR J 117 -51.06 -20.35 1.78
C THR J 117 -52.42 -20.32 1.13
N TYR J 118 -53.43 -20.78 1.85
CA TYR J 118 -54.82 -20.69 1.45
C TYR J 118 -55.51 -19.56 2.22
N GLN J 119 -56.48 -18.92 1.57
CA GLN J 119 -57.11 -17.74 2.14
C GLN J 119 -58.60 -17.74 1.85
N CYS J 120 -59.38 -17.34 2.84
CA CYS J 120 -60.84 -17.30 2.77
C CYS J 120 -61.29 -15.85 2.90
N ARG J 121 -62.23 -15.43 2.06
CA ARG J 121 -62.73 -14.06 2.13
C ARG J 121 -64.26 -14.05 2.22
N VAL J 122 -64.78 -13.26 3.16
CA VAL J 122 -66.22 -13.13 3.41
C VAL J 122 -66.64 -11.72 3.00
N THR J 123 -67.65 -11.63 2.14
CA THR J 123 -68.17 -10.35 1.67
C THR J 123 -69.65 -10.22 2.00
N HIS J 124 -70.04 -9.03 2.48
CA HIS J 124 -71.43 -8.71 2.75
C HIS J 124 -71.71 -7.38 2.06
N PRO J 125 -72.86 -7.23 1.40
CA PRO J 125 -73.17 -5.92 0.80
C PRO J 125 -73.29 -4.82 1.84
N HIS J 126 -73.80 -5.14 3.03
CA HIS J 126 -73.88 -4.16 4.10
C HIS J 126 -72.50 -3.73 4.57
N LEU J 127 -71.59 -4.70 4.74
CA LEU J 127 -70.28 -4.41 5.30
C LEU J 127 -69.36 -3.84 4.21
N PRO J 128 -68.75 -2.68 4.42
CA PRO J 128 -67.93 -2.08 3.36
C PRO J 128 -66.68 -2.88 3.03
N ARG J 129 -66.02 -3.47 4.02
CA ARG J 129 -64.81 -4.23 3.79
C ARG J 129 -64.98 -5.67 4.24
N ALA J 130 -64.39 -6.58 3.47
CA ALA J 130 -64.54 -8.00 3.70
C ALA J 130 -63.62 -8.47 4.83
N LEU J 131 -64.03 -9.56 5.47
CA LEU J 131 -63.21 -10.26 6.45
C LEU J 131 -62.40 -11.34 5.73
N MET J 132 -61.16 -11.54 6.18
CA MET J 132 -60.24 -12.49 5.56
C MET J 132 -59.53 -13.29 6.64
N ARG J 133 -59.43 -14.60 6.41
CA ARG J 133 -58.69 -15.49 7.29
C ARG J 133 -57.79 -16.35 6.42
N SER J 134 -56.52 -16.45 6.79
CA SER J 134 -55.55 -17.20 6.01
C SER J 134 -55.01 -18.34 6.86
N THR J 135 -54.60 -19.41 6.19
CA THR J 135 -54.08 -20.59 6.86
C THR J 135 -52.89 -21.14 6.08
N THR J 136 -51.91 -21.68 6.80
CA THR J 136 -50.70 -22.21 6.19
C THR J 136 -50.03 -23.15 7.19
N LYS J 137 -49.16 -24.02 6.67
CA LYS J 137 -48.37 -24.88 7.55
C LYS J 137 -47.55 -24.02 8.49
N THR J 138 -47.71 -24.26 9.80
CA THR J 138 -46.99 -23.49 10.80
C THR J 138 -45.51 -23.82 10.78
N SER J 139 -44.68 -22.79 10.90
CA SER J 139 -43.23 -22.94 10.83
C SER J 139 -42.65 -22.94 12.23
N GLY J 140 -41.61 -23.75 12.41
CA GLY J 140 -40.94 -23.81 13.69
C GLY J 140 -40.21 -25.12 13.86
N PRO J 141 -39.66 -25.34 15.05
CA PRO J 141 -38.99 -26.62 15.31
C PRO J 141 -40.00 -27.74 15.24
N ARG J 142 -39.50 -28.97 15.22
CA ARG J 142 -40.39 -30.10 15.19
C ARG J 142 -39.84 -31.19 16.09
N ALA J 143 -40.75 -31.91 16.72
CA ALA J 143 -40.40 -32.98 17.65
C ALA J 143 -41.57 -33.94 17.72
N ALA J 144 -41.28 -35.22 17.54
CA ALA J 144 -42.32 -36.22 17.56
C ALA J 144 -42.92 -36.35 18.96
N PRO J 145 -44.20 -36.67 19.04
CA PRO J 145 -44.86 -36.82 20.35
C PRO J 145 -44.56 -38.13 21.06
N GLU J 146 -44.45 -38.04 22.39
CA GLU J 146 -44.34 -39.20 23.26
C GLU J 146 -45.74 -39.61 23.71
N VAL J 147 -46.02 -40.92 23.67
CA VAL J 147 -47.34 -41.45 23.98
C VAL J 147 -47.22 -42.46 25.12
N TYR J 148 -48.11 -42.35 26.10
CA TYR J 148 -48.19 -43.26 27.24
C TYR J 148 -49.65 -43.61 27.48
N ALA J 149 -49.96 -44.89 27.61
CA ALA J 149 -51.35 -45.32 27.79
C ALA J 149 -51.53 -45.99 29.13
N PHE J 150 -52.54 -45.54 29.88
CA PHE J 150 -52.80 -45.95 31.26
C PHE J 150 -54.27 -46.23 31.46
N ALA J 151 -54.58 -46.96 32.52
CA ALA J 151 -55.96 -47.23 32.92
C ALA J 151 -56.27 -46.53 34.24
N THR J 152 -57.37 -45.79 34.27
CA THR J 152 -57.81 -45.09 35.47
C THR J 152 -58.42 -46.11 36.44
N PRO J 153 -58.20 -45.93 37.74
CA PRO J 153 -58.74 -46.90 38.71
C PRO J 153 -60.25 -46.87 38.79
N GLU J 154 -60.80 -48.07 39.02
CA GLU J 154 -62.22 -48.26 39.17
C GLU J 154 -62.73 -47.68 40.49
N TRP J 155 -63.99 -47.28 40.49
CA TRP J 155 -64.72 -46.84 41.65
C TRP J 155 -65.95 -47.71 41.84
N PRO J 156 -66.43 -47.88 43.07
CA PRO J 156 -67.70 -48.61 43.25
C PRO J 156 -68.80 -47.97 42.41
N GLY J 157 -69.55 -48.80 41.71
CA GLY J 157 -70.55 -48.29 40.77
C GLY J 157 -70.10 -48.23 39.31
N SER J 158 -68.86 -48.60 39.01
CA SER J 158 -68.37 -48.66 37.63
C SER J 158 -68.06 -50.10 37.24
N ARG J 159 -69.08 -50.98 37.31
CA ARG J 159 -68.83 -52.42 37.27
C ARG J 159 -68.59 -52.92 35.85
N ASP J 160 -69.52 -52.64 34.94
CA ASP J 160 -69.40 -52.99 33.53
C ASP J 160 -68.69 -51.91 32.72
N LYS J 161 -68.02 -50.99 33.38
CA LYS J 161 -67.38 -49.87 32.73
C LYS J 161 -65.91 -49.83 33.15
N ARG J 162 -65.08 -49.33 32.25
CA ARG J 162 -63.71 -48.99 32.58
C ARG J 162 -63.32 -47.78 31.76
N THR J 163 -62.50 -46.91 32.35
CA THR J 163 -62.07 -45.68 31.71
C THR J 163 -60.58 -45.79 31.46
N LEU J 164 -60.17 -45.40 30.25
CA LEU J 164 -58.77 -45.43 29.83
C LEU J 164 -58.26 -44.02 29.57
N ALA J 165 -56.98 -43.79 29.88
CA ALA J 165 -56.36 -42.48 29.74
C ALA J 165 -55.11 -42.57 28.86
N CYS J 166 -54.84 -41.50 28.11
CA CYS J 166 -53.65 -41.42 27.28
C CYS J 166 -52.99 -40.05 27.41
N LEU J 167 -51.67 -40.03 27.58
CA LEU J 167 -50.90 -38.80 27.66
C LEU J 167 -49.97 -38.68 26.46
N ILE J 168 -50.17 -37.62 25.67
CA ILE J 168 -49.37 -37.32 24.49
C ILE J 168 -48.75 -35.94 24.70
N GLN J 169 -47.42 -35.88 24.63
CA GLN J 169 -46.74 -34.67 25.08
C GLN J 169 -45.43 -34.45 24.32
N ASN J 170 -44.89 -33.25 24.49
CA ASN J 170 -43.55 -32.88 24.04
C ASN J 170 -43.42 -32.86 22.53
N PHE J 171 -44.48 -32.49 21.82
CA PHE J 171 -44.49 -32.45 20.37
C PHE J 171 -44.68 -31.02 19.87
N MET J 172 -44.05 -30.71 18.74
CA MET J 172 -44.34 -29.43 18.10
C MET J 172 -44.11 -29.51 16.60
N PRO J 173 -44.92 -28.76 15.82
CA PRO J 173 -45.96 -27.80 16.23
C PRO J 173 -47.21 -28.40 16.91
N GLU J 174 -48.24 -27.57 17.15
CA GLU J 174 -49.38 -28.01 17.95
C GLU J 174 -50.29 -28.97 17.23
N ASP J 175 -50.22 -29.03 15.90
CA ASP J 175 -51.14 -29.83 15.09
C ASP J 175 -50.99 -31.32 15.35
N ILE J 176 -52.06 -31.96 15.86
CA ILE J 176 -52.00 -33.39 16.16
C ILE J 176 -53.38 -34.02 16.04
N SER J 177 -53.40 -35.32 15.71
CA SER J 177 -54.62 -36.12 15.66
C SER J 177 -54.46 -37.36 16.54
N VAL J 178 -55.53 -37.72 17.24
CA VAL J 178 -55.53 -38.83 18.20
C VAL J 178 -56.68 -39.78 17.90
N GLN J 179 -56.38 -41.07 17.90
CA GLN J 179 -57.39 -42.10 17.71
C GLN J 179 -57.21 -43.19 18.75
N TRP J 180 -58.20 -44.08 18.82
CA TRP J 180 -58.19 -45.23 19.69
C TRP J 180 -58.60 -46.44 18.87
N LEU J 181 -57.76 -47.48 18.87
CA LEU J 181 -58.05 -48.69 18.12
C LEU J 181 -58.25 -49.84 19.09
N HIS J 182 -59.36 -50.57 18.91
CA HIS J 182 -59.69 -51.76 19.69
C HIS J 182 -59.78 -52.95 18.74
N ASN J 183 -58.86 -53.90 18.88
CA ASN J 183 -58.90 -55.10 18.05
C ASN J 183 -58.57 -54.73 16.61
N GLU J 184 -57.47 -53.98 16.46
CA GLU J 184 -56.89 -53.57 15.19
C GLU J 184 -57.84 -52.73 14.32
N VAL J 185 -59.05 -52.45 14.82
CA VAL J 185 -60.03 -51.65 14.11
C VAL J 185 -60.22 -50.33 14.85
N GLN J 186 -60.06 -49.23 14.13
CA GLN J 186 -60.14 -47.90 14.74
C GLN J 186 -61.55 -47.65 15.27
N LEU J 187 -61.63 -47.08 16.48
CA LEU J 187 -62.90 -46.80 17.14
C LEU J 187 -63.42 -45.44 16.69
N PRO J 188 -64.74 -45.27 16.67
CA PRO J 188 -65.31 -43.98 16.24
C PRO J 188 -64.72 -42.82 17.03
N ASP J 189 -64.66 -41.66 16.40
CA ASP J 189 -64.14 -40.46 17.08
C ASP J 189 -65.05 -39.98 18.19
N ALA J 190 -66.35 -40.30 18.15
CA ALA J 190 -67.29 -39.89 19.18
C ALA J 190 -67.15 -40.69 20.48
N ARG J 191 -66.43 -41.81 20.45
CA ARG J 191 -66.27 -42.63 21.65
C ARG J 191 -65.34 -41.99 22.67
N HIS J 192 -64.44 -41.13 22.22
CA HIS J 192 -63.40 -40.59 23.08
C HIS J 192 -63.45 -39.06 23.14
N SER J 193 -62.87 -38.53 24.20
CA SER J 193 -62.76 -37.11 24.43
C SER J 193 -61.28 -36.75 24.57
N THR J 194 -60.84 -35.77 23.79
CA THR J 194 -59.45 -35.31 23.78
C THR J 194 -59.37 -33.80 23.97
N THR J 195 -58.42 -33.36 24.80
CA THR J 195 -58.24 -31.95 25.13
C THR J 195 -57.46 -31.21 24.04
N GLN J 196 -57.58 -29.88 24.04
CA GLN J 196 -56.81 -29.05 23.11
C GLN J 196 -55.35 -28.99 23.54
N PRO J 197 -54.43 -28.86 22.58
CA PRO J 197 -53.01 -28.77 22.91
C PRO J 197 -52.72 -27.54 23.78
N ARG J 198 -52.00 -27.75 24.87
CA ARG J 198 -51.60 -26.68 25.74
C ARG J 198 -50.07 -26.67 25.82
N LYS J 199 -49.52 -25.50 26.14
CA LYS J 199 -48.06 -25.38 26.22
C LYS J 199 -47.54 -26.01 27.50
N THR J 200 -46.37 -26.63 27.42
CA THR J 200 -45.72 -27.17 28.61
C THR J 200 -44.75 -26.15 29.18
N LYS J 201 -44.29 -26.43 30.40
CA LYS J 201 -43.23 -25.60 30.99
C LYS J 201 -41.99 -25.61 30.11
N GLY J 202 -41.73 -26.71 29.43
CA GLY J 202 -40.73 -26.77 28.37
C GLY J 202 -41.25 -26.14 27.10
N SER J 203 -40.62 -26.50 25.99
CA SER J 203 -41.03 -26.00 24.68
C SER J 203 -42.16 -26.82 24.06
N GLY J 204 -42.40 -28.05 24.52
CA GLY J 204 -43.38 -28.92 23.88
C GLY J 204 -44.83 -28.71 24.32
N PHE J 205 -45.72 -29.36 23.57
CA PHE J 205 -47.16 -29.41 23.83
C PHE J 205 -47.56 -30.76 24.44
N PHE J 206 -48.81 -30.84 24.89
CA PHE J 206 -49.37 -32.06 25.48
C PHE J 206 -50.88 -32.11 25.25
N VAL J 207 -51.42 -33.33 25.25
CA VAL J 207 -52.86 -33.55 25.23
C VAL J 207 -53.23 -34.75 26.10
N PHE J 208 -54.49 -34.77 26.55
CA PHE J 208 -55.07 -35.86 27.31
C PHE J 208 -56.29 -36.40 26.59
N SER J 209 -56.40 -37.73 26.50
CA SER J 209 -57.51 -38.41 25.86
C SER J 209 -58.18 -39.38 26.83
N ARG J 210 -59.50 -39.49 26.71
CA ARG J 210 -60.33 -40.21 27.67
C ARG J 210 -61.28 -41.11 26.90
N LEU J 211 -61.14 -42.43 27.06
CA LEU J 211 -61.96 -43.41 26.36
C LEU J 211 -62.59 -44.36 27.35
N GLU J 212 -63.92 -44.44 27.35
CA GLU J 212 -64.64 -45.38 28.21
C GLU J 212 -64.94 -46.64 27.43
N VAL J 213 -64.50 -47.79 27.95
CA VAL J 213 -64.68 -49.07 27.29
C VAL J 213 -65.51 -49.98 28.18
N THR J 214 -66.33 -50.82 27.55
CA THR J 214 -67.24 -51.71 28.25
C THR J 214 -66.60 -53.07 28.55
N ARG J 215 -67.19 -53.77 29.53
CA ARG J 215 -66.71 -55.10 29.86
C ARG J 215 -66.82 -56.02 28.65
N ALA J 216 -67.87 -55.84 27.85
CA ALA J 216 -68.04 -56.66 26.66
C ALA J 216 -66.88 -56.48 25.68
N GLU J 217 -66.30 -55.27 25.63
CA GLU J 217 -65.20 -55.02 24.71
C GLU J 217 -63.89 -55.60 25.20
N TRP J 218 -63.50 -55.31 26.46
CA TRP J 218 -62.20 -55.76 26.91
C TRP J 218 -62.16 -57.26 27.16
N GLU J 219 -63.32 -57.91 27.33
CA GLU J 219 -63.34 -59.36 27.43
C GLU J 219 -63.22 -60.01 26.06
N GLN J 220 -63.67 -59.32 25.00
CA GLN J 220 -63.43 -59.81 23.63
C GLN J 220 -61.93 -59.80 23.33
N LYS J 221 -61.26 -58.68 23.58
CA LYS J 221 -59.79 -58.59 23.50
C LYS J 221 -59.35 -57.44 24.38
N ASP J 222 -58.45 -57.72 25.33
CA ASP J 222 -58.03 -56.74 26.33
C ASP J 222 -56.85 -55.88 25.89
N GLU J 223 -56.78 -55.43 24.64
CA GLU J 223 -55.75 -54.49 24.20
C GLU J 223 -56.40 -53.34 23.47
N PHE J 224 -56.03 -52.11 23.86
CA PHE J 224 -56.52 -50.88 23.26
C PHE J 224 -55.33 -49.99 22.91
N ILE J 225 -55.35 -49.39 21.72
CA ILE J 225 -54.21 -48.67 21.17
C ILE J 225 -54.48 -47.18 21.19
N CYS J 226 -53.57 -46.42 21.78
CA CYS J 226 -53.61 -44.96 21.70
C CYS J 226 -52.57 -44.54 20.66
N ARG J 227 -53.07 -43.96 19.56
CA ARG J 227 -52.24 -43.56 18.44
C ARG J 227 -52.25 -42.04 18.30
N ALA J 228 -51.09 -41.49 17.99
CA ALA J 228 -50.94 -40.08 17.65
C ALA J 228 -50.48 -39.98 16.21
N VAL J 229 -50.95 -38.96 15.51
CA VAL J 229 -50.50 -38.67 14.15
C VAL J 229 -49.94 -37.27 14.15
N HIS J 230 -48.65 -37.14 13.85
CA HIS J 230 -47.95 -35.86 13.93
C HIS J 230 -46.89 -35.83 12.84
N GLU J 231 -46.72 -34.65 12.21
CA GLU J 231 -45.83 -34.59 11.04
C GLU J 231 -44.40 -34.97 11.40
N ALA J 232 -43.97 -34.68 12.63
CA ALA J 232 -42.60 -35.00 13.03
C ALA J 232 -42.40 -36.47 13.42
N ALA J 233 -43.47 -37.22 13.68
CA ALA J 233 -43.32 -38.62 14.07
C ALA J 233 -42.78 -39.44 12.90
N SER J 234 -41.88 -40.36 13.21
CA SER J 234 -41.17 -41.09 12.17
C SER J 234 -41.12 -42.59 12.43
N PRO J 235 -41.37 -43.39 11.38
CA PRO J 235 -41.81 -42.85 10.08
C PRO J 235 -43.32 -43.02 9.96
N SER J 236 -43.91 -42.53 8.88
CA SER J 236 -45.34 -42.57 8.60
C SER J 236 -46.14 -41.62 9.48
N GLN J 237 -45.47 -40.80 10.29
CA GLN J 237 -46.13 -39.80 11.14
C GLN J 237 -47.09 -40.44 12.13
N THR J 238 -46.68 -41.57 12.69
CA THR J 238 -47.52 -42.29 13.66
C THR J 238 -46.68 -42.79 14.82
N VAL J 239 -47.16 -42.52 16.03
CA VAL J 239 -46.64 -43.07 17.27
C VAL J 239 -47.82 -43.62 18.04
N GLN J 240 -47.66 -44.79 18.65
CA GLN J 240 -48.79 -45.39 19.37
C GLN J 240 -48.30 -46.27 20.51
N ARG J 241 -49.19 -46.46 21.49
CA ARG J 241 -48.94 -47.34 22.63
C ARG J 241 -50.22 -48.11 22.97
N ALA J 242 -50.04 -49.32 23.52
CA ALA J 242 -51.14 -50.18 23.93
C ALA J 242 -51.29 -50.20 25.45
N VAL J 243 -52.52 -50.44 25.92
CA VAL J 243 -52.84 -50.52 27.34
C VAL J 243 -53.91 -51.60 27.55
N SER J 244 -53.88 -52.25 28.73
CA SER J 244 -54.79 -53.34 29.06
C SER J 244 -55.50 -53.10 30.38
N VAL J 245 -56.73 -53.60 30.47
CA VAL J 245 -57.49 -53.65 31.73
C VAL J 245 -56.97 -54.79 32.63
N GLU K 2 18.64 -39.33 5.90
CA GLU K 2 19.93 -38.82 5.46
C GLU K 2 20.37 -39.45 4.15
N VAL K 3 21.50 -38.97 3.63
CA VAL K 3 22.10 -39.43 2.37
C VAL K 3 23.51 -39.93 2.64
N GLN K 4 23.85 -41.05 2.02
CA GLN K 4 25.16 -41.69 2.16
C GLN K 4 25.78 -41.90 0.79
N LEU K 5 27.10 -41.66 0.69
CA LEU K 5 27.84 -41.82 -0.56
C LEU K 5 29.09 -42.65 -0.34
N VAL K 6 29.26 -43.70 -1.15
CA VAL K 6 30.36 -44.64 -1.00
C VAL K 6 31.12 -44.76 -2.32
N GLU K 7 32.43 -44.50 -2.27
CA GLU K 7 33.26 -44.64 -3.45
C GLU K 7 33.86 -46.03 -3.52
N SER K 8 34.06 -46.51 -4.74
CA SER K 8 34.67 -47.80 -4.98
C SER K 8 35.37 -47.79 -6.33
N GLY K 9 36.27 -48.74 -6.52
CA GLY K 9 37.03 -48.86 -7.75
C GLY K 9 38.44 -48.31 -7.69
N GLY K 10 38.87 -47.79 -6.55
CA GLY K 10 40.25 -47.35 -6.43
C GLY K 10 41.20 -48.52 -6.36
N GLY K 11 42.47 -48.25 -6.64
CA GLY K 11 43.48 -49.28 -6.55
C GLY K 11 44.74 -48.90 -7.29
N LEU K 12 45.63 -49.88 -7.42
CA LEU K 12 46.83 -49.70 -8.22
C LEU K 12 46.50 -49.77 -9.70
N VAL K 13 46.98 -48.78 -10.44
CA VAL K 13 46.72 -48.65 -11.86
C VAL K 13 48.03 -48.33 -12.56
N GLN K 14 48.26 -48.95 -13.70
CA GLN K 14 49.47 -48.69 -14.44
C GLN K 14 49.41 -47.28 -15.04
N PRO K 15 50.56 -46.62 -15.19
CA PRO K 15 50.56 -45.35 -15.92
C PRO K 15 50.11 -45.57 -17.35
N GLY K 16 49.33 -44.63 -17.88
CA GLY K 16 48.75 -44.76 -19.20
C GLY K 16 47.54 -45.66 -19.26
N GLY K 17 47.21 -46.34 -18.17
CA GLY K 17 46.03 -47.18 -18.09
C GLY K 17 44.74 -46.40 -17.90
N SER K 18 43.66 -47.15 -17.79
CA SER K 18 42.33 -46.61 -17.58
C SER K 18 41.85 -46.95 -16.17
N LEU K 19 40.88 -46.16 -15.71
CA LEU K 19 40.34 -46.25 -14.37
C LEU K 19 38.82 -46.14 -14.43
N ARG K 20 38.12 -46.97 -13.66
CA ARG K 20 36.67 -46.83 -13.53
C ARG K 20 36.31 -46.70 -12.06
N LEU K 21 35.77 -45.55 -11.69
CA LEU K 21 35.36 -45.28 -10.32
C LEU K 21 33.85 -45.20 -10.27
N SER K 22 33.27 -45.81 -9.25
CA SER K 22 31.83 -45.80 -9.07
C SER K 22 31.48 -45.32 -7.67
N CYS K 23 30.42 -44.51 -7.59
CA CYS K 23 29.90 -43.95 -6.35
C CYS K 23 28.48 -44.46 -6.14
N ALA K 24 28.28 -45.28 -5.11
CA ALA K 24 26.97 -45.84 -4.79
C ALA K 24 26.23 -44.91 -3.82
N VAL K 25 25.08 -44.39 -4.24
CA VAL K 25 24.30 -43.44 -3.47
C VAL K 25 23.12 -44.17 -2.84
N SER K 26 22.93 -43.98 -1.53
CA SER K 26 21.77 -44.52 -0.82
C SER K 26 21.09 -43.40 -0.04
N GLY K 27 19.78 -43.54 0.16
CA GLY K 27 18.95 -42.57 0.86
C GLY K 27 18.38 -41.45 0.01
N TYR K 28 18.85 -41.27 -1.22
CA TYR K 28 18.29 -40.26 -2.11
C TYR K 28 18.50 -40.73 -3.55
N SER K 29 17.60 -40.31 -4.44
CA SER K 29 17.66 -40.74 -5.84
C SER K 29 18.43 -39.70 -6.65
N ILE K 30 19.50 -40.15 -7.32
CA ILE K 30 20.37 -39.27 -8.07
C ILE K 30 19.65 -38.64 -9.25
N THR K 31 18.44 -39.11 -9.55
CA THR K 31 17.56 -38.47 -10.51
C THR K 31 16.53 -37.55 -9.85
N SER K 32 16.33 -37.66 -8.53
CA SER K 32 15.33 -36.84 -7.85
C SER K 32 15.78 -35.39 -7.61
N GLY K 33 17.09 -35.14 -7.49
CA GLY K 33 17.57 -33.78 -7.32
C GLY K 33 19.08 -33.72 -7.15
N TYR K 34 19.59 -32.47 -7.02
CA TYR K 34 20.97 -32.13 -6.69
C TYR K 34 21.96 -32.41 -7.82
N SER K 35 23.22 -31.99 -7.65
CA SER K 35 24.30 -32.26 -8.60
C SER K 35 25.24 -33.26 -7.96
N TRP K 36 25.81 -34.14 -8.79
CA TRP K 36 26.62 -35.27 -8.34
C TRP K 36 28.02 -35.16 -8.95
N ASN K 37 29.04 -35.08 -8.09
CA ASN K 37 30.35 -34.62 -8.49
C ASN K 37 31.43 -35.62 -8.09
N TRP K 38 32.56 -35.55 -8.79
CA TRP K 38 33.79 -36.25 -8.47
C TRP K 38 34.84 -35.20 -8.20
N ILE K 39 35.51 -35.29 -7.06
CA ILE K 39 36.50 -34.32 -6.62
C ILE K 39 37.72 -35.08 -6.12
N ARG K 40 38.91 -34.69 -6.58
CA ARG K 40 40.10 -35.44 -6.26
C ARG K 40 41.08 -34.56 -5.51
N GLN K 41 41.84 -35.19 -4.62
CA GLN K 41 42.83 -34.50 -3.81
C GLN K 41 44.14 -35.26 -3.92
N ALA K 42 45.14 -34.63 -4.54
CA ALA K 42 46.45 -35.23 -4.69
C ALA K 42 47.16 -35.25 -3.35
N PRO K 43 48.06 -36.21 -3.13
CA PRO K 43 48.68 -36.35 -1.81
C PRO K 43 49.32 -35.04 -1.38
N GLY K 44 48.93 -34.56 -0.20
CA GLY K 44 49.44 -33.32 0.33
C GLY K 44 49.26 -32.12 -0.58
N LYS K 45 48.11 -32.04 -1.26
CA LYS K 45 47.84 -30.93 -2.16
C LYS K 45 46.38 -30.54 -2.06
N GLY K 46 46.06 -29.43 -2.72
CA GLY K 46 44.72 -28.91 -2.65
C GLY K 46 43.74 -29.76 -3.42
N LEU K 47 42.46 -29.49 -3.15
CA LEU K 47 41.37 -30.18 -3.84
C LEU K 47 41.21 -29.65 -5.25
N GLU K 48 40.86 -30.56 -6.17
CA GLU K 48 40.57 -30.25 -7.57
C GLU K 48 39.23 -30.85 -7.93
N TRP K 49 38.35 -30.04 -8.51
CA TRP K 49 37.02 -30.49 -8.91
C TRP K 49 37.14 -31.10 -10.31
N VAL K 50 36.72 -32.35 -10.46
CA VAL K 50 36.95 -33.09 -11.69
C VAL K 50 35.77 -33.06 -12.65
N ALA K 51 34.59 -33.48 -12.21
CA ALA K 51 33.44 -33.59 -13.11
C ALA K 51 32.15 -33.65 -12.31
N SER K 52 31.05 -33.32 -12.97
CA SER K 52 29.75 -33.29 -12.31
C SER K 52 28.66 -33.76 -13.27
N ILE K 53 27.63 -34.40 -12.71
CA ILE K 53 26.43 -34.78 -13.44
C ILE K 53 25.22 -34.31 -12.64
N LYS K 54 24.43 -33.45 -13.24
CA LYS K 54 23.25 -32.93 -12.59
C LYS K 54 22.20 -34.03 -12.50
N TYR K 55 21.22 -33.84 -11.63
CA TYR K 55 20.16 -34.83 -11.52
C TYR K 55 19.42 -34.97 -12.85
N SER K 56 19.23 -33.87 -13.56
CA SER K 56 18.53 -33.89 -14.84
C SER K 56 19.40 -34.40 -15.99
N GLY K 57 20.70 -34.58 -15.76
CA GLY K 57 21.57 -35.24 -16.72
C GLY K 57 22.68 -34.41 -17.33
N GLU K 58 22.71 -33.08 -17.15
CA GLU K 58 23.81 -32.30 -17.71
C GLU K 58 25.14 -32.70 -17.08
N THR K 59 26.20 -32.70 -17.87
CA THR K 59 27.53 -33.01 -17.36
C THR K 59 28.49 -31.86 -17.68
N LYS K 60 29.42 -31.63 -16.75
CA LYS K 60 30.46 -30.62 -16.89
C LYS K 60 31.79 -31.27 -16.54
N TYR K 61 32.86 -30.84 -17.22
CA TYR K 61 34.18 -31.41 -16.96
C TYR K 61 35.17 -30.27 -16.69
N ASN K 62 36.18 -30.56 -15.89
CA ASN K 62 37.22 -29.57 -15.68
C ASN K 62 38.15 -29.57 -16.89
N PRO K 63 38.38 -28.42 -17.53
CA PRO K 63 39.29 -28.39 -18.68
C PRO K 63 40.62 -29.07 -18.42
N SER K 64 41.09 -29.14 -17.18
CA SER K 64 42.39 -29.75 -16.91
C SER K 64 42.39 -31.25 -17.22
N VAL K 65 41.26 -31.92 -17.06
CA VAL K 65 41.16 -33.35 -17.34
C VAL K 65 40.21 -33.67 -18.49
N LYS K 66 39.56 -32.68 -19.10
CA LYS K 66 38.59 -32.96 -20.15
C LYS K 66 39.26 -33.62 -21.35
N GLY K 67 38.52 -34.53 -22.00
CA GLY K 67 39.00 -35.28 -23.14
C GLY K 67 39.43 -36.69 -22.82
N ARG K 68 39.85 -36.94 -21.58
CA ARG K 68 40.24 -38.27 -21.12
C ARG K 68 39.42 -38.69 -19.90
N ILE K 69 38.28 -38.04 -19.66
CA ILE K 69 37.44 -38.30 -18.51
C ILE K 69 35.98 -38.33 -18.94
N THR K 70 35.22 -39.28 -18.39
CA THR K 70 33.81 -39.47 -18.69
C THR K 70 33.05 -39.72 -17.39
N ILE K 71 31.90 -39.08 -17.27
CA ILE K 71 31.00 -39.25 -16.14
C ILE K 71 29.68 -39.80 -16.65
N SER K 72 29.17 -40.83 -15.97
CA SER K 72 27.95 -41.52 -16.39
C SER K 72 27.22 -41.97 -15.13
N ARG K 73 25.95 -42.29 -15.29
CA ARG K 73 25.15 -42.76 -14.17
C ARG K 73 24.31 -43.95 -14.62
N ASP K 74 23.88 -44.73 -13.64
CA ASP K 74 22.98 -45.87 -13.87
C ASP K 74 21.80 -45.69 -12.91
N ASP K 75 20.66 -45.21 -13.43
CA ASP K 75 19.51 -44.91 -12.58
C ASP K 75 19.09 -46.12 -11.76
N SER K 76 19.05 -47.30 -12.38
CA SER K 76 18.54 -48.47 -11.68
C SER K 76 19.38 -48.82 -10.46
N LYS K 77 20.71 -48.65 -10.56
CA LYS K 77 21.63 -48.92 -9.47
C LYS K 77 21.91 -47.69 -8.60
N ASN K 78 21.28 -46.56 -8.90
CA ASN K 78 21.46 -45.32 -8.15
C ASN K 78 22.96 -45.07 -7.90
N THR K 79 23.74 -45.21 -8.97
CA THR K 79 25.19 -45.11 -8.94
C THR K 79 25.65 -44.24 -10.09
N PHE K 80 26.73 -43.47 -9.89
CA PHE K 80 27.36 -42.76 -11.00
C PHE K 80 28.84 -43.08 -11.02
N TYR K 81 29.43 -42.86 -12.19
CA TYR K 81 30.76 -43.39 -12.49
C TYR K 81 31.67 -42.28 -12.98
N LEU K 82 32.97 -42.51 -12.82
CA LEU K 82 33.98 -41.65 -13.40
C LEU K 82 34.95 -42.56 -14.13
N GLN K 83 35.04 -42.40 -15.44
CA GLN K 83 35.93 -43.21 -16.27
C GLN K 83 37.09 -42.34 -16.70
N MET K 84 38.29 -42.83 -16.50
CA MET K 84 39.49 -42.07 -16.86
C MET K 84 40.41 -42.98 -17.66
N ASN K 85 40.92 -42.45 -18.77
CA ASN K 85 41.87 -43.15 -19.60
C ASN K 85 43.09 -42.26 -19.81
N SER K 86 44.17 -42.86 -20.25
CA SER K 86 45.42 -42.13 -20.44
C SER K 86 45.91 -41.55 -19.11
N LEU K 87 45.82 -42.35 -18.05
CA LEU K 87 46.18 -41.86 -16.74
C LEU K 87 47.64 -41.43 -16.70
N ARG K 88 47.92 -40.45 -15.85
CA ARG K 88 49.25 -39.94 -15.65
C ARG K 88 49.53 -39.86 -14.16
N ALA K 89 50.81 -39.75 -13.81
CA ALA K 89 51.18 -39.75 -12.40
C ALA K 89 50.49 -38.61 -11.67
N GLU K 90 50.33 -37.47 -12.33
CA GLU K 90 49.66 -36.34 -11.70
C GLU K 90 48.21 -36.65 -11.37
N ASP K 91 47.59 -37.58 -12.12
CA ASP K 91 46.24 -38.02 -11.82
C ASP K 91 46.16 -38.78 -10.50
N THR K 92 47.31 -39.14 -9.92
CA THR K 92 47.36 -39.82 -8.64
C THR K 92 46.72 -38.95 -7.57
N ALA K 93 45.73 -39.50 -6.87
CA ALA K 93 44.96 -38.68 -5.92
C ALA K 93 43.96 -39.57 -5.19
N VAL K 94 43.32 -38.97 -4.17
CA VAL K 94 42.13 -39.53 -3.55
C VAL K 94 40.91 -38.93 -4.24
N TYR K 95 40.00 -39.78 -4.68
CA TYR K 95 38.83 -39.36 -5.44
C TYR K 95 37.60 -39.48 -4.56
N TYR K 96 36.90 -38.36 -4.38
CA TYR K 96 35.69 -38.28 -3.59
C TYR K 96 34.50 -38.04 -4.51
N CYS K 97 33.35 -38.59 -4.14
CA CYS K 97 32.09 -38.21 -4.75
C CYS K 97 31.29 -37.40 -3.74
N ALA K 98 30.60 -36.37 -4.21
CA ALA K 98 29.85 -35.48 -3.33
C ALA K 98 28.55 -35.06 -4.01
N ARG K 99 27.55 -34.74 -3.20
CA ARG K 99 26.28 -34.22 -3.67
C ARG K 99 26.24 -32.72 -3.41
N GLY K 100 26.03 -31.94 -4.46
CA GLY K 100 26.05 -30.49 -4.37
C GLY K 100 24.66 -29.92 -4.17
N SER K 101 24.53 -29.06 -3.15
CA SER K 101 23.28 -28.35 -2.96
C SER K 101 23.31 -27.04 -3.74
N HIS K 102 22.13 -26.57 -4.12
CA HIS K 102 21.98 -25.50 -5.11
C HIS K 102 21.62 -24.16 -4.47
N TYR K 103 22.29 -23.10 -4.92
CA TYR K 103 21.98 -21.74 -4.46
C TYR K 103 22.01 -20.80 -5.67
N PHE K 104 20.81 -20.48 -6.18
CA PHE K 104 20.60 -19.45 -7.22
C PHE K 104 21.61 -19.56 -8.38
N GLY K 105 21.73 -20.78 -8.90
CA GLY K 105 22.61 -21.09 -10.01
C GLY K 105 24.01 -21.56 -9.66
N HIS K 106 24.33 -21.71 -8.38
CA HIS K 106 25.67 -22.13 -7.99
C HIS K 106 25.57 -23.28 -6.99
N TRP K 107 26.55 -24.19 -7.05
CA TRP K 107 26.48 -25.43 -6.30
C TRP K 107 27.62 -25.50 -5.29
N HIS K 108 27.32 -26.07 -4.13
CA HIS K 108 28.29 -26.31 -3.07
C HIS K 108 28.11 -27.74 -2.56
N PHE K 109 29.21 -28.33 -2.12
CA PHE K 109 29.27 -29.75 -1.80
C PHE K 109 28.92 -29.99 -0.34
N ALA K 110 27.64 -30.28 -0.08
CA ALA K 110 27.15 -30.44 1.29
C ALA K 110 27.35 -31.85 1.85
N VAL K 111 27.32 -32.88 1.01
CA VAL K 111 27.47 -34.28 1.45
C VAL K 111 28.63 -34.93 0.70
N TRP K 112 29.52 -35.59 1.43
CA TRP K 112 30.72 -36.19 0.86
C TRP K 112 30.80 -37.66 1.23
N GLY K 113 31.52 -38.42 0.40
CA GLY K 113 31.88 -39.78 0.72
C GLY K 113 33.23 -39.82 1.41
N GLN K 114 33.68 -41.03 1.72
CA GLN K 114 35.00 -41.17 2.30
C GLN K 114 36.13 -41.14 1.28
N GLY K 115 35.84 -41.43 0.02
CA GLY K 115 36.86 -41.38 -1.01
C GLY K 115 37.61 -42.69 -1.17
N THR K 116 38.14 -42.87 -2.37
CA THR K 116 38.94 -44.02 -2.72
C THR K 116 40.23 -43.53 -3.38
N LEU K 117 41.32 -44.26 -3.09
CA LEU K 117 42.66 -43.84 -3.48
C LEU K 117 43.03 -44.42 -4.83
N VAL K 118 43.47 -43.55 -5.74
CA VAL K 118 44.01 -43.96 -7.03
C VAL K 118 45.49 -43.63 -7.06
N THR K 119 46.33 -44.63 -7.30
CA THR K 119 47.77 -44.44 -7.39
C THR K 119 48.20 -44.82 -8.80
N VAL K 120 48.80 -43.86 -9.50
CA VAL K 120 49.24 -44.05 -10.89
C VAL K 120 50.73 -43.70 -10.95
N SER K 121 51.60 -44.69 -10.76
CA SER K 121 53.03 -44.40 -10.89
C SER K 121 53.84 -45.68 -10.83
N SER K 122 55.01 -45.63 -11.48
CA SER K 122 56.02 -46.68 -11.42
C SER K 122 57.37 -46.05 -11.10
N GLY K 123 58.07 -46.59 -10.12
CA GLY K 123 59.38 -46.08 -9.75
C GLY K 123 59.36 -44.73 -9.04
N GLY L 1 45.39 -24.42 -15.66
CA GLY L 1 44.78 -23.24 -15.08
C GLY L 1 44.92 -21.99 -15.96
N GLY L 2 45.38 -20.90 -15.34
CA GLY L 2 45.61 -19.64 -16.04
C GLY L 2 44.34 -18.84 -16.20
N SER L 3 43.42 -19.35 -17.01
CA SER L 3 42.08 -18.79 -17.12
C SER L 3 41.21 -19.17 -15.94
N ASP L 4 41.59 -20.19 -15.19
CA ASP L 4 40.86 -20.59 -14.00
C ASP L 4 41.05 -19.55 -12.91
N ILE L 5 40.07 -19.47 -12.01
CA ILE L 5 40.15 -18.59 -10.84
C ILE L 5 41.10 -19.19 -9.81
N GLN L 6 42.16 -18.46 -9.46
CA GLN L 6 43.09 -18.92 -8.44
C GLN L 6 42.62 -18.44 -7.08
N LEU L 7 42.60 -19.34 -6.10
CA LEU L 7 42.24 -19.03 -4.72
C LEU L 7 43.47 -19.21 -3.83
N THR L 8 43.85 -18.13 -3.15
CA THR L 8 45.00 -18.09 -2.26
C THR L 8 44.55 -17.83 -0.84
N GLN L 9 45.04 -18.62 0.11
CA GLN L 9 44.71 -18.46 1.51
C GLN L 9 45.91 -17.98 2.31
N SER L 10 45.62 -17.29 3.42
CA SER L 10 46.62 -16.93 4.42
C SER L 10 45.91 -16.81 5.77
N PRO L 11 46.59 -17.22 6.85
CA PRO L 11 47.94 -17.74 6.68
C PRO L 11 47.93 -19.17 6.16
N SER L 12 49.08 -19.66 5.71
CA SER L 12 49.17 -21.04 5.28
C SER L 12 48.92 -22.00 6.44
N SER L 13 49.49 -21.70 7.60
CA SER L 13 49.40 -22.52 8.80
C SER L 13 49.38 -21.60 10.01
N LEU L 14 48.69 -22.03 11.07
CA LEU L 14 48.66 -21.24 12.30
C LEU L 14 48.35 -22.12 13.51
N SER L 15 48.88 -21.73 14.67
CA SER L 15 48.68 -22.43 15.93
C SER L 15 47.94 -21.52 16.90
N ALA L 16 46.93 -22.07 17.59
CA ALA L 16 46.11 -21.28 18.51
C ALA L 16 45.71 -22.13 19.72
N SER L 17 44.94 -21.52 20.62
CA SER L 17 44.46 -22.13 21.84
C SER L 17 42.94 -22.21 21.87
N VAL L 18 42.42 -23.06 22.74
CA VAL L 18 40.98 -23.13 22.95
C VAL L 18 40.50 -21.79 23.52
N GLY L 19 39.38 -21.31 22.99
CA GLY L 19 38.83 -20.03 23.37
C GLY L 19 39.28 -18.85 22.52
N ASP L 20 40.41 -18.97 21.83
CA ASP L 20 40.93 -17.88 21.01
C ASP L 20 40.10 -17.70 19.75
N ARG L 21 40.26 -16.53 19.13
CA ARG L 21 39.70 -16.23 17.81
C ARG L 21 40.72 -16.50 16.71
N VAL L 22 40.28 -17.17 15.65
CA VAL L 22 41.09 -17.47 14.46
C VAL L 22 40.46 -16.78 13.26
N THR L 23 41.32 -16.25 12.39
CA THR L 23 40.92 -15.54 11.18
C THR L 23 41.70 -16.09 10.00
N ILE L 24 40.98 -16.50 8.95
CA ILE L 24 41.60 -17.02 7.73
C ILE L 24 41.13 -16.19 6.53
N THR L 25 42.08 -15.86 5.65
CA THR L 25 41.86 -14.99 4.49
C THR L 25 41.91 -15.81 3.20
N CYS L 26 41.01 -15.49 2.25
CA CYS L 26 40.97 -16.15 0.95
C CYS L 26 40.91 -15.09 -0.15
N ARG L 27 41.94 -15.04 -0.99
CA ARG L 27 42.06 -14.05 -2.06
C ARG L 27 41.90 -14.71 -3.42
N ALA L 28 41.04 -14.15 -4.28
CA ALA L 28 40.74 -14.68 -5.61
C ALA L 28 41.37 -13.82 -6.70
N SER L 29 41.88 -14.48 -7.75
CA SER L 29 42.46 -13.74 -8.87
C SER L 29 41.41 -12.96 -9.64
N LYS L 30 40.17 -13.44 -9.69
CA LYS L 30 39.06 -12.71 -10.28
C LYS L 30 37.91 -12.63 -9.30
N PRO L 31 37.13 -11.56 -9.34
CA PRO L 31 35.96 -11.45 -8.48
C PRO L 31 34.95 -12.58 -8.71
N VAL L 32 34.29 -12.99 -7.62
CA VAL L 32 33.30 -14.05 -7.62
C VAL L 32 31.94 -13.52 -7.17
N ASP L 33 31.70 -12.22 -7.38
CA ASP L 33 30.43 -11.58 -7.05
C ASP L 33 29.46 -11.76 -8.20
N GLY L 34 28.20 -12.03 -7.88
CA GLY L 34 27.15 -12.04 -8.88
C GLY L 34 25.78 -11.82 -8.27
N GLU L 35 25.02 -10.86 -8.79
CA GLU L 35 23.63 -10.65 -8.36
C GLU L 35 23.52 -10.34 -6.87
N GLY L 36 24.46 -9.53 -6.35
CA GLY L 36 24.42 -9.11 -4.96
C GLY L 36 24.91 -10.13 -3.96
N ASP L 37 25.54 -11.20 -4.42
CA ASP L 37 26.07 -12.28 -3.59
C ASP L 37 27.47 -12.64 -4.04
N SER L 38 28.18 -13.38 -3.18
CA SER L 38 29.53 -13.86 -3.47
C SER L 38 29.52 -15.37 -3.35
N TYR L 39 29.96 -16.05 -4.41
CA TYR L 39 29.84 -17.50 -4.46
C TYR L 39 31.17 -18.13 -4.04
N LEU L 40 31.46 -17.91 -2.76
CA LEU L 40 32.66 -18.42 -2.10
C LEU L 40 32.25 -19.26 -0.90
N ASN L 41 32.71 -20.52 -0.86
CA ASN L 41 32.31 -21.47 0.16
C ASN L 41 33.51 -21.83 1.01
N TRP L 42 33.24 -22.27 2.24
CA TRP L 42 34.28 -22.65 3.20
C TRP L 42 34.08 -24.08 3.64
N TYR L 43 35.16 -24.88 3.62
CA TYR L 43 35.09 -26.29 4.03
C TYR L 43 36.08 -26.59 5.14
N GLN L 44 35.71 -27.53 6.00
CA GLN L 44 36.56 -28.02 7.08
C GLN L 44 36.86 -29.50 6.84
N GLN L 45 38.14 -29.86 6.82
CA GLN L 45 38.54 -31.23 6.57
C GLN L 45 39.46 -31.72 7.69
N LYS L 46 38.91 -32.52 8.60
CA LYS L 46 39.72 -33.10 9.65
C LYS L 46 40.61 -34.20 9.10
N PRO L 47 41.64 -34.59 9.85
CA PRO L 47 42.61 -35.56 9.31
C PRO L 47 41.95 -36.89 8.97
N GLY L 48 42.21 -37.36 7.76
CA GLY L 48 41.71 -38.65 7.33
C GLY L 48 40.23 -38.70 6.97
N LYS L 49 39.49 -37.62 7.16
CA LYS L 49 38.10 -37.58 6.75
C LYS L 49 37.96 -36.78 5.46
N ALA L 50 36.79 -36.85 4.87
CA ALA L 50 36.50 -36.02 3.73
C ALA L 50 36.06 -34.65 4.21
N PRO L 51 36.19 -33.62 3.38
CA PRO L 51 35.78 -32.28 3.79
C PRO L 51 34.34 -32.22 4.29
N LYS L 52 34.00 -31.12 4.97
CA LYS L 52 32.66 -30.83 5.45
C LYS L 52 32.37 -29.36 5.15
N LEU L 53 31.15 -29.10 4.69
CA LEU L 53 30.74 -27.73 4.33
C LEU L 53 30.36 -26.96 5.60
N LEU L 54 30.89 -25.74 5.71
CA LEU L 54 30.61 -24.84 6.82
C LEU L 54 29.75 -23.66 6.39
N ILE L 55 30.19 -22.95 5.34
CA ILE L 55 29.57 -21.71 4.89
C ILE L 55 29.49 -21.78 3.38
N TYR L 56 28.36 -21.38 2.82
CA TYR L 56 28.18 -21.29 1.37
C TYR L 56 27.76 -19.88 0.99
N ALA L 57 28.13 -19.46 -0.21
CA ALA L 57 27.80 -18.12 -0.70
C ALA L 57 28.34 -17.04 0.24
N ALA L 58 29.62 -17.21 0.65
CA ALA L 58 30.41 -16.23 1.39
C ALA L 58 30.13 -16.22 2.88
N SER L 59 28.83 -16.16 3.25
CA SER L 59 28.43 -15.86 4.61
C SER L 59 27.25 -16.66 5.13
N TYR L 60 26.73 -17.61 4.39
CA TYR L 60 25.56 -18.35 4.83
C TYR L 60 25.99 -19.65 5.49
N LEU L 61 25.55 -19.85 6.73
CA LEU L 61 25.98 -20.99 7.52
C LEU L 61 25.24 -22.24 7.05
N GLU L 62 25.98 -23.33 6.87
CA GLU L 62 25.35 -24.59 6.53
C GLU L 62 24.60 -25.16 7.73
N SER L 63 23.48 -25.81 7.46
CA SER L 63 22.67 -26.34 8.55
C SER L 63 23.49 -27.29 9.44
N GLY L 64 23.38 -27.09 10.75
CA GLY L 64 24.09 -27.91 11.69
C GLY L 64 25.51 -27.48 11.98
N VAL L 65 26.02 -26.48 11.26
CA VAL L 65 27.37 -25.97 11.51
C VAL L 65 27.31 -24.97 12.66
N PRO L 66 28.18 -25.09 13.67
CA PRO L 66 28.09 -24.21 14.85
C PRO L 66 28.17 -22.73 14.49
N SER L 67 27.46 -21.91 15.26
CA SER L 67 27.38 -20.48 15.00
C SER L 67 28.69 -19.73 15.19
N ARG L 68 29.70 -20.33 15.84
CA ARG L 68 30.98 -19.66 16.00
C ARG L 68 31.74 -19.53 14.68
N PHE L 69 31.35 -20.24 13.63
CA PHE L 69 31.91 -20.05 12.30
C PHE L 69 31.11 -18.98 11.55
N SER L 70 31.81 -18.09 10.87
CA SER L 70 31.13 -17.05 10.12
C SER L 70 32.01 -16.64 8.97
N GLY L 71 31.39 -16.34 7.84
CA GLY L 71 32.11 -15.91 6.65
C GLY L 71 31.68 -14.51 6.25
N SER L 72 32.62 -13.79 5.64
CA SER L 72 32.37 -12.42 5.24
C SER L 72 33.30 -12.09 4.09
N GLY L 73 33.02 -10.97 3.44
CA GLY L 73 33.82 -10.49 2.34
C GLY L 73 33.02 -10.42 1.05
N SER L 74 33.67 -9.83 0.05
CA SER L 74 33.07 -9.65 -1.27
C SER L 74 34.19 -9.46 -2.29
N GLY L 75 33.85 -9.66 -3.55
CA GLY L 75 34.80 -9.46 -4.63
C GLY L 75 35.91 -10.48 -4.63
N THR L 76 37.09 -10.09 -4.16
CA THR L 76 38.25 -10.97 -4.18
C THR L 76 38.85 -11.20 -2.79
N ASP L 77 38.15 -10.78 -1.73
CA ASP L 77 38.67 -10.78 -0.36
C ASP L 77 37.63 -11.39 0.55
N PHE L 78 37.93 -12.58 1.07
CA PHE L 78 36.98 -13.29 1.91
C PHE L 78 37.69 -13.78 3.16
N THR L 79 36.93 -13.88 4.25
CA THR L 79 37.51 -14.16 5.55
C THR L 79 36.61 -15.12 6.30
N LEU L 80 37.18 -16.25 6.73
CA LEU L 80 36.52 -17.14 7.67
C LEU L 80 37.00 -16.82 9.08
N THR L 81 36.05 -16.74 10.01
CA THR L 81 36.36 -16.37 11.39
C THR L 81 35.72 -17.35 12.34
N ILE L 82 36.56 -18.01 13.12
CA ILE L 82 36.15 -18.88 14.22
C ILE L 82 36.28 -18.05 15.49
N SER L 83 35.15 -17.73 16.12
CA SER L 83 35.14 -16.79 17.23
C SER L 83 35.85 -17.36 18.46
N SER L 84 35.69 -18.66 18.70
CA SER L 84 36.25 -19.33 19.87
C SER L 84 36.75 -20.73 19.49
N LEU L 85 38.05 -20.84 19.18
CA LEU L 85 38.60 -22.09 18.68
C LEU L 85 38.39 -23.23 19.68
N GLN L 86 38.12 -24.42 19.16
CA GLN L 86 37.83 -25.60 19.96
C GLN L 86 38.75 -26.76 19.59
N PRO L 87 38.84 -27.77 20.44
CA PRO L 87 39.75 -28.89 20.14
C PRO L 87 39.39 -29.61 18.87
N GLU L 88 38.09 -29.75 18.59
CA GLU L 88 37.62 -30.41 17.38
C GLU L 88 37.75 -29.54 16.14
N ASP L 89 38.18 -28.28 16.30
CA ASP L 89 38.45 -27.42 15.16
C ASP L 89 39.88 -27.55 14.63
N PHE L 90 40.68 -28.47 15.18
CA PHE L 90 41.97 -28.81 14.58
C PHE L 90 41.73 -29.45 13.22
N ALA L 91 42.00 -28.72 12.16
CA ALA L 91 41.68 -29.17 10.83
C ALA L 91 42.39 -28.27 9.84
N THR L 92 42.38 -28.70 8.58
CA THR L 92 42.75 -27.83 7.47
C THR L 92 41.47 -27.23 6.90
N TYR L 93 41.50 -25.94 6.56
CA TYR L 93 40.33 -25.23 6.06
C TYR L 93 40.54 -24.80 4.61
N TYR L 94 39.54 -25.05 3.77
CA TYR L 94 39.61 -24.74 2.36
C TYR L 94 38.50 -23.76 2.02
N CYS L 95 38.82 -22.79 1.16
CA CYS L 95 37.81 -21.97 0.51
C CYS L 95 37.66 -22.45 -0.92
N GLN L 96 36.46 -22.27 -1.48
CA GLN L 96 36.21 -22.71 -2.83
C GLN L 96 35.24 -21.76 -3.51
N GLN L 97 35.58 -21.32 -4.72
CA GLN L 97 34.72 -20.44 -5.49
C GLN L 97 33.86 -21.27 -6.41
N SER L 98 32.57 -20.95 -6.46
CA SER L 98 31.62 -21.63 -7.32
C SER L 98 30.91 -20.62 -8.21
N HIS L 99 31.68 -19.64 -8.68
CA HIS L 99 31.16 -18.57 -9.53
C HIS L 99 31.38 -18.82 -11.02
N GLU L 100 32.42 -19.56 -11.35
CA GLU L 100 32.95 -19.64 -12.69
C GLU L 100 33.50 -21.04 -12.85
N ASP L 101 33.30 -21.64 -14.02
CA ASP L 101 33.81 -22.99 -14.27
C ASP L 101 35.20 -22.94 -14.87
N PRO L 102 36.09 -23.83 -14.40
CA PRO L 102 35.79 -24.81 -13.34
C PRO L 102 35.91 -24.30 -11.89
N TYR L 103 35.14 -24.92 -11.00
CA TYR L 103 35.25 -24.63 -9.58
C TYR L 103 36.63 -25.02 -9.08
N THR L 104 37.25 -24.13 -8.33
CA THR L 104 38.60 -24.34 -7.85
C THR L 104 38.62 -24.19 -6.34
N PHE L 105 39.60 -24.82 -5.71
CA PHE L 105 39.79 -24.71 -4.28
C PHE L 105 41.03 -23.88 -3.96
N GLY L 106 41.10 -23.41 -2.76
CA GLY L 106 42.33 -22.86 -2.26
C GLY L 106 43.30 -23.96 -1.86
N GLN L 107 44.51 -23.56 -1.47
CA GLN L 107 45.53 -24.54 -1.13
C GLN L 107 45.34 -25.13 0.26
N GLY L 108 44.65 -24.43 1.14
CA GLY L 108 44.37 -24.92 2.48
C GLY L 108 45.12 -24.16 3.57
N THR L 109 44.49 -24.09 4.75
CA THR L 109 45.03 -23.47 5.97
C THR L 109 44.92 -24.47 7.12
N LYS L 110 46.05 -24.98 7.59
CA LYS L 110 46.04 -25.91 8.71
C LYS L 110 45.94 -25.14 10.02
N VAL L 111 44.98 -25.50 10.86
CA VAL L 111 44.79 -24.88 12.17
C VAL L 111 45.14 -25.90 13.26
N GLU L 112 46.26 -25.68 13.92
CA GLU L 112 46.71 -26.51 15.03
C GLU L 112 46.34 -25.85 16.36
N ILE L 113 45.96 -26.67 17.33
CA ILE L 113 45.55 -26.21 18.66
C ILE L 113 46.72 -26.40 19.64
N LYS L 114 47.16 -25.29 20.25
CA LYS L 114 48.35 -25.28 21.14
C LYS L 114 47.99 -25.64 22.59
#